data_3D8K
#
_entry.id   3D8K
#
_cell.length_a   57.882
_cell.length_b   169.052
_cell.length_c   87.012
_cell.angle_alpha   90.00
_cell.angle_beta   104.47
_cell.angle_gamma   90.00
#
_symmetry.space_group_name_H-M   'P 1 21 1'
#
loop_
_entity.id
_entity.type
_entity.pdbx_description
1 polymer 'Protein phosphatase 2C'
2 non-polymer 'SULFATE ION'
3 water water
#
_entity_poly.entity_id   1
_entity_poly.type   'polypeptide(L)'
_entity_poly.pdbx_seq_one_letter_code
;(MSE)SLRHLYIEEGRTVCASATSRNRRPTSESPHSDDVVVVEG(MSE)LRGRPETRVHA(MSE)FDGFQGRHSA(MSE)
WLAQNV(MSE)NYLNDLRDVNEEEITRQFER(MSE)DGDLRAANLPGGSSALIIFVRYEKKPTEARVVGRQIVPEGAKEF
TSVAEALGGPL(MSE)PVVA(MSE)NFRRDPRAAKGIYTIHVASLGNSRCVLKSGRTAIHLSTPHTASSHKERHRVQAAG
GVFTTVNGELLLGGVVP(MSE)TRAFGSFDFKKGGQGKLQQDLVSAVPDVTTFFAYPGDDIVAGTAGAFAHFRSHAAIAA
AIALYPVSPETVLDAAKA(MSE)VVNAKRRKVTKNISTFVRHLPESRTRSQK(MSE)LEGTSGENGEEDFSIDRTNELTQ
ALQAGFFSFLLYYEGHHHHHH
;
_entity_poly.pdbx_strand_id   A,B,C,D
#
# COMPACT_ATOMS: atom_id res chain seq x y z
N SER A 2 -5.46 -33.59 -29.49
CA SER A 2 -6.61 -33.45 -28.57
C SER A 2 -6.28 -33.02 -27.13
N LEU A 3 -7.18 -32.23 -26.55
CA LEU A 3 -7.02 -31.71 -25.18
C LEU A 3 -7.56 -32.65 -24.11
N ARG A 4 -7.06 -32.51 -22.88
CA ARG A 4 -7.51 -33.38 -21.79
C ARG A 4 -7.92 -32.77 -20.45
N HIS A 5 -7.56 -31.52 -20.19
CA HIS A 5 -7.95 -30.91 -18.92
C HIS A 5 -8.34 -29.45 -19.11
N LEU A 6 -9.24 -28.96 -18.27
CA LEU A 6 -9.71 -27.58 -18.38
C LEU A 6 -10.31 -27.09 -17.07
N TYR A 7 -10.27 -25.78 -16.84
CA TYR A 7 -10.89 -25.20 -15.64
C TYR A 7 -11.75 -24.03 -16.12
N ILE A 8 -12.65 -23.56 -15.26
CA ILE A 8 -13.52 -22.44 -15.62
C ILE A 8 -13.22 -21.15 -14.85
N GLU A 9 -12.34 -20.33 -15.42
CA GLU A 9 -11.94 -19.06 -14.82
C GLU A 9 -13.10 -18.07 -14.87
N GLU A 10 -14.23 -18.54 -15.34
CA GLU A 10 -15.45 -17.75 -15.50
C GLU A 10 -15.70 -16.67 -14.44
N GLY A 11 -15.94 -17.08 -13.19
CA GLY A 11 -16.21 -16.14 -12.12
C GLY A 11 -15.28 -14.93 -12.15
N ARG A 12 -14.03 -15.15 -12.52
CA ARG A 12 -13.05 -14.07 -12.59
C ARG A 12 -13.48 -13.02 -13.61
N THR A 13 -14.01 -13.47 -14.74
CA THR A 13 -14.43 -12.55 -15.79
C THR A 13 -15.70 -11.79 -15.41
N VAL A 14 -16.62 -12.47 -14.76
CA VAL A 14 -17.86 -11.82 -14.36
C VAL A 14 -17.58 -10.61 -13.44
N CYS A 15 -16.75 -10.80 -12.42
CA CYS A 15 -16.44 -9.69 -11.52
C CYS A 15 -15.77 -8.53 -12.25
N ALA A 16 -14.89 -8.86 -13.20
CA ALA A 16 -14.17 -7.86 -13.98
C ALA A 16 -15.07 -6.93 -14.78
N SER A 17 -15.85 -7.51 -15.70
CA SER A 17 -16.77 -6.74 -16.52
C SER A 17 -17.50 -5.72 -15.65
N ALA A 18 -18.01 -6.21 -14.51
CA ALA A 18 -18.75 -5.40 -13.56
C ALA A 18 -17.98 -4.23 -12.94
N THR A 19 -16.66 -4.26 -13.01
CA THR A 19 -15.86 -3.18 -12.44
C THR A 19 -15.34 -2.22 -13.49
N SER A 20 -15.46 -2.59 -14.77
CA SER A 20 -15.04 -1.75 -15.89
C SER A 20 -13.57 -1.82 -16.31
N ARG A 21 -12.80 -2.69 -15.66
CA ARG A 21 -11.38 -2.79 -15.94
C ARG A 21 -10.88 -4.21 -15.72
N ASN A 22 -10.23 -4.79 -16.71
CA ASN A 22 -9.71 -6.14 -16.59
C ASN A 22 -8.62 -6.45 -17.60
N ARG A 23 -7.81 -7.45 -17.30
CA ARG A 23 -6.71 -7.86 -18.17
C ARG A 23 -6.33 -9.30 -17.97
N ARG A 24 -6.79 -10.18 -18.86
CA ARG A 24 -6.48 -11.59 -18.76
C ARG A 24 -5.32 -11.97 -19.63
N PRO A 25 -4.20 -12.38 -19.01
CA PRO A 25 -3.05 -12.76 -19.83
C PRO A 25 -2.96 -14.27 -19.91
N THR A 26 -2.01 -14.72 -20.68
CA THR A 26 -1.77 -16.13 -20.80
C THR A 26 -0.35 -16.30 -21.24
N SER A 27 0.47 -16.74 -20.30
CA SER A 27 1.86 -17.00 -20.54
C SER A 27 1.90 -18.49 -20.23
N GLU A 28 2.92 -19.16 -20.73
CA GLU A 28 3.04 -20.59 -20.47
C GLU A 28 3.95 -20.72 -19.25
N SER A 29 3.37 -21.15 -18.13
CA SER A 29 4.12 -21.32 -16.89
C SER A 29 4.13 -22.78 -16.48
N ASP A 33 9.06 -17.81 -23.71
CA ASP A 33 9.43 -16.43 -23.95
C ASP A 33 8.29 -15.47 -24.30
N ASP A 34 7.18 -15.99 -24.82
CA ASP A 34 6.08 -15.12 -25.16
C ASP A 34 4.96 -15.04 -24.14
N VAL A 35 4.31 -13.89 -24.11
CA VAL A 35 3.23 -13.65 -23.20
C VAL A 35 2.09 -13.01 -23.97
N VAL A 36 0.88 -13.51 -23.75
CA VAL A 36 -0.29 -12.97 -24.43
C VAL A 36 -1.29 -12.42 -23.42
N VAL A 37 -1.93 -11.32 -23.77
CA VAL A 37 -2.97 -10.77 -22.94
C VAL A 37 -4.18 -10.97 -23.83
N VAL A 38 -4.78 -12.14 -23.70
CA VAL A 38 -5.94 -12.51 -24.48
C VAL A 38 -6.92 -11.36 -24.60
N GLU A 39 -7.24 -10.72 -23.49
CA GLU A 39 -8.17 -9.60 -23.56
C GLU A 39 -8.09 -8.70 -22.34
N GLY A 40 -8.16 -7.40 -22.59
CA GLY A 40 -8.12 -6.44 -21.51
C GLY A 40 -9.17 -5.37 -21.74
N LEU A 42 -10.19 -1.27 -20.84
CA LEU A 42 -9.79 0.04 -20.36
C LEU A 42 -10.92 0.70 -19.59
N ARG A 43 -10.57 1.43 -18.54
CA ARG A 43 -11.54 2.15 -17.73
C ARG A 43 -12.25 3.12 -18.66
N GLY A 44 -11.55 3.50 -19.72
CA GLY A 44 -12.10 4.43 -20.69
C GLY A 44 -13.41 4.04 -21.37
N ARG A 45 -13.32 3.43 -22.55
CA ARG A 45 -14.52 3.04 -23.28
C ARG A 45 -14.99 1.61 -23.09
N PRO A 46 -16.26 1.47 -22.69
CA PRO A 46 -16.92 0.17 -22.44
C PRO A 46 -17.13 -0.59 -23.75
N GLU A 47 -16.92 0.11 -24.87
CA GLU A 47 -17.07 -0.47 -26.19
C GLU A 47 -15.76 -0.95 -26.79
N THR A 48 -14.64 -0.74 -26.10
CA THR A 48 -13.36 -1.19 -26.66
C THR A 48 -12.73 -2.33 -25.88
N ARG A 49 -11.98 -3.15 -26.59
CA ARG A 49 -11.31 -4.29 -26.01
C ARG A 49 -9.92 -4.36 -26.58
N VAL A 50 -8.94 -4.47 -25.68
CA VAL A 50 -7.58 -4.54 -26.16
C VAL A 50 -7.08 -5.97 -26.07
N HIS A 51 -6.33 -6.36 -27.10
CA HIS A 51 -5.73 -7.67 -27.20
C HIS A 51 -4.28 -7.38 -27.53
N ALA A 52 -3.36 -7.93 -26.76
CA ALA A 52 -1.96 -7.68 -27.03
C ALA A 52 -1.07 -8.90 -26.91
N PHE A 54 3.20 -10.23 -26.76
CA PHE A 54 4.57 -9.84 -26.45
C PHE A 54 5.54 -11.01 -26.60
N ASP A 55 6.33 -10.96 -27.65
CA ASP A 55 7.31 -11.98 -27.94
C ASP A 55 8.68 -11.45 -27.52
N GLY A 56 9.20 -11.95 -26.40
CA GLY A 56 10.48 -11.46 -25.93
C GLY A 56 11.75 -12.23 -26.29
N PHE A 57 12.78 -11.51 -26.70
CA PHE A 57 14.02 -12.17 -27.04
C PHE A 57 15.02 -11.97 -25.90
N GLN A 58 15.78 -13.03 -25.65
CA GLN A 58 16.79 -13.06 -24.60
C GLN A 58 16.21 -13.00 -23.20
N GLY A 59 15.29 -13.89 -22.87
CA GLY A 59 14.77 -13.86 -21.52
C GLY A 59 13.31 -14.01 -21.14
N ARG A 60 12.41 -13.35 -21.84
CA ARG A 60 11.00 -13.46 -21.48
C ARG A 60 10.70 -12.52 -20.32
N HIS A 61 11.73 -11.84 -19.83
CA HIS A 61 11.57 -10.92 -18.72
C HIS A 61 10.94 -9.61 -19.16
N SER A 62 11.45 -9.03 -20.23
CA SER A 62 10.88 -7.78 -20.72
C SER A 62 9.44 -7.96 -21.22
N ALA A 63 9.16 -9.10 -21.86
CA ALA A 63 7.82 -9.37 -22.36
C ALA A 63 6.86 -9.51 -21.20
N TRP A 65 7.21 -8.22 -18.26
CA TRP A 65 7.02 -6.92 -17.66
C TRP A 65 6.02 -6.14 -18.49
N LEU A 66 6.24 -6.14 -19.80
CA LEU A 66 5.36 -5.44 -20.71
C LEU A 66 3.90 -5.83 -20.56
N ALA A 67 3.61 -7.11 -20.72
CA ALA A 67 2.24 -7.57 -20.61
C ALA A 67 1.67 -7.37 -19.21
N GLN A 68 2.56 -7.18 -18.24
CA GLN A 68 2.12 -7.01 -16.87
C GLN A 68 1.71 -5.59 -16.50
N ASN A 69 2.20 -4.60 -17.21
CA ASN A 69 1.87 -3.23 -16.87
C ASN A 69 1.14 -2.47 -17.97
N VAL A 70 1.03 -3.07 -19.15
CA VAL A 70 0.40 -2.38 -20.27
C VAL A 70 -0.97 -1.74 -20.03
N ASN A 72 -2.17 -0.56 -17.51
CA ASN A 72 -2.07 0.59 -16.63
C ASN A 72 -1.60 1.81 -17.41
N TYR A 73 -0.93 1.58 -18.54
CA TYR A 73 -0.46 2.68 -19.37
C TYR A 73 -1.53 3.06 -20.41
N LEU A 74 -2.09 2.05 -21.10
CA LEU A 74 -3.12 2.31 -22.10
C LEU A 74 -4.31 3.02 -21.45
N ASN A 75 -4.49 2.75 -20.16
CA ASN A 75 -5.56 3.36 -19.39
C ASN A 75 -5.33 4.87 -19.28
N ASP A 76 -4.21 5.32 -19.81
CA ASP A 76 -3.87 6.73 -19.77
C ASP A 76 -4.07 7.41 -21.11
N LEU A 77 -4.45 6.65 -22.12
CA LEU A 77 -4.68 7.22 -23.43
C LEU A 77 -5.84 8.18 -23.23
N ARG A 78 -5.90 9.25 -24.01
CA ARG A 78 -7.03 10.17 -23.86
C ARG A 78 -7.97 10.02 -25.03
N ASP A 79 -7.57 9.16 -25.97
CA ASP A 79 -8.33 8.87 -27.17
C ASP A 79 -7.49 7.81 -27.87
N VAL A 80 -8.15 6.82 -28.45
CA VAL A 80 -7.42 5.77 -29.13
C VAL A 80 -7.02 6.15 -30.54
N ASN A 81 -5.83 6.71 -30.68
CA ASN A 81 -5.33 7.10 -31.99
C ASN A 81 -3.82 6.96 -32.06
N GLU A 82 -3.26 7.03 -33.26
CA GLU A 82 -1.82 6.91 -33.47
C GLU A 82 -0.88 7.57 -32.46
N GLU A 83 -0.89 8.90 -32.36
CA GLU A 83 0.04 9.58 -31.46
C GLU A 83 -0.14 9.30 -29.98
N GLU A 84 -1.38 9.07 -29.55
CA GLU A 84 -1.61 8.79 -28.15
C GLU A 84 -1.06 7.39 -27.93
N ILE A 85 -1.28 6.51 -28.87
CA ILE A 85 -0.78 5.14 -28.75
C ILE A 85 0.75 5.20 -28.64
N THR A 86 1.36 5.89 -29.60
CA THR A 86 2.78 6.05 -29.66
C THR A 86 3.34 6.75 -28.44
N ARG A 87 2.56 7.63 -27.83
CA ARG A 87 3.05 8.30 -26.65
C ARG A 87 3.28 7.23 -25.58
N GLN A 88 2.23 6.48 -25.26
CA GLN A 88 2.34 5.46 -24.24
C GLN A 88 3.48 4.47 -24.51
N PHE A 89 3.70 4.15 -25.77
CA PHE A 89 4.76 3.21 -26.11
C PHE A 89 6.13 3.69 -25.64
N GLU A 90 6.51 4.90 -26.03
CA GLU A 90 7.80 5.42 -25.63
C GLU A 90 7.85 5.57 -24.11
N ARG A 91 6.69 5.77 -23.50
CA ARG A 91 6.61 5.92 -22.05
C ARG A 91 6.84 4.56 -21.41
N ASP A 93 8.54 2.02 -22.79
CA ASP A 93 9.93 1.66 -23.07
C ASP A 93 10.81 2.33 -22.05
N GLY A 94 10.50 3.60 -21.81
CA GLY A 94 11.26 4.37 -20.85
C GLY A 94 11.25 3.71 -19.48
N ASP A 95 10.08 3.33 -18.99
CA ASP A 95 10.02 2.72 -17.66
C ASP A 95 10.61 1.33 -17.62
N LEU A 96 10.64 0.66 -18.76
CA LEU A 96 11.22 -0.67 -18.85
C LEU A 96 12.72 -0.52 -18.56
N ARG A 97 13.32 0.52 -19.14
CA ARG A 97 14.73 0.78 -18.94
C ARG A 97 15.00 1.06 -17.48
N ALA A 98 13.96 1.47 -16.76
CA ALA A 98 14.10 1.75 -15.34
C ALA A 98 13.85 0.48 -14.56
N ALA A 99 13.23 -0.49 -15.19
CA ALA A 99 12.94 -1.76 -14.53
C ALA A 99 14.23 -2.58 -14.54
N ASN A 100 15.18 -2.12 -15.35
CA ASN A 100 16.48 -2.77 -15.48
C ASN A 100 16.44 -4.29 -15.71
N LEU A 101 15.89 -4.70 -16.85
CA LEU A 101 15.80 -6.12 -17.15
C LEU A 101 16.56 -6.51 -18.41
N PRO A 102 16.98 -7.78 -18.51
CA PRO A 102 17.70 -8.13 -19.72
C PRO A 102 16.77 -7.81 -20.90
N GLY A 103 17.09 -6.72 -21.60
CA GLY A 103 16.29 -6.23 -22.72
C GLY A 103 15.82 -7.26 -23.73
N GLY A 104 14.74 -6.95 -24.45
CA GLY A 104 14.25 -7.88 -25.46
C GLY A 104 12.80 -8.21 -25.65
N SER A 105 12.04 -7.38 -26.35
CA SER A 105 10.64 -7.71 -26.62
C SER A 105 9.89 -6.96 -27.68
N SER A 106 9.23 -7.71 -28.57
CA SER A 106 8.41 -7.15 -29.64
C SER A 106 7.03 -6.83 -29.06
N ALA A 107 6.14 -6.25 -29.85
CA ALA A 107 4.83 -5.93 -29.30
C ALA A 107 3.73 -5.72 -30.32
N LEU A 108 2.56 -6.25 -29.99
CA LEU A 108 1.41 -6.10 -30.87
C LEU A 108 0.17 -5.87 -30.04
N ILE A 109 -0.41 -4.69 -30.22
CA ILE A 109 -1.62 -4.35 -29.53
C ILE A 109 -2.70 -4.11 -30.56
N ILE A 110 -3.79 -4.84 -30.39
CA ILE A 110 -4.93 -4.76 -31.26
C ILE A 110 -5.98 -4.09 -30.43
N PHE A 111 -6.55 -3.03 -30.98
CA PHE A 111 -7.61 -2.28 -30.33
C PHE A 111 -8.89 -2.55 -31.14
N VAL A 112 -9.94 -3.00 -30.50
CA VAL A 112 -11.17 -3.28 -31.21
C VAL A 112 -12.39 -2.55 -30.66
N ARG A 113 -12.97 -1.67 -31.48
CA ARG A 113 -14.16 -0.93 -31.07
C ARG A 113 -15.38 -1.20 -31.96
N TYR A 114 -16.52 -1.41 -31.33
CA TYR A 114 -17.74 -1.63 -32.07
C TYR A 114 -18.52 -0.32 -32.17
N GLU A 115 -18.99 0.02 -33.36
CA GLU A 115 -19.75 1.24 -33.56
C GLU A 115 -21.12 0.85 -34.11
N LYS A 116 -22.17 1.03 -33.30
CA LYS A 116 -23.53 0.68 -33.70
C LYS A 116 -23.97 1.49 -34.91
N LYS A 117 -23.50 2.73 -34.98
CA LYS A 117 -23.81 3.62 -36.09
C LYS A 117 -22.60 4.43 -36.52
N PRO A 118 -21.76 3.84 -37.38
CA PRO A 118 -20.54 4.48 -37.88
C PRO A 118 -20.80 5.51 -38.95
N THR A 119 -19.95 6.52 -38.98
CA THR A 119 -20.07 7.57 -39.98
C THR A 119 -18.80 7.56 -40.82
N GLU A 120 -18.95 7.90 -42.10
CA GLU A 120 -17.87 7.97 -43.07
C GLU A 120 -16.48 8.25 -42.53
N ALA A 121 -15.51 8.02 -43.40
CA ALA A 121 -14.10 8.20 -43.15
C ALA A 121 -13.41 7.94 -44.49
N ARG A 122 -12.15 8.33 -44.63
CA ARG A 122 -11.43 8.10 -45.90
C ARG A 122 -10.76 6.73 -45.86
N VAL A 123 -11.03 5.94 -46.88
CA VAL A 123 -10.52 4.58 -46.91
C VAL A 123 -9.82 4.08 -48.16
N VAL A 124 -8.85 3.20 -47.95
CA VAL A 124 -8.14 2.56 -49.03
C VAL A 124 -8.54 1.10 -48.77
N GLY A 125 -9.25 0.53 -49.73
CA GLY A 125 -9.70 -0.83 -49.56
C GLY A 125 -10.49 -0.98 -48.27
N ARG A 126 -9.83 -1.53 -47.26
CA ARG A 126 -10.47 -1.77 -45.97
C ARG A 126 -9.76 -1.00 -44.86
N GLN A 127 -8.65 -0.37 -45.22
CA GLN A 127 -7.86 0.38 -44.27
C GLN A 127 -8.31 1.83 -44.25
N ILE A 128 -8.24 2.47 -43.10
CA ILE A 128 -8.65 3.87 -42.98
C ILE A 128 -7.46 4.84 -42.97
N VAL A 129 -7.54 5.85 -43.83
CA VAL A 129 -6.49 6.87 -43.92
C VAL A 129 -6.88 7.95 -42.93
N PRO A 130 -5.98 8.27 -42.00
CA PRO A 130 -6.25 9.30 -41.00
C PRO A 130 -5.86 10.73 -41.37
N GLU A 131 -4.71 10.88 -42.04
CA GLU A 131 -4.23 12.20 -42.42
C GLU A 131 -3.24 12.39 -43.58
N GLY A 132 -3.40 13.55 -44.23
CA GLY A 132 -2.58 13.95 -45.36
C GLY A 132 -1.12 13.61 -45.15
N PHE A 136 0.59 9.15 -47.03
CA PHE A 136 0.10 7.85 -46.58
C PHE A 136 0.34 6.75 -47.61
N THR A 137 0.74 5.59 -47.11
CA THR A 137 1.01 4.42 -47.92
C THR A 137 0.38 3.23 -47.22
N SER A 138 -0.24 2.32 -47.98
CA SER A 138 -0.92 1.19 -47.37
C SER A 138 -0.04 0.00 -47.00
N VAL A 139 -0.53 -0.76 -46.02
CA VAL A 139 0.13 -1.96 -45.55
C VAL A 139 0.19 -2.87 -46.75
N ALA A 140 -0.86 -2.77 -47.56
CA ALA A 140 -0.98 -3.57 -48.78
C ALA A 140 0.07 -3.15 -49.80
N GLU A 141 0.35 -1.85 -49.88
CA GLU A 141 1.35 -1.37 -50.82
C GLU A 141 2.72 -1.75 -50.31
N ALA A 142 2.83 -1.89 -48.99
CA ALA A 142 4.09 -2.28 -48.38
C ALA A 142 4.49 -3.61 -48.96
N LEU A 143 3.72 -4.64 -48.64
CA LEU A 143 4.01 -5.98 -49.14
C LEU A 143 3.41 -6.16 -50.53
N GLY A 144 4.25 -6.10 -51.56
CA GLY A 144 3.71 -6.25 -52.89
C GLY A 144 2.51 -5.33 -52.98
N GLY A 145 1.34 -5.89 -53.28
CA GLY A 145 0.12 -5.11 -53.38
C GLY A 145 0.22 -3.89 -54.29
N PRO A 146 -0.71 -3.74 -55.25
CA PRO A 146 -0.64 -2.59 -56.15
C PRO A 146 -1.06 -1.31 -55.43
N LEU A 147 -0.49 -0.18 -55.82
CA LEU A 147 -0.86 1.09 -55.20
C LEU A 147 -2.35 1.28 -55.49
N PRO A 149 -6.25 4.07 -55.04
CA PRO A 149 -7.04 5.26 -54.70
C PRO A 149 -7.86 5.27 -53.43
N VAL A 150 -7.70 6.32 -52.65
CA VAL A 150 -8.44 6.50 -51.41
C VAL A 150 -9.85 6.91 -51.80
N VAL A 151 -10.86 6.26 -51.23
CA VAL A 151 -12.24 6.61 -51.55
C VAL A 151 -12.96 7.15 -50.30
N ALA A 152 -13.71 8.23 -50.48
CA ALA A 152 -14.45 8.81 -49.36
C ALA A 152 -15.58 7.83 -49.13
N ASN A 154 -18.77 6.48 -47.11
CA ASN A 154 -19.87 6.87 -46.24
C ASN A 154 -20.62 5.64 -45.76
N PHE A 155 -20.34 5.24 -44.54
CA PHE A 155 -20.98 4.07 -43.96
C PHE A 155 -22.47 4.30 -43.76
N ARG A 156 -22.84 5.54 -43.47
CA ARG A 156 -24.24 5.90 -43.25
C ARG A 156 -25.16 5.31 -44.29
N ARG A 157 -24.67 5.21 -45.53
CA ARG A 157 -25.48 4.66 -46.60
C ARG A 157 -24.94 3.33 -47.12
N ASP A 158 -24.02 2.73 -46.36
CA ASP A 158 -23.44 1.44 -46.71
C ASP A 158 -24.29 0.32 -46.12
N PRO A 159 -24.76 -0.61 -46.96
CA PRO A 159 -25.59 -1.74 -46.53
C PRO A 159 -24.90 -2.73 -45.59
N ARG A 160 -23.67 -3.10 -45.93
CA ARG A 160 -22.91 -4.04 -45.14
C ARG A 160 -22.69 -3.54 -43.71
N ALA A 161 -22.88 -2.25 -43.51
CA ALA A 161 -22.70 -1.66 -42.20
C ALA A 161 -24.06 -1.55 -41.52
N ALA A 162 -25.02 -2.32 -42.02
CA ALA A 162 -26.37 -2.30 -41.48
C ALA A 162 -26.41 -2.57 -39.98
N LYS A 163 -25.57 -3.48 -39.50
CA LYS A 163 -25.57 -3.80 -38.08
C LYS A 163 -24.38 -3.22 -37.32
N GLY A 164 -23.84 -2.12 -37.83
CA GLY A 164 -22.70 -1.47 -37.21
C GLY A 164 -21.42 -2.08 -37.76
N ILE A 165 -20.28 -1.56 -37.33
CA ILE A 165 -19.00 -2.08 -37.78
C ILE A 165 -18.02 -2.16 -36.61
N TYR A 166 -16.86 -2.74 -36.86
CA TYR A 166 -15.83 -2.89 -35.84
C TYR A 166 -14.57 -2.21 -36.33
N THR A 167 -14.22 -1.09 -35.70
CA THR A 167 -13.00 -0.37 -36.09
C THR A 167 -11.84 -1.03 -35.38
N ILE A 168 -10.74 -1.20 -36.10
CA ILE A 168 -9.59 -1.87 -35.53
C ILE A 168 -8.30 -1.09 -35.60
N HIS A 169 -7.71 -0.84 -34.44
CA HIS A 169 -6.43 -0.15 -34.38
C HIS A 169 -5.35 -1.18 -34.07
N VAL A 170 -4.36 -1.30 -34.95
CA VAL A 170 -3.29 -2.23 -34.73
C VAL A 170 -1.98 -1.50 -34.51
N ALA A 171 -1.36 -1.75 -33.36
CA ALA A 171 -0.07 -1.14 -33.01
C ALA A 171 0.96 -2.26 -33.02
N SER A 172 1.91 -2.16 -33.94
CA SER A 172 2.89 -3.22 -34.08
C SER A 172 4.35 -2.74 -34.10
N LEU A 173 5.14 -3.31 -33.27
CA LEU A 173 6.59 -3.14 -33.23
C LEU A 173 7.31 -4.49 -33.24
N GLY A 174 7.71 -4.93 -34.39
CA GLY A 174 8.33 -6.23 -34.41
C GLY A 174 7.96 -7.12 -35.56
N ASN A 175 7.84 -8.41 -35.27
CA ASN A 175 7.51 -9.37 -36.28
C ASN A 175 6.27 -10.20 -35.99
N SER A 176 5.55 -9.88 -34.91
CA SER A 176 4.30 -10.58 -34.62
C SER A 176 3.37 -10.20 -35.76
N ARG A 177 2.52 -11.09 -36.24
CA ARG A 177 1.67 -10.69 -37.35
C ARG A 177 0.17 -10.66 -37.05
N CYS A 178 -0.54 -9.85 -37.81
CA CYS A 178 -1.98 -9.66 -37.61
C CYS A 178 -2.77 -9.65 -38.91
N VAL A 179 -3.74 -10.55 -39.01
CA VAL A 179 -4.52 -10.65 -40.22
C VAL A 179 -6.02 -10.55 -40.01
N LEU A 180 -6.68 -9.84 -40.93
CA LEU A 180 -8.12 -9.71 -40.86
C LEU A 180 -8.69 -10.69 -41.84
N LYS A 181 -9.55 -11.58 -41.34
CA LYS A 181 -10.18 -12.55 -42.21
C LYS A 181 -11.65 -12.16 -42.44
N SER A 182 -12.04 -12.08 -43.70
CA SER A 182 -13.39 -11.69 -44.07
C SER A 182 -13.82 -12.43 -45.33
N GLY A 183 -14.96 -13.11 -45.26
CA GLY A 183 -15.40 -13.85 -46.41
C GLY A 183 -14.38 -14.94 -46.69
N ARG A 184 -13.98 -15.06 -47.95
CA ARG A 184 -13.00 -16.08 -48.34
C ARG A 184 -11.69 -15.40 -48.67
N THR A 185 -11.50 -14.20 -48.14
CA THR A 185 -10.28 -13.44 -48.35
C THR A 185 -9.61 -13.14 -47.01
N ALA A 186 -8.31 -12.83 -47.06
CA ALA A 186 -7.57 -12.52 -45.84
C ALA A 186 -6.60 -11.40 -46.11
N ILE A 187 -6.41 -10.51 -45.14
CA ILE A 187 -5.48 -9.42 -45.36
C ILE A 187 -4.67 -9.02 -44.14
N HIS A 188 -3.38 -8.75 -44.37
CA HIS A 188 -2.48 -8.33 -43.31
C HIS A 188 -2.87 -6.98 -42.75
N LEU A 189 -2.81 -6.86 -41.43
CA LEU A 189 -3.17 -5.60 -40.79
C LEU A 189 -1.95 -4.80 -40.33
N SER A 190 -0.76 -5.36 -40.49
CA SER A 190 0.48 -4.70 -40.07
C SER A 190 1.67 -5.27 -40.83
N THR A 191 2.79 -4.56 -40.80
CA THR A 191 3.99 -5.03 -41.49
C THR A 191 5.13 -5.36 -40.52
N PRO A 192 5.79 -6.51 -40.72
CA PRO A 192 6.89 -6.92 -39.84
C PRO A 192 8.07 -5.96 -39.84
N HIS A 193 8.61 -5.72 -38.66
CA HIS A 193 9.77 -4.82 -38.48
C HIS A 193 11.03 -5.67 -38.38
N THR A 194 11.38 -6.36 -39.45
CA THR A 194 12.55 -7.21 -39.43
C THR A 194 13.70 -6.62 -40.24
N ALA A 195 14.76 -7.39 -40.39
CA ALA A 195 15.92 -6.96 -41.15
C ALA A 195 15.65 -7.33 -42.59
N SER A 196 14.51 -7.97 -42.82
CA SER A 196 14.13 -8.37 -44.17
C SER A 196 13.76 -7.12 -44.93
N SER A 197 12.72 -6.44 -44.47
CA SER A 197 12.25 -5.20 -45.09
C SER A 197 13.42 -4.32 -45.48
N HIS A 198 13.34 -3.73 -46.66
CA HIS A 198 14.42 -2.88 -47.12
C HIS A 198 14.33 -1.51 -46.43
N LYS A 199 13.12 -1.08 -46.12
CA LYS A 199 12.95 0.22 -45.46
C LYS A 199 13.62 0.23 -44.08
N GLU A 200 13.30 -0.75 -43.25
CA GLU A 200 13.88 -0.83 -41.92
C GLU A 200 15.39 -0.99 -42.03
N ARG A 201 15.81 -1.93 -42.86
CA ARG A 201 17.22 -2.19 -43.04
C ARG A 201 17.92 -0.91 -43.43
N HIS A 202 17.30 -0.15 -44.32
CA HIS A 202 17.90 1.09 -44.78
C HIS A 202 17.87 2.17 -43.69
N ARG A 203 16.82 2.18 -42.89
CA ARG A 203 16.70 3.15 -41.81
C ARG A 203 17.85 2.95 -40.82
N VAL A 204 18.06 1.69 -40.43
CA VAL A 204 19.10 1.35 -39.49
C VAL A 204 20.50 1.69 -39.99
N GLN A 205 20.85 1.16 -41.15
CA GLN A 205 22.19 1.39 -41.71
C GLN A 205 22.47 2.86 -42.01
N ALA A 206 21.43 3.59 -42.36
CA ALA A 206 21.54 5.00 -42.69
C ALA A 206 21.69 5.87 -41.44
N ALA A 207 21.64 5.25 -40.28
CA ALA A 207 21.79 5.98 -39.04
C ALA A 207 23.12 5.57 -38.43
N GLY A 208 23.82 4.68 -39.12
CA GLY A 208 25.10 4.20 -38.64
C GLY A 208 24.96 2.83 -38.01
N GLY A 209 23.84 2.16 -38.29
CA GLY A 209 23.62 0.84 -37.73
C GLY A 209 24.18 -0.23 -38.66
N VAL A 210 24.79 -1.25 -38.07
CA VAL A 210 25.37 -2.33 -38.85
C VAL A 210 24.76 -3.66 -38.50
N PHE A 211 24.40 -4.43 -39.52
CA PHE A 211 23.80 -5.75 -39.36
C PHE A 211 24.92 -6.75 -39.58
N THR A 212 24.75 -7.96 -39.06
CA THR A 212 25.76 -9.01 -39.22
C THR A 212 25.10 -10.37 -39.05
N THR A 213 25.45 -11.34 -39.90
CA THR A 213 24.89 -12.69 -39.76
C THR A 213 25.54 -13.32 -38.53
N VAL A 214 24.72 -13.73 -37.57
CA VAL A 214 25.26 -14.33 -36.35
C VAL A 214 24.65 -15.68 -36.03
N ASN A 215 25.39 -16.73 -36.39
CA ASN A 215 24.95 -18.09 -36.12
C ASN A 215 23.66 -18.42 -36.88
N GLY A 216 23.62 -18.05 -38.16
CA GLY A 216 22.47 -18.39 -38.97
C GLY A 216 21.42 -17.38 -39.38
N GLU A 217 21.38 -16.20 -38.76
CA GLU A 217 20.36 -15.22 -39.15
C GLU A 217 20.85 -13.78 -38.92
N LEU A 218 20.23 -12.82 -39.61
CA LEU A 218 20.63 -11.43 -39.47
C LEU A 218 20.21 -10.83 -38.15
N LEU A 219 21.18 -10.21 -37.47
CA LEU A 219 21.00 -9.55 -36.19
C LEU A 219 21.59 -8.14 -36.23
N LEU A 220 20.81 -7.18 -35.72
CA LEU A 220 21.24 -5.81 -35.69
C LEU A 220 22.33 -5.68 -34.64
N GLY A 221 23.54 -5.35 -35.08
CA GLY A 221 24.64 -5.25 -34.15
C GLY A 221 24.97 -6.62 -33.60
N GLY A 222 24.47 -7.66 -34.27
CA GLY A 222 24.74 -9.02 -33.86
C GLY A 222 23.97 -9.48 -32.64
N VAL A 223 23.00 -8.69 -32.19
CA VAL A 223 22.23 -9.07 -31.02
C VAL A 223 20.71 -9.03 -31.22
N VAL A 224 20.18 -7.92 -31.70
CA VAL A 224 18.73 -7.81 -31.88
C VAL A 224 18.19 -8.49 -33.13
N PRO A 225 17.20 -9.38 -32.95
CA PRO A 225 16.53 -10.14 -34.01
C PRO A 225 15.39 -9.33 -34.65
N THR A 227 14.37 -4.87 -35.87
CA THR A 227 14.85 -3.52 -36.12
C THR A 227 13.98 -2.60 -35.29
N ARG A 228 12.95 -3.19 -34.69
CA ARG A 228 12.00 -2.42 -33.92
C ARG A 228 11.55 -3.26 -32.74
N ALA A 229 11.77 -2.79 -31.53
CA ALA A 229 11.35 -3.56 -30.39
C ALA A 229 11.42 -2.76 -29.12
N PHE A 230 10.98 -3.37 -28.02
CA PHE A 230 10.96 -2.71 -26.74
C PHE A 230 12.23 -2.77 -25.92
N GLY A 231 12.95 -3.90 -25.91
CA GLY A 231 14.16 -3.93 -25.11
C GLY A 231 15.38 -3.23 -25.68
N SER A 232 16.46 -4.00 -25.77
CA SER A 232 17.76 -3.58 -26.30
C SER A 232 18.13 -2.10 -26.27
N PHE A 233 18.25 -1.52 -25.08
CA PHE A 233 18.59 -0.10 -24.97
C PHE A 233 20.03 0.17 -25.38
N ASP A 234 20.80 -0.90 -25.52
CA ASP A 234 22.19 -0.80 -25.92
C ASP A 234 22.22 -0.36 -27.39
N PHE A 235 21.05 -0.31 -28.01
CA PHE A 235 20.98 0.08 -29.40
C PHE A 235 20.05 1.28 -29.61
N LYS A 236 19.60 1.85 -28.50
CA LYS A 236 18.75 3.01 -28.54
C LYS A 236 19.70 4.16 -28.23
N LYS A 237 19.29 5.40 -28.41
CA LYS A 237 20.20 6.48 -28.12
C LYS A 237 20.63 6.39 -26.67
N GLY A 238 21.86 6.81 -26.41
CA GLY A 238 22.38 6.76 -25.04
C GLY A 238 23.42 5.68 -24.81
N LYS A 242 28.01 4.82 -27.18
CA LYS A 242 26.96 5.84 -27.00
C LYS A 242 26.51 6.39 -28.35
N LEU A 243 25.29 5.99 -28.74
CA LEU A 243 24.70 6.36 -30.03
C LEU A 243 23.92 7.65 -30.05
N GLN A 244 23.92 8.29 -31.21
CA GLN A 244 23.22 9.55 -31.44
C GLN A 244 21.76 9.34 -31.83
N GLN A 245 21.46 8.14 -32.31
CA GLN A 245 20.12 7.79 -32.76
C GLN A 245 19.69 6.39 -32.37
N ASP A 246 18.38 6.20 -32.28
CA ASP A 246 17.85 4.88 -31.97
C ASP A 246 18.05 4.02 -33.21
N LEU A 247 18.81 2.93 -33.08
CA LEU A 247 18.99 2.04 -34.23
C LEU A 247 17.78 1.12 -34.23
N VAL A 248 17.43 0.64 -33.03
CA VAL A 248 16.27 -0.21 -32.84
C VAL A 248 15.22 0.78 -32.37
N SER A 249 14.12 0.91 -33.09
CA SER A 249 13.09 1.85 -32.69
C SER A 249 11.98 1.23 -31.84
N ALA A 250 11.41 2.02 -30.95
CA ALA A 250 10.32 1.54 -30.10
C ALA A 250 9.04 2.24 -30.58
N VAL A 251 9.19 3.07 -31.61
CA VAL A 251 8.06 3.79 -32.17
C VAL A 251 7.08 2.82 -32.80
N PRO A 252 5.93 2.65 -32.15
CA PRO A 252 4.92 1.73 -32.68
C PRO A 252 4.28 2.34 -33.92
N ASP A 253 4.33 1.67 -35.07
CA ASP A 253 3.63 2.25 -36.22
C ASP A 253 2.15 1.78 -36.18
N VAL A 254 1.27 2.75 -35.94
CA VAL A 254 -0.16 2.53 -35.83
C VAL A 254 -0.88 2.43 -37.16
N THR A 255 -1.78 1.47 -37.21
CA THR A 255 -2.56 1.15 -38.39
C THR A 255 -4.05 1.05 -38.00
N THR A 256 -4.94 1.47 -38.90
CA THR A 256 -6.38 1.42 -38.61
C THR A 256 -7.18 0.71 -39.71
N PHE A 257 -8.06 -0.20 -39.33
CA PHE A 257 -8.86 -0.92 -40.32
C PHE A 257 -10.28 -1.05 -39.85
N PHE A 258 -11.24 -1.06 -40.78
CA PHE A 258 -12.63 -1.26 -40.36
C PHE A 258 -13.01 -2.66 -40.74
N ALA A 259 -13.91 -3.27 -39.97
CA ALA A 259 -14.34 -4.63 -40.26
C ALA A 259 -15.84 -4.83 -40.07
N TYR A 260 -16.40 -5.78 -40.81
CA TYR A 260 -17.82 -6.09 -40.73
C TYR A 260 -18.09 -7.27 -39.81
N PRO A 261 -19.34 -7.39 -39.32
CA PRO A 261 -19.69 -8.50 -38.44
C PRO A 261 -19.51 -9.76 -39.26
N GLY A 262 -18.83 -10.75 -38.67
CA GLY A 262 -18.60 -11.98 -39.39
C GLY A 262 -17.14 -12.13 -39.75
N ASP A 263 -16.40 -11.03 -39.75
CA ASP A 263 -15.00 -11.17 -40.06
C ASP A 263 -14.29 -11.70 -38.80
N ASP A 264 -13.00 -11.99 -38.95
CA ASP A 264 -12.24 -12.49 -37.82
C ASP A 264 -10.84 -11.90 -37.78
N ILE A 265 -10.30 -11.76 -36.58
CA ILE A 265 -8.97 -11.27 -36.42
C ILE A 265 -8.12 -12.47 -36.04
N VAL A 266 -7.08 -12.71 -36.80
CA VAL A 266 -6.21 -13.80 -36.50
C VAL A 266 -4.82 -13.21 -36.33
N ALA A 267 -4.22 -13.43 -35.16
CA ALA A 267 -2.88 -12.90 -34.89
C ALA A 267 -1.96 -13.89 -34.20
N GLY A 268 -0.66 -13.72 -34.41
CA GLY A 268 0.31 -14.61 -33.79
C GLY A 268 1.74 -14.11 -33.83
N THR A 269 2.58 -14.74 -33.02
CA THR A 269 4.00 -14.41 -32.97
C THR A 269 4.63 -14.93 -34.26
N ALA A 270 5.86 -14.50 -34.54
CA ALA A 270 6.58 -14.93 -35.74
C ALA A 270 6.53 -16.44 -35.89
N GLY A 271 6.61 -17.13 -34.77
CA GLY A 271 6.56 -18.59 -34.79
C GLY A 271 5.32 -19.11 -35.49
N ALA A 272 4.16 -18.60 -35.11
CA ALA A 272 2.91 -19.03 -35.70
C ALA A 272 2.89 -18.88 -37.22
N PHE A 273 3.72 -17.99 -37.75
CA PHE A 273 3.75 -17.75 -39.19
C PHE A 273 5.09 -18.04 -39.88
N ALA A 274 5.85 -18.99 -39.35
CA ALA A 274 7.13 -19.34 -39.94
C ALA A 274 6.96 -20.56 -40.83
N HIS A 275 7.78 -20.66 -41.86
CA HIS A 275 7.71 -21.82 -42.76
C HIS A 275 6.58 -21.80 -43.79
N PHE A 276 6.37 -20.65 -44.42
CA PHE A 276 5.39 -20.50 -45.48
C PHE A 276 6.24 -20.00 -46.65
N ARG A 277 6.31 -20.77 -47.74
CA ARG A 277 7.11 -20.35 -48.88
C ARG A 277 6.98 -18.86 -49.15
N SER A 278 5.75 -18.37 -49.26
CA SER A 278 5.51 -16.95 -49.54
C SER A 278 4.59 -16.29 -48.52
N HIS A 279 4.80 -15.01 -48.27
CA HIS A 279 3.96 -14.28 -47.32
C HIS A 279 2.54 -14.31 -47.88
N ALA A 280 2.44 -14.62 -49.17
CA ALA A 280 1.14 -14.71 -49.82
C ALA A 280 0.46 -15.98 -49.35
N ALA A 281 1.26 -17.02 -49.15
CA ALA A 281 0.77 -18.31 -48.70
C ALA A 281 0.24 -18.27 -47.28
N ILE A 282 0.60 -17.23 -46.53
CA ILE A 282 0.14 -17.09 -45.16
C ILE A 282 -1.33 -16.70 -45.18
N ALA A 283 -1.68 -15.76 -46.04
CA ALA A 283 -3.06 -15.30 -46.16
C ALA A 283 -3.95 -16.37 -46.79
N ALA A 284 -3.40 -17.08 -47.76
CA ALA A 284 -4.13 -18.15 -48.43
C ALA A 284 -4.47 -19.26 -47.45
N ALA A 285 -3.59 -19.49 -46.48
CA ALA A 285 -3.78 -20.52 -45.47
C ALA A 285 -4.73 -20.04 -44.40
N ILE A 286 -4.77 -18.73 -44.19
CA ILE A 286 -5.66 -18.19 -43.19
C ILE A 286 -7.03 -18.01 -43.80
N ALA A 287 -7.05 -17.74 -45.10
CA ALA A 287 -8.31 -17.55 -45.80
C ALA A 287 -8.97 -18.91 -46.07
N LEU A 288 -8.25 -19.97 -45.76
CA LEU A 288 -8.75 -21.32 -46.01
C LEU A 288 -9.41 -21.93 -44.79
N TYR A 289 -8.82 -21.73 -43.62
CA TYR A 289 -9.36 -22.28 -42.38
C TYR A 289 -10.76 -21.78 -42.05
N PRO A 290 -11.57 -22.63 -41.41
CA PRO A 290 -12.95 -22.30 -41.02
C PRO A 290 -13.16 -21.20 -39.98
N VAL A 291 -12.87 -21.52 -38.72
CA VAL A 291 -13.03 -20.57 -37.63
C VAL A 291 -14.40 -19.91 -37.47
N SER A 292 -15.40 -20.68 -37.07
CA SER A 292 -16.75 -20.16 -36.85
C SER A 292 -16.83 -19.69 -35.39
N PRO A 293 -17.96 -19.11 -34.97
CA PRO A 293 -18.08 -18.65 -33.58
C PRO A 293 -17.80 -19.74 -32.55
N GLU A 294 -18.39 -20.92 -32.76
CA GLU A 294 -18.22 -22.02 -31.83
C GLU A 294 -16.94 -22.82 -32.03
N THR A 295 -16.08 -22.33 -32.90
CA THR A 295 -14.84 -23.03 -33.18
C THR A 295 -13.64 -22.10 -33.11
N VAL A 296 -13.83 -20.92 -32.55
CA VAL A 296 -12.74 -19.96 -32.43
C VAL A 296 -11.53 -20.61 -31.77
N LEU A 297 -11.73 -21.20 -30.61
CA LEU A 297 -10.66 -21.87 -29.87
C LEU A 297 -9.97 -22.95 -30.69
N ASP A 298 -10.76 -23.82 -31.30
CA ASP A 298 -10.26 -24.92 -32.11
C ASP A 298 -9.33 -24.36 -33.17
N ALA A 299 -9.70 -23.18 -33.66
CA ALA A 299 -8.94 -22.49 -34.68
C ALA A 299 -7.63 -22.01 -34.07
N ALA A 300 -7.72 -21.37 -32.92
CA ALA A 300 -6.53 -20.89 -32.27
C ALA A 300 -5.57 -22.06 -32.06
N LYS A 301 -6.08 -23.16 -31.51
CA LYS A 301 -5.23 -24.30 -31.25
C LYS A 301 -4.69 -24.94 -32.53
N ALA A 302 -5.51 -24.99 -33.57
CA ALA A 302 -5.06 -25.58 -34.83
C ALA A 302 -3.78 -24.88 -35.24
N VAL A 304 -1.46 -23.52 -33.86
CA VAL A 304 -0.23 -23.93 -33.19
C VAL A 304 0.13 -25.34 -33.65
N VAL A 305 -0.85 -26.22 -33.62
CA VAL A 305 -0.64 -27.61 -34.00
C VAL A 305 0.07 -27.79 -35.33
N ASN A 306 -0.46 -27.23 -36.41
CA ASN A 306 0.22 -27.41 -37.68
C ASN A 306 1.36 -26.43 -37.93
N ALA A 307 1.65 -25.62 -36.92
CA ALA A 307 2.74 -24.66 -37.02
C ALA A 307 3.97 -25.44 -36.58
N LYS A 308 3.71 -26.53 -35.84
CA LYS A 308 4.77 -27.41 -35.36
C LYS A 308 4.99 -28.55 -36.35
N ARG A 309 4.09 -28.70 -37.32
CA ARG A 309 4.23 -29.78 -38.32
C ARG A 309 5.37 -29.38 -39.27
N ARG A 310 5.34 -28.12 -39.67
CA ARG A 310 6.41 -27.52 -40.46
C ARG A 310 7.16 -27.34 -39.15
N LYS A 311 8.46 -27.49 -39.17
CA LYS A 311 9.23 -27.48 -37.91
C LYS A 311 10.06 -26.23 -37.43
N VAL A 312 9.56 -25.60 -36.35
CA VAL A 312 10.10 -24.37 -35.72
C VAL A 312 9.55 -24.36 -34.29
N THR A 313 10.36 -24.50 -33.28
CA THR A 313 9.76 -24.33 -32.04
C THR A 313 10.70 -23.25 -31.54
N LYS A 314 10.22 -22.09 -32.01
CA LYS A 314 10.72 -20.76 -31.82
C LYS A 314 9.47 -20.64 -30.92
N ASN A 315 9.20 -19.53 -30.26
CA ASN A 315 7.96 -19.56 -29.47
C ASN A 315 6.70 -19.54 -30.37
N ILE A 316 5.56 -19.98 -29.86
CA ILE A 316 4.33 -19.94 -30.69
C ILE A 316 3.15 -19.46 -29.86
N SER A 317 2.47 -18.45 -30.37
CA SER A 317 1.31 -17.87 -29.70
C SER A 317 0.36 -17.53 -30.81
N THR A 318 -0.91 -17.80 -30.59
CA THR A 318 -1.92 -17.50 -31.58
C THR A 318 -3.10 -16.86 -30.90
N PHE A 319 -3.90 -16.19 -31.70
CA PHE A 319 -5.06 -15.49 -31.19
C PHE A 319 -6.09 -15.43 -32.30
N VAL A 320 -7.34 -15.67 -31.94
CA VAL A 320 -8.43 -15.62 -32.90
C VAL A 320 -9.62 -14.91 -32.28
N ARG A 321 -10.31 -14.14 -33.09
CA ARG A 321 -11.49 -13.44 -32.63
C ARG A 321 -12.51 -13.30 -33.75
N HIS A 322 -13.64 -13.96 -33.59
CA HIS A 322 -14.72 -13.87 -34.56
C HIS A 322 -15.59 -12.69 -34.15
N LEU A 323 -15.78 -11.73 -35.05
CA LEU A 323 -16.58 -10.55 -34.74
C LEU A 323 -18.08 -10.84 -34.86
N PRO A 324 -18.84 -10.63 -33.77
CA PRO A 324 -20.28 -10.85 -33.64
C PRO A 324 -21.29 -9.88 -34.28
N GLU A 325 -22.43 -10.46 -34.69
CA GLU A 325 -23.54 -9.71 -35.28
C GLU A 325 -24.16 -8.82 -34.20
N SER A 326 -24.25 -9.36 -32.98
CA SER A 326 -24.80 -8.63 -31.84
C SER A 326 -24.25 -9.09 -30.50
N ARG A 327 -24.64 -8.38 -29.43
CA ARG A 327 -24.21 -8.68 -28.06
C ARG A 327 -24.86 -9.92 -27.50
N THR A 328 -24.13 -10.61 -26.64
CA THR A 328 -24.63 -11.80 -25.97
C THR A 328 -24.42 -11.53 -24.51
N ARG A 329 -25.45 -11.76 -23.70
CA ARG A 329 -25.29 -11.51 -22.29
C ARG A 329 -24.66 -12.71 -21.59
N SER A 330 -24.27 -13.69 -22.39
CA SER A 330 -23.63 -14.86 -21.84
C SER A 330 -22.23 -14.45 -21.39
N GLN A 331 -21.59 -15.29 -20.61
CA GLN A 331 -20.25 -15.02 -20.12
C GLN A 331 -19.57 -16.35 -19.88
N LYS A 332 -18.33 -16.45 -20.31
CA LYS A 332 -17.64 -17.70 -20.12
C LYS A 332 -16.17 -17.54 -20.40
N LEU A 334 -12.63 -20.03 -20.23
CA LEU A 334 -12.06 -21.34 -20.00
C LEU A 334 -10.59 -21.41 -20.30
N GLU A 335 -9.86 -22.11 -19.44
CA GLU A 335 -8.43 -22.29 -19.61
C GLU A 335 -8.24 -23.79 -19.70
N GLY A 336 -7.48 -24.25 -20.69
CA GLY A 336 -7.25 -25.67 -20.88
C GLY A 336 -5.80 -25.95 -21.21
N THR A 337 -5.41 -27.21 -21.38
CA THR A 337 -4.00 -27.47 -21.65
C THR A 337 -3.57 -28.49 -22.72
N SER A 338 -2.54 -28.09 -23.48
CA SER A 338 -1.85 -28.79 -24.59
C SER A 338 -1.29 -27.56 -25.32
N GLY A 339 -0.44 -26.89 -24.57
CA GLY A 339 0.07 -25.60 -24.98
C GLY A 339 -0.94 -25.00 -24.02
N GLU A 340 -1.17 -23.71 -24.00
CA GLU A 340 -2.17 -23.25 -23.07
C GLU A 340 -3.26 -22.54 -23.84
N ASN A 341 -4.51 -22.86 -23.53
CA ASN A 341 -5.61 -22.25 -24.24
C ASN A 341 -6.58 -21.49 -23.35
N GLY A 342 -6.83 -20.25 -23.75
CA GLY A 342 -7.76 -19.39 -23.04
C GLY A 342 -8.91 -19.03 -23.96
N GLU A 343 -10.13 -19.27 -23.51
CA GLU A 343 -11.33 -18.95 -24.28
C GLU A 343 -12.07 -17.89 -23.50
N GLU A 344 -12.55 -16.89 -24.21
CA GLU A 344 -13.32 -15.84 -23.56
C GLU A 344 -14.52 -15.53 -24.40
N ASP A 345 -15.69 -15.66 -23.79
CA ASP A 345 -16.94 -15.42 -24.47
C ASP A 345 -17.75 -14.48 -23.58
N PHE A 346 -17.53 -13.17 -23.68
CA PHE A 346 -18.31 -12.32 -22.80
C PHE A 346 -19.42 -11.47 -23.42
N SER A 347 -19.18 -10.32 -24.03
CA SER A 347 -20.37 -9.63 -24.56
C SER A 347 -20.46 -9.28 -26.03
N ILE A 348 -19.35 -9.06 -26.69
CA ILE A 348 -19.41 -8.81 -28.12
C ILE A 348 -18.16 -9.39 -28.76
N ASP A 349 -17.51 -10.31 -28.03
CA ASP A 349 -16.34 -10.96 -28.55
C ASP A 349 -16.16 -12.40 -28.09
N ARG A 350 -15.76 -13.24 -29.04
CA ARG A 350 -15.52 -14.64 -28.78
C ARG A 350 -14.06 -14.76 -29.20
N THR A 351 -13.17 -14.87 -28.23
CA THR A 351 -11.74 -14.95 -28.52
C THR A 351 -11.03 -16.09 -27.81
N ASN A 352 -9.77 -16.29 -28.21
CA ASN A 352 -8.91 -17.32 -27.64
C ASN A 352 -7.51 -17.28 -28.20
N GLU A 353 -6.55 -17.64 -27.35
CA GLU A 353 -5.14 -17.66 -27.73
C GLU A 353 -4.64 -19.04 -27.37
N LEU A 354 -3.49 -19.41 -27.92
CA LEU A 354 -2.93 -20.72 -27.65
C LEU A 354 -1.43 -20.61 -27.82
N THR A 355 -0.68 -21.30 -26.96
CA THR A 355 0.78 -21.28 -27.01
C THR A 355 1.42 -22.59 -26.58
N GLN A 356 2.23 -23.16 -27.46
CA GLN A 356 2.92 -24.41 -27.16
C GLN A 356 4.20 -24.11 -26.39
N ALA A 357 4.89 -25.16 -25.95
CA ALA A 357 6.13 -25.00 -25.20
C ALA A 357 7.31 -24.96 -26.17
N SER B 2 -3.49 -42.84 -8.87
CA SER B 2 -2.60 -41.84 -9.45
C SER B 2 -3.23 -40.67 -10.22
N LEU B 3 -2.47 -39.56 -10.26
CA LEU B 3 -2.87 -38.33 -10.96
C LEU B 3 -2.50 -38.46 -12.43
N ARG B 4 -3.32 -37.87 -13.30
CA ARG B 4 -3.07 -37.91 -14.73
C ARG B 4 -2.85 -36.51 -15.32
N HIS B 5 -3.75 -35.58 -15.03
CA HIS B 5 -3.62 -34.22 -15.56
C HIS B 5 -3.68 -33.16 -14.46
N LEU B 6 -3.02 -32.04 -14.70
CA LEU B 6 -3.00 -30.94 -13.73
C LEU B 6 -2.66 -29.62 -14.41
N TYR B 7 -3.34 -28.55 -14.01
CA TYR B 7 -3.02 -27.26 -14.58
C TYR B 7 -2.46 -26.35 -13.49
N ILE B 8 -1.55 -25.45 -13.87
CA ILE B 8 -0.91 -24.55 -12.93
C ILE B 8 -1.48 -23.12 -12.90
N GLU B 9 -2.39 -22.86 -11.96
CA GLU B 9 -3.03 -21.55 -11.83
C GLU B 9 -2.21 -20.49 -11.11
N GLU B 10 -0.88 -20.54 -11.17
CA GLU B 10 -0.07 -19.55 -10.43
C GLU B 10 -0.32 -18.07 -10.73
N GLY B 11 -0.62 -17.71 -11.97
CA GLY B 11 -0.86 -16.31 -12.28
C GLY B 11 -2.02 -15.75 -11.49
N ARG B 12 -3.11 -16.50 -11.45
CA ARG B 12 -4.33 -16.09 -10.76
C ARG B 12 -4.11 -15.85 -9.28
N THR B 13 -3.19 -16.62 -8.69
CA THR B 13 -2.89 -16.46 -7.26
C THR B 13 -1.95 -15.28 -7.05
N VAL B 14 -0.99 -15.10 -7.94
CA VAL B 14 -0.04 -14.01 -7.82
C VAL B 14 -0.81 -12.69 -7.85
N CYS B 15 -1.81 -12.61 -8.72
CA CYS B 15 -2.62 -11.42 -8.82
C CYS B 15 -3.43 -11.18 -7.55
N ALA B 16 -4.13 -12.22 -7.08
CA ALA B 16 -4.94 -12.12 -5.88
C ALA B 16 -4.15 -11.63 -4.67
N SER B 17 -3.02 -12.26 -4.40
CA SER B 17 -2.19 -11.83 -3.28
C SER B 17 -1.94 -10.34 -3.36
N ALA B 18 -1.70 -9.85 -4.58
CA ALA B 18 -1.45 -8.42 -4.78
C ALA B 18 -2.69 -7.60 -4.49
N THR B 19 -3.87 -8.20 -4.61
CA THR B 19 -5.07 -7.43 -4.36
C THR B 19 -5.50 -7.40 -2.90
N SER B 20 -5.04 -8.38 -2.10
CA SER B 20 -5.32 -8.47 -0.64
C SER B 20 -6.58 -9.23 -0.24
N ARG B 21 -7.19 -9.89 -1.20
CA ARG B 21 -8.43 -10.61 -0.95
C ARG B 21 -8.71 -11.61 -2.03
N ASN B 22 -9.03 -12.83 -1.64
CA ASN B 22 -9.35 -13.83 -2.64
C ASN B 22 -10.14 -14.99 -2.07
N ARG B 23 -10.71 -15.77 -2.97
CA ARG B 23 -11.50 -16.95 -2.62
C ARG B 23 -11.02 -17.95 -3.64
N ARG B 24 -11.24 -19.23 -3.36
CA ARG B 24 -10.85 -20.26 -4.28
C ARG B 24 -11.41 -21.58 -3.84
N PRO B 25 -12.62 -21.93 -4.34
CA PRO B 25 -13.30 -23.17 -4.00
C PRO B 25 -13.08 -24.30 -4.97
N THR B 26 -12.83 -25.48 -4.44
CA THR B 26 -12.64 -26.64 -5.30
C THR B 26 -14.05 -27.22 -5.38
N SER B 27 -14.53 -27.36 -6.61
CA SER B 27 -15.87 -27.89 -6.88
C SER B 27 -15.76 -29.05 -7.86
N GLU B 28 -16.45 -30.15 -7.54
CA GLU B 28 -16.46 -31.34 -8.39
C GLU B 28 -17.59 -31.12 -9.37
N SER B 29 -17.29 -31.14 -10.67
CA SER B 29 -18.31 -30.92 -11.70
C SER B 29 -18.22 -31.92 -12.87
N SER B 32 -20.34 -33.83 -6.01
CA SER B 32 -21.46 -33.09 -6.58
C SER B 32 -22.10 -32.18 -5.54
N ASP B 33 -22.23 -32.67 -4.31
CA ASP B 33 -22.88 -31.91 -3.25
C ASP B 33 -22.02 -30.96 -2.43
N ASP B 34 -20.72 -31.15 -2.42
CA ASP B 34 -19.87 -30.27 -1.63
C ASP B 34 -18.98 -29.31 -2.42
N VAL B 35 -18.62 -28.20 -1.77
CA VAL B 35 -17.74 -27.19 -2.37
C VAL B 35 -16.71 -26.82 -1.29
N VAL B 36 -15.51 -26.50 -1.71
CA VAL B 36 -14.48 -26.16 -0.72
C VAL B 36 -13.80 -24.83 -0.96
N VAL B 37 -13.83 -23.94 0.01
CA VAL B 37 -13.13 -22.67 -0.12
C VAL B 37 -11.75 -23.02 0.40
N VAL B 38 -10.88 -23.49 -0.49
CA VAL B 38 -9.56 -23.90 -0.07
C VAL B 38 -8.78 -22.83 0.64
N GLU B 39 -9.00 -21.57 0.26
CA GLU B 39 -8.33 -20.47 0.89
C GLU B 39 -8.81 -19.13 0.38
N GLY B 40 -8.93 -18.20 1.31
CA GLY B 40 -9.37 -16.87 0.94
C GLY B 40 -8.76 -15.82 1.86
N LEU B 42 -8.97 -11.81 3.56
CA LEU B 42 -9.90 -10.79 4.00
C LEU B 42 -9.20 -9.44 3.89
N ARG B 43 -9.86 -8.47 3.28
CA ARG B 43 -9.27 -7.14 3.20
C ARG B 43 -8.88 -6.85 4.64
N GLY B 44 -7.74 -6.21 4.85
CA GLY B 44 -7.35 -5.92 6.22
C GLY B 44 -6.50 -6.97 6.89
N ARG B 45 -7.09 -8.13 7.22
CA ARG B 45 -6.35 -9.22 7.86
C ARG B 45 -5.21 -9.70 6.95
N PRO B 46 -3.98 -9.22 7.20
CA PRO B 46 -2.86 -9.64 6.34
C PRO B 46 -2.27 -11.00 6.72
N GLU B 47 -2.27 -11.32 8.01
CA GLU B 47 -1.70 -12.58 8.46
C GLU B 47 -2.73 -13.70 8.71
N THR B 48 -3.95 -13.52 8.21
CA THR B 48 -5.04 -14.47 8.36
C THR B 48 -5.40 -15.14 7.04
N ARG B 49 -5.81 -16.41 7.10
CA ARG B 49 -6.24 -17.13 5.91
C ARG B 49 -7.55 -17.77 6.33
N VAL B 50 -8.33 -18.20 5.34
CA VAL B 50 -9.62 -18.82 5.61
C VAL B 50 -9.79 -20.09 4.79
N HIS B 51 -10.44 -21.08 5.38
CA HIS B 51 -10.69 -22.35 4.73
C HIS B 51 -12.06 -22.78 5.17
N ALA B 52 -12.92 -23.06 4.20
CA ALA B 52 -14.27 -23.45 4.50
C ALA B 52 -14.66 -24.70 3.75
N PHE B 54 -18.30 -26.94 2.65
CA PHE B 54 -19.75 -27.01 2.60
C PHE B 54 -20.23 -28.33 2.06
N ASP B 55 -20.87 -29.11 2.92
CA ASP B 55 -21.40 -30.40 2.55
C ASP B 55 -22.89 -30.22 2.32
N GLY B 56 -23.28 -30.29 1.04
CA GLY B 56 -24.67 -30.11 0.68
C GLY B 56 -25.56 -31.29 0.99
N PHE B 57 -26.74 -30.97 1.50
CA PHE B 57 -27.75 -31.94 1.88
C PHE B 57 -28.87 -31.80 0.83
N GLN B 58 -29.20 -32.91 0.18
CA GLN B 58 -30.20 -32.98 -0.90
C GLN B 58 -29.97 -31.87 -1.93
N GLY B 59 -28.78 -31.89 -2.53
CA GLY B 59 -28.43 -30.89 -3.52
C GLY B 59 -27.21 -30.05 -3.19
N ARG B 60 -26.56 -29.53 -4.23
CA ARG B 60 -25.36 -28.70 -4.11
C ARG B 60 -25.73 -27.22 -4.05
N HIS B 61 -27.02 -26.94 -4.23
CA HIS B 61 -27.47 -25.57 -4.26
C HIS B 61 -27.07 -24.68 -3.07
N SER B 62 -27.65 -24.92 -1.90
CA SER B 62 -27.31 -24.11 -0.74
C SER B 62 -25.81 -24.06 -0.53
N ALA B 63 -25.14 -25.19 -0.67
CA ALA B 63 -23.69 -25.26 -0.49
C ALA B 63 -22.96 -24.29 -1.41
N TRP B 65 -24.12 -21.80 -2.85
CA TRP B 65 -24.50 -20.45 -2.55
C TRP B 65 -23.59 -19.94 -1.44
N LEU B 66 -23.46 -20.75 -0.40
CA LEU B 66 -22.62 -20.40 0.73
C LEU B 66 -21.18 -20.09 0.29
N ALA B 67 -20.60 -21.00 -0.46
CA ALA B 67 -19.24 -20.83 -0.94
C ALA B 67 -19.11 -19.61 -1.84
N GLN B 68 -20.18 -19.23 -2.52
CA GLN B 68 -20.13 -18.08 -3.42
C GLN B 68 -20.14 -16.77 -2.67
N ASN B 69 -20.79 -16.74 -1.51
CA ASN B 69 -20.89 -15.49 -0.77
C ASN B 69 -20.16 -15.46 0.57
N VAL B 70 -19.74 -16.63 1.02
CA VAL B 70 -19.04 -16.76 2.28
C VAL B 70 -18.05 -15.65 2.56
N ASN B 72 -18.05 -12.67 1.33
CA ASN B 72 -18.72 -11.36 1.34
C ASN B 72 -19.19 -10.96 2.74
N TYR B 73 -19.42 -11.95 3.59
CA TYR B 73 -19.88 -11.70 4.94
C TYR B 73 -18.69 -11.61 5.88
N LEU B 74 -17.70 -12.47 5.64
CA LEU B 74 -16.52 -12.50 6.47
C LEU B 74 -15.75 -11.19 6.41
N ASN B 75 -15.97 -10.41 5.37
CA ASN B 75 -15.29 -9.13 5.27
C ASN B 75 -15.93 -8.10 6.18
N ASP B 76 -17.19 -8.32 6.58
CA ASP B 76 -17.88 -7.40 7.48
C ASP B 76 -17.61 -7.71 8.95
N LEU B 77 -16.49 -8.39 9.21
CA LEU B 77 -16.09 -8.74 10.56
C LEU B 77 -15.23 -7.62 11.15
N ARG B 78 -15.65 -7.04 12.27
CA ARG B 78 -14.84 -5.98 12.87
C ARG B 78 -13.65 -6.67 13.50
N ASP B 79 -13.87 -7.89 13.96
CA ASP B 79 -12.82 -8.70 14.56
C ASP B 79 -13.23 -10.15 14.50
N VAL B 80 -12.25 -11.05 14.57
CA VAL B 80 -12.53 -12.48 14.51
C VAL B 80 -12.90 -12.99 15.91
N ASN B 81 -14.18 -12.93 16.25
CA ASN B 81 -14.69 -13.35 17.56
C ASN B 81 -15.58 -14.55 17.48
N GLU B 82 -16.24 -14.84 18.59
CA GLU B 82 -17.18 -15.92 18.68
C GLU B 82 -18.53 -15.28 18.38
N GLU B 83 -18.74 -14.07 18.89
CA GLU B 83 -20.00 -13.37 18.65
C GLU B 83 -19.99 -12.83 17.24
N GLU B 84 -18.88 -12.19 16.88
CA GLU B 84 -18.74 -11.61 15.57
C GLU B 84 -18.95 -12.62 14.43
N ILE B 85 -18.45 -13.84 14.59
CA ILE B 85 -18.61 -14.87 13.59
C ILE B 85 -20.04 -15.43 13.63
N THR B 86 -20.62 -15.50 14.82
CA THR B 86 -21.98 -16.01 14.98
C THR B 86 -22.97 -14.98 14.47
N ARG B 87 -22.58 -13.71 14.47
CA ARG B 87 -23.44 -12.65 13.97
C ARG B 87 -23.55 -12.83 12.45
N GLN B 88 -22.43 -13.18 11.83
CA GLN B 88 -22.39 -13.38 10.39
C GLN B 88 -23.13 -14.62 9.97
N PHE B 89 -23.11 -15.65 10.81
CA PHE B 89 -23.78 -16.87 10.47
C PHE B 89 -25.28 -16.63 10.30
N GLU B 90 -25.84 -15.89 11.25
CA GLU B 90 -27.24 -15.56 11.24
C GLU B 90 -27.51 -14.82 9.94
N ARG B 91 -26.66 -13.84 9.63
CA ARG B 91 -26.83 -13.04 8.42
C ARG B 91 -26.85 -13.91 7.17
N ASP B 93 -27.40 -17.25 6.96
CA ASP B 93 -28.59 -18.10 6.94
C ASP B 93 -29.82 -17.30 6.57
N GLY B 94 -29.85 -16.06 7.04
CA GLY B 94 -30.97 -15.21 6.72
C GLY B 94 -31.08 -15.02 5.22
N ASP B 95 -29.99 -14.58 4.59
CA ASP B 95 -30.01 -14.35 3.15
C ASP B 95 -30.15 -15.60 2.31
N LEU B 96 -29.65 -16.72 2.80
CA LEU B 96 -29.76 -17.96 2.06
C LEU B 96 -31.25 -18.16 1.77
N ARG B 97 -32.08 -17.87 2.76
CA ARG B 97 -33.51 -18.06 2.57
C ARG B 97 -34.07 -17.06 1.57
N ALA B 98 -33.42 -15.92 1.45
CA ALA B 98 -33.86 -14.90 0.51
C ALA B 98 -33.80 -15.47 -0.89
N ALA B 99 -32.79 -16.28 -1.16
CA ALA B 99 -32.62 -16.88 -2.47
C ALA B 99 -33.46 -18.15 -2.61
N ASN B 100 -34.09 -18.55 -1.51
CA ASN B 100 -34.93 -19.72 -1.42
C ASN B 100 -34.59 -20.84 -2.40
N LEU B 101 -33.52 -21.55 -2.09
CA LEU B 101 -33.04 -22.69 -2.89
C LEU B 101 -33.43 -23.93 -2.12
N PRO B 102 -33.23 -25.11 -2.71
CA PRO B 102 -33.60 -26.30 -1.92
C PRO B 102 -32.63 -26.40 -0.75
N GLY B 103 -33.01 -25.82 0.39
CA GLY B 103 -32.18 -25.83 1.59
C GLY B 103 -31.38 -27.09 1.84
N GLY B 104 -30.24 -26.93 2.52
CA GLY B 104 -29.42 -28.07 2.84
C GLY B 104 -27.91 -27.90 2.79
N SER B 105 -27.29 -27.52 3.90
CA SER B 105 -25.84 -27.43 3.92
C SER B 105 -25.15 -27.32 5.27
N SER B 106 -24.20 -28.22 5.45
CA SER B 106 -23.35 -28.28 6.63
C SER B 106 -22.25 -27.25 6.36
N ALA B 107 -21.58 -26.76 7.40
CA ALA B 107 -20.54 -25.78 7.18
C ALA B 107 -19.42 -25.90 8.18
N LEU B 108 -18.18 -25.82 7.66
CA LEU B 108 -16.99 -25.89 8.49
C LEU B 108 -16.01 -24.82 8.02
N ILE B 109 -15.89 -23.77 8.82
CA ILE B 109 -15.02 -22.66 8.49
C ILE B 109 -13.82 -22.60 9.41
N ILE B 110 -12.64 -22.40 8.81
CA ILE B 110 -11.37 -22.35 9.55
C ILE B 110 -10.61 -21.04 9.42
N PHE B 111 -10.39 -20.37 10.55
CA PHE B 111 -9.65 -19.12 10.61
C PHE B 111 -8.30 -19.42 11.21
N VAL B 112 -7.25 -19.12 10.48
CA VAL B 112 -5.92 -19.38 10.98
C VAL B 112 -5.06 -18.15 10.81
N ARG B 113 -4.49 -17.67 11.91
CA ARG B 113 -3.66 -16.49 11.88
C ARG B 113 -2.28 -16.78 12.45
N TYR B 114 -1.25 -16.21 11.84
CA TYR B 114 0.11 -16.37 12.33
C TYR B 114 0.33 -15.32 13.39
N GLU B 115 0.77 -15.77 14.56
CA GLU B 115 0.98 -14.89 15.70
C GLU B 115 2.40 -14.92 16.18
N LYS B 116 3.24 -13.99 15.73
CA LYS B 116 4.61 -13.95 16.22
C LYS B 116 4.53 -13.19 17.54
N LYS B 117 4.87 -13.84 18.63
CA LYS B 117 4.80 -13.21 19.94
C LYS B 117 3.34 -13.08 20.47
N PRO B 118 2.61 -14.21 20.57
CA PRO B 118 1.22 -14.20 21.05
C PRO B 118 1.17 -13.83 22.53
N THR B 119 -0.01 -13.46 23.00
CA THR B 119 -0.16 -13.09 24.40
C THR B 119 -0.58 -14.27 25.26
N GLU B 120 -0.51 -14.08 26.57
CA GLU B 120 -0.89 -15.12 27.52
C GLU B 120 -2.37 -15.43 27.40
N ALA B 121 -2.75 -16.63 27.82
CA ALA B 121 -4.14 -17.01 27.74
C ALA B 121 -4.43 -18.21 28.61
N ARG B 122 -5.63 -18.24 29.18
CA ARG B 122 -6.02 -19.37 30.00
C ARG B 122 -6.22 -20.50 28.99
N VAL B 123 -5.70 -21.68 29.31
CA VAL B 123 -5.75 -22.79 28.37
C VAL B 123 -5.97 -24.20 28.90
N VAL B 124 -6.73 -24.98 28.14
CA VAL B 124 -7.00 -26.36 28.46
C VAL B 124 -6.31 -27.16 27.38
N GLY B 125 -5.03 -27.43 27.62
CA GLY B 125 -4.23 -28.19 26.68
C GLY B 125 -4.55 -27.89 25.23
N ARG B 126 -3.96 -26.84 24.69
CA ARG B 126 -4.16 -26.45 23.30
C ARG B 126 -5.47 -25.70 22.98
N GLN B 127 -6.57 -25.99 23.65
CA GLN B 127 -7.77 -25.22 23.34
C GLN B 127 -7.65 -23.97 24.17
N ILE B 128 -8.12 -22.85 23.63
CA ILE B 128 -8.04 -21.60 24.36
C ILE B 128 -9.40 -21.27 24.93
N VAL B 129 -9.43 -20.87 26.20
CA VAL B 129 -10.67 -20.54 26.87
C VAL B 129 -10.98 -19.06 26.70
N PRO B 130 -12.17 -18.73 26.19
CA PRO B 130 -12.55 -17.33 26.00
C PRO B 130 -12.69 -16.62 27.35
N GLU B 131 -12.62 -15.30 27.31
CA GLU B 131 -12.73 -14.44 28.49
C GLU B 131 -14.22 -14.23 28.86
N GLY B 132 -14.48 -14.16 30.16
CA GLY B 132 -15.83 -13.95 30.68
C GLY B 132 -16.71 -15.17 30.47
N GLU B 135 -17.06 -20.69 32.34
CA GLU B 135 -18.12 -21.49 31.72
C GLU B 135 -17.63 -22.24 30.49
N PHE B 136 -16.55 -22.98 30.66
CA PHE B 136 -15.94 -23.70 29.54
C PHE B 136 -16.06 -25.22 29.62
N THR B 137 -16.13 -25.84 28.44
CA THR B 137 -16.20 -27.29 28.27
C THR B 137 -15.39 -27.49 26.98
N SER B 138 -14.50 -28.47 26.96
CA SER B 138 -13.65 -28.64 25.76
C SER B 138 -14.03 -29.73 24.77
N VAL B 139 -13.60 -29.52 23.52
CA VAL B 139 -13.85 -30.47 22.47
C VAL B 139 -13.48 -31.84 23.01
N ALA B 140 -12.42 -31.87 23.79
CA ALA B 140 -11.92 -33.11 24.38
C ALA B 140 -12.90 -33.63 25.41
N GLU B 141 -13.21 -32.79 26.39
CA GLU B 141 -14.14 -33.23 27.42
C GLU B 141 -15.41 -33.69 26.73
N ALA B 142 -15.94 -32.82 25.86
CA ALA B 142 -17.17 -33.10 25.13
C ALA B 142 -17.17 -34.47 24.48
N LEU B 143 -16.12 -34.79 23.73
CA LEU B 143 -16.07 -36.08 23.07
C LEU B 143 -15.81 -37.16 24.12
N GLY B 144 -16.29 -36.86 25.33
CA GLY B 144 -16.15 -37.79 26.43
C GLY B 144 -14.71 -38.21 26.66
N GLY B 145 -13.84 -37.27 26.98
CA GLY B 145 -12.45 -37.61 27.22
C GLY B 145 -12.02 -37.11 28.57
N PRO B 146 -10.84 -37.50 29.08
CA PRO B 146 -10.45 -37.01 30.39
C PRO B 146 -10.53 -35.48 30.45
N LEU B 147 -11.11 -34.97 31.51
CA LEU B 147 -11.27 -33.52 31.65
C LEU B 147 -10.16 -32.87 32.47
N PRO B 149 -7.81 -29.27 33.79
CA PRO B 149 -8.00 -27.93 34.34
C PRO B 149 -7.62 -26.84 33.35
N VAL B 150 -8.13 -25.63 33.56
CA VAL B 150 -7.76 -24.53 32.69
C VAL B 150 -6.46 -24.02 33.29
N VAL B 151 -5.43 -23.91 32.44
CA VAL B 151 -4.12 -23.48 32.91
C VAL B 151 -3.63 -22.24 32.15
N ALA B 152 -3.12 -21.26 32.89
CA ALA B 152 -2.61 -20.03 32.29
C ALA B 152 -1.30 -20.31 31.57
N ASN B 154 2.01 -18.97 29.33
CA ASN B 154 2.89 -17.81 29.13
C ASN B 154 3.81 -18.11 27.96
N PHE B 155 3.41 -17.69 26.76
CA PHE B 155 4.18 -17.93 25.55
C PHE B 155 5.56 -17.31 25.60
N ARG B 156 5.78 -16.44 26.57
CA ARG B 156 7.08 -15.81 26.73
C ARG B 156 8.05 -16.80 27.35
N ARG B 157 7.51 -17.75 28.10
CA ARG B 157 8.31 -18.76 28.77
C ARG B 157 8.17 -20.12 28.08
N ASP B 158 7.70 -20.12 26.82
CA ASP B 158 7.49 -21.36 26.06
C ASP B 158 8.37 -21.48 24.81
N PRO B 159 9.39 -22.34 24.86
CA PRO B 159 10.31 -22.54 23.73
C PRO B 159 9.65 -22.98 22.44
N ARG B 160 8.53 -23.70 22.53
CA ARG B 160 7.85 -24.14 21.33
C ARG B 160 7.22 -22.96 20.56
N ALA B 161 6.99 -21.84 21.25
CA ALA B 161 6.41 -20.66 20.63
C ALA B 161 7.48 -19.63 20.25
N ALA B 162 8.72 -20.09 20.07
CA ALA B 162 9.84 -19.22 19.73
C ALA B 162 9.75 -18.56 18.35
N LYS B 163 9.35 -19.32 17.34
CA LYS B 163 9.21 -18.79 16.00
C LYS B 163 7.74 -18.51 15.66
N GLY B 164 7.00 -18.05 16.67
CA GLY B 164 5.60 -17.73 16.48
C GLY B 164 4.68 -18.91 16.57
N ILE B 165 3.37 -18.63 16.49
CA ILE B 165 2.35 -19.67 16.52
C ILE B 165 1.19 -19.24 15.63
N TYR B 166 0.34 -20.21 15.32
CA TYR B 166 -0.82 -19.96 14.50
C TYR B 166 -2.05 -20.16 15.37
N THR B 167 -2.86 -19.11 15.48
CA THR B 167 -4.09 -19.11 16.25
C THR B 167 -5.20 -19.63 15.37
N ILE B 168 -5.92 -20.64 15.84
CA ILE B 168 -6.99 -21.21 15.03
C ILE B 168 -8.43 -21.04 15.54
N HIS B 169 -9.29 -20.46 14.72
CA HIS B 169 -10.68 -20.28 15.09
C HIS B 169 -11.52 -21.18 14.20
N VAL B 170 -12.31 -22.04 14.81
CA VAL B 170 -13.14 -22.93 14.02
C VAL B 170 -14.60 -22.76 14.35
N ALA B 171 -15.39 -22.57 13.31
CA ALA B 171 -16.83 -22.39 13.44
C ALA B 171 -17.48 -23.64 12.86
N SER B 172 -17.98 -24.50 13.71
CA SER B 172 -18.58 -25.71 13.20
C SER B 172 -20.10 -25.66 13.25
N LEU B 173 -20.71 -26.19 12.19
CA LEU B 173 -22.16 -26.23 12.05
C LEU B 173 -22.47 -27.39 11.14
N GLY B 174 -22.56 -28.59 11.71
CA GLY B 174 -22.83 -29.76 10.89
C GLY B 174 -22.00 -30.94 11.36
N ASN B 175 -21.72 -31.86 10.44
CA ASN B 175 -20.96 -33.06 10.76
C ASN B 175 -19.58 -33.10 10.14
N SER B 176 -19.10 -31.96 9.67
CA SER B 176 -17.77 -31.91 9.09
C SER B 176 -16.77 -31.96 10.26
N ARG B 177 -15.58 -32.50 10.04
CA ARG B 177 -14.62 -32.58 11.14
C ARG B 177 -13.29 -31.89 10.85
N CYS B 178 -12.69 -31.34 11.90
CA CYS B 178 -11.42 -30.65 11.80
C CYS B 178 -10.50 -31.13 12.92
N VAL B 179 -9.36 -31.68 12.55
CA VAL B 179 -8.42 -32.17 13.55
C VAL B 179 -7.08 -31.48 13.42
N LEU B 180 -6.37 -31.40 14.52
CA LEU B 180 -5.06 -30.77 14.56
C LEU B 180 -4.02 -31.87 14.76
N LYS B 181 -3.07 -31.99 13.84
CA LYS B 181 -2.02 -33.01 13.97
C LYS B 181 -0.69 -32.41 14.43
N SER B 182 -0.26 -32.80 15.62
CA SER B 182 0.98 -32.30 16.21
C SER B 182 1.96 -33.43 16.51
N GLY B 183 2.81 -33.77 15.53
CA GLY B 183 3.74 -34.86 15.72
C GLY B 183 2.96 -36.15 15.71
N ARG B 184 3.14 -36.98 16.73
CA ARG B 184 2.39 -38.22 16.78
C ARG B 184 1.13 -38.13 17.62
N THR B 185 0.71 -36.90 17.91
CA THR B 185 -0.51 -36.66 18.66
C THR B 185 -1.48 -35.94 17.73
N ALA B 186 -2.77 -36.23 17.86
CA ALA B 186 -3.74 -35.60 17.00
C ALA B 186 -4.96 -35.27 17.83
N ILE B 187 -5.56 -34.12 17.56
CA ILE B 187 -6.73 -33.71 18.29
C ILE B 187 -7.84 -33.07 17.46
N HIS B 188 -9.06 -33.42 17.84
CA HIS B 188 -10.27 -32.94 17.24
C HIS B 188 -10.42 -31.46 17.52
N LEU B 189 -11.06 -30.73 16.61
CA LEU B 189 -11.25 -29.29 16.81
C LEU B 189 -12.68 -28.85 17.04
N SER B 190 -13.62 -29.76 16.83
CA SER B 190 -15.05 -29.45 17.01
C SER B 190 -15.88 -30.70 17.21
N THR B 191 -17.13 -30.49 17.61
CA THR B 191 -18.09 -31.56 17.87
C THR B 191 -19.11 -31.72 16.73
N PRO B 192 -19.15 -32.89 16.08
CA PRO B 192 -20.14 -33.00 15.01
C PRO B 192 -21.56 -32.84 15.55
N HIS B 193 -22.31 -31.90 14.98
CA HIS B 193 -23.68 -31.64 15.38
C HIS B 193 -24.60 -32.73 14.82
N THR B 194 -24.65 -33.84 15.54
CA THR B 194 -25.42 -35.01 15.14
C THR B 194 -26.27 -35.53 16.28
N ALA B 195 -27.17 -36.46 15.98
CA ALA B 195 -28.03 -37.03 16.99
C ALA B 195 -27.26 -37.88 18.00
N SER B 196 -25.98 -38.10 17.73
CA SER B 196 -25.13 -38.89 18.61
C SER B 196 -24.65 -38.06 19.79
N SER B 197 -24.93 -36.75 19.75
CA SER B 197 -24.55 -35.85 20.82
C SER B 197 -25.75 -35.84 21.77
N HIS B 198 -25.52 -36.08 23.05
CA HIS B 198 -26.64 -36.05 23.98
C HIS B 198 -27.00 -34.58 24.25
N LYS B 199 -26.13 -33.68 23.83
CA LYS B 199 -26.38 -32.25 24.02
C LYS B 199 -27.33 -31.78 22.92
N GLU B 200 -27.03 -32.17 21.69
CA GLU B 200 -27.84 -31.80 20.53
C GLU B 200 -29.18 -32.51 20.52
N ARG B 201 -29.16 -33.76 20.96
CA ARG B 201 -30.36 -34.58 21.00
C ARG B 201 -31.34 -33.99 21.99
N HIS B 202 -30.81 -33.48 23.09
CA HIS B 202 -31.66 -32.91 24.12
C HIS B 202 -32.30 -31.62 23.60
N ARG B 203 -31.49 -30.77 22.99
CA ARG B 203 -31.96 -29.50 22.48
C ARG B 203 -33.14 -29.66 21.51
N VAL B 204 -32.96 -30.46 20.46
CA VAL B 204 -33.99 -30.67 19.47
C VAL B 204 -35.29 -31.18 20.06
N GLN B 205 -35.20 -32.25 20.84
CA GLN B 205 -36.40 -32.82 21.44
C GLN B 205 -37.08 -31.91 22.44
N ALA B 206 -36.28 -31.17 23.21
CA ALA B 206 -36.88 -30.28 24.18
C ALA B 206 -37.69 -29.19 23.50
N ALA B 207 -37.19 -28.72 22.35
CA ALA B 207 -37.86 -27.67 21.59
C ALA B 207 -39.03 -28.25 20.82
N GLY B 208 -39.30 -29.53 21.07
CA GLY B 208 -40.42 -30.17 20.42
C GLY B 208 -40.06 -31.03 19.25
N GLY B 209 -38.82 -30.91 18.75
CA GLY B 209 -38.37 -31.69 17.60
C GLY B 209 -38.57 -33.20 17.73
N VAL B 210 -38.68 -33.90 16.60
CA VAL B 210 -38.89 -35.35 16.59
C VAL B 210 -37.97 -36.15 15.66
N PHE B 211 -36.98 -36.86 16.21
CA PHE B 211 -36.11 -37.66 15.37
C PHE B 211 -36.86 -38.93 15.01
N THR B 212 -36.55 -39.54 13.86
CA THR B 212 -37.23 -40.75 13.47
C THR B 212 -36.42 -41.59 12.46
N THR B 213 -36.50 -42.90 12.57
CA THR B 213 -35.76 -43.78 11.69
C THR B 213 -36.32 -43.88 10.26
N VAL B 214 -35.53 -43.41 9.31
CA VAL B 214 -35.91 -43.42 7.91
C VAL B 214 -34.78 -44.05 7.13
N ASN B 215 -35.13 -45.13 6.44
CA ASN B 215 -34.21 -45.90 5.63
C ASN B 215 -32.93 -46.27 6.36
N GLY B 216 -33.08 -46.84 7.55
CA GLY B 216 -31.94 -47.26 8.33
C GLY B 216 -31.21 -46.14 9.01
N GLU B 217 -31.53 -44.91 8.64
CA GLU B 217 -30.86 -43.76 9.26
C GLU B 217 -31.82 -42.90 10.08
N LEU B 218 -31.34 -42.35 11.18
CA LEU B 218 -32.15 -41.51 12.06
C LEU B 218 -32.02 -40.03 11.67
N LEU B 219 -33.09 -39.45 11.16
CA LEU B 219 -33.07 -38.07 10.73
C LEU B 219 -34.05 -37.17 11.49
N LEU B 220 -33.65 -35.92 11.70
CA LEU B 220 -34.51 -34.97 12.39
C LEU B 220 -35.73 -34.71 11.50
N GLY B 221 -36.92 -34.97 12.04
CA GLY B 221 -38.11 -34.78 11.26
C GLY B 221 -38.09 -35.85 10.17
N GLY B 222 -37.14 -36.77 10.30
CA GLY B 222 -36.99 -37.85 9.34
C GLY B 222 -36.51 -37.27 8.02
N VAL B 223 -35.90 -36.10 8.09
CA VAL B 223 -35.42 -35.44 6.89
C VAL B 223 -33.98 -34.98 6.98
N VAL B 224 -33.66 -34.26 8.05
CA VAL B 224 -32.32 -33.72 8.25
C VAL B 224 -31.34 -34.63 8.97
N PRO B 225 -30.20 -34.94 8.35
CA PRO B 225 -29.17 -35.81 8.93
C PRO B 225 -28.26 -35.00 9.83
N THR B 227 -28.40 -31.73 13.24
CA THR B 227 -29.14 -30.94 14.20
C THR B 227 -28.75 -29.48 14.04
N ARG B 228 -27.81 -29.25 13.12
CA ARG B 228 -27.34 -27.90 12.82
C ARG B 228 -26.91 -27.85 11.38
N ALA B 229 -27.24 -26.75 10.71
CA ALA B 229 -26.90 -26.61 9.29
C ALA B 229 -27.54 -25.35 8.71
N PHE B 230 -27.18 -25.03 7.47
CA PHE B 230 -27.73 -23.87 6.76
C PHE B 230 -28.90 -24.39 5.94
N GLY B 231 -29.94 -23.57 5.81
CA GLY B 231 -31.10 -23.97 5.05
C GLY B 231 -32.07 -24.83 5.86
N SER B 232 -32.55 -25.91 5.24
CA SER B 232 -33.49 -26.83 5.89
C SER B 232 -34.53 -26.05 6.66
N PHE B 233 -34.98 -24.94 6.07
CA PHE B 233 -35.93 -24.03 6.69
C PHE B 233 -37.27 -24.56 7.25
N ASP B 234 -37.64 -25.80 6.90
CA ASP B 234 -38.90 -26.36 7.41
C ASP B 234 -38.76 -26.65 8.90
N PHE B 235 -37.53 -26.65 9.39
CA PHE B 235 -37.30 -26.91 10.79
C PHE B 235 -36.72 -25.69 11.46
N LYS B 236 -36.51 -24.64 10.69
CA LYS B 236 -36.00 -23.44 11.28
C LYS B 236 -37.20 -22.77 11.92
N LYS B 237 -36.95 -21.64 12.56
CA LYS B 237 -37.99 -20.86 13.22
C LYS B 237 -38.70 -20.10 12.12
N GLY B 238 -38.61 -20.66 10.91
CA GLY B 238 -39.22 -20.09 9.71
C GLY B 238 -40.64 -19.52 9.72
N GLY B 239 -41.63 -20.32 9.34
CA GLY B 239 -42.99 -19.80 9.31
C GLY B 239 -44.22 -20.68 9.30
N GLN B 240 -44.33 -21.60 8.34
CA GLN B 240 -45.53 -22.43 8.23
C GLN B 240 -46.01 -23.11 9.51
N GLY B 241 -45.15 -23.85 10.19
CA GLY B 241 -45.57 -24.49 11.43
C GLY B 241 -45.31 -23.51 12.56
N LYS B 242 -44.93 -22.29 12.16
CA LYS B 242 -44.61 -21.22 13.08
C LYS B 242 -43.86 -21.79 14.26
N LEU B 243 -42.81 -22.53 13.95
CA LEU B 243 -41.97 -23.14 14.99
C LEU B 243 -41.46 -21.99 15.86
N GLN B 244 -41.46 -22.18 17.18
CA GLN B 244 -41.02 -21.13 18.09
C GLN B 244 -39.54 -21.16 18.43
N GLN B 245 -38.81 -22.10 17.85
CA GLN B 245 -37.37 -22.22 18.07
C GLN B 245 -36.78 -23.08 16.98
N ASP B 246 -35.57 -22.73 16.55
CA ASP B 246 -34.92 -23.51 15.52
C ASP B 246 -34.76 -24.96 15.98
N LEU B 247 -35.37 -25.89 15.25
CA LEU B 247 -35.20 -27.28 15.58
C LEU B 247 -33.81 -27.60 15.04
N VAL B 248 -33.56 -27.12 13.83
CA VAL B 248 -32.26 -27.25 13.20
C VAL B 248 -31.65 -25.87 13.45
N SER B 249 -30.48 -25.81 14.06
CA SER B 249 -29.88 -24.52 14.36
C SER B 249 -28.86 -24.07 13.34
N ALA B 250 -28.78 -22.75 13.15
CA ALA B 250 -27.84 -22.16 12.24
C ALA B 250 -26.83 -21.43 13.13
N VAL B 251 -26.86 -21.78 14.40
CA VAL B 251 -25.97 -21.21 15.40
C VAL B 251 -24.68 -22.05 15.38
N PRO B 252 -23.57 -21.44 14.95
CA PRO B 252 -22.29 -22.15 14.86
C PRO B 252 -21.59 -22.38 16.19
N ASP B 253 -20.80 -23.44 16.24
CA ASP B 253 -20.03 -23.79 17.44
C ASP B 253 -18.61 -23.28 17.20
N VAL B 254 -18.26 -22.16 17.83
CA VAL B 254 -16.95 -21.56 17.65
C VAL B 254 -15.93 -21.89 18.74
N THR B 255 -14.78 -22.41 18.31
CA THR B 255 -13.72 -22.77 19.23
C THR B 255 -12.36 -22.24 18.78
N THR B 256 -11.47 -22.02 19.73
CA THR B 256 -10.14 -21.49 19.43
C THR B 256 -9.04 -22.43 19.92
N PHE B 257 -7.94 -22.46 19.19
CA PHE B 257 -6.80 -23.33 19.49
C PHE B 257 -5.53 -22.71 18.91
N PHE B 258 -4.38 -23.02 19.50
CA PHE B 258 -3.13 -22.50 18.94
C PHE B 258 -2.28 -23.67 18.46
N ALA B 259 -1.54 -23.46 17.39
CA ALA B 259 -0.67 -24.48 16.84
C ALA B 259 0.78 -24.01 16.73
N TYR B 260 1.68 -24.98 16.58
CA TYR B 260 3.10 -24.69 16.45
C TYR B 260 3.55 -24.92 15.02
N PRO B 261 4.65 -24.26 14.62
CA PRO B 261 5.08 -24.53 13.24
C PRO B 261 5.32 -26.02 13.21
N GLY B 262 4.99 -26.65 12.11
CA GLY B 262 5.19 -28.08 12.01
C GLY B 262 3.88 -28.80 12.19
N ASP B 263 2.90 -28.16 12.81
CA ASP B 263 1.60 -28.81 12.99
C ASP B 263 0.82 -28.83 11.66
N ASP B 264 -0.17 -29.70 11.55
CA ASP B 264 -0.97 -29.77 10.33
C ASP B 264 -2.46 -29.74 10.64
N ILE B 265 -3.21 -28.93 9.89
CA ILE B 265 -4.65 -28.89 10.10
C ILE B 265 -5.22 -29.92 9.15
N VAL B 266 -6.02 -30.83 9.68
CA VAL B 266 -6.62 -31.86 8.87
C VAL B 266 -8.12 -31.68 8.93
N ALA B 267 -8.76 -31.58 7.77
CA ALA B 267 -10.20 -31.39 7.74
C ALA B 267 -10.90 -32.12 6.61
N GLY B 268 -12.14 -32.48 6.83
CA GLY B 268 -12.87 -33.18 5.79
C GLY B 268 -14.36 -33.32 6.09
N THR B 269 -15.15 -33.53 5.05
CA THR B 269 -16.57 -33.70 5.21
C THR B 269 -16.80 -35.00 6.00
N ALA B 270 -17.97 -35.10 6.61
CA ALA B 270 -18.32 -36.27 7.40
C ALA B 270 -18.07 -37.56 6.63
N GLY B 271 -18.02 -37.48 5.30
CA GLY B 271 -17.80 -38.65 4.48
C GLY B 271 -16.35 -39.14 4.54
N ALA B 272 -15.45 -38.27 4.97
CA ALA B 272 -14.05 -38.65 5.08
C ALA B 272 -13.82 -39.53 6.32
N PHE B 273 -14.92 -39.94 6.96
CA PHE B 273 -14.82 -40.77 8.15
C PHE B 273 -15.83 -41.92 8.19
N ALA B 274 -15.40 -43.04 8.76
CA ALA B 274 -16.19 -44.26 8.89
C ALA B 274 -15.34 -45.22 9.74
N HIS B 275 -14.78 -44.68 10.81
CA HIS B 275 -13.94 -45.43 11.72
C HIS B 275 -14.76 -45.89 12.92
N HIS B 279 -13.86 -42.51 18.27
CA HIS B 279 -13.12 -41.70 17.31
C HIS B 279 -11.62 -41.85 17.49
N ALA B 280 -11.23 -42.64 18.49
CA ALA B 280 -9.83 -42.87 18.75
C ALA B 280 -9.18 -43.28 17.42
N ALA B 281 -9.95 -44.03 16.63
CA ALA B 281 -9.52 -44.51 15.33
C ALA B 281 -9.19 -43.34 14.42
N ILE B 282 -10.09 -42.36 14.38
CA ILE B 282 -9.87 -41.20 13.54
C ILE B 282 -8.55 -40.57 13.99
N ALA B 283 -8.45 -40.31 15.28
CA ALA B 283 -7.26 -39.71 15.85
C ALA B 283 -6.00 -40.52 15.56
N ALA B 284 -6.06 -41.82 15.79
CA ALA B 284 -4.91 -42.69 15.58
C ALA B 284 -4.40 -42.59 14.15
N ALA B 285 -5.33 -42.71 13.21
CA ALA B 285 -5.03 -42.68 11.79
C ALA B 285 -4.31 -41.41 11.36
N ILE B 286 -4.84 -40.27 11.79
CA ILE B 286 -4.26 -38.99 11.44
C ILE B 286 -2.91 -38.79 12.12
N ALA B 287 -2.86 -39.14 13.40
CA ALA B 287 -1.61 -39.01 14.15
C ALA B 287 -0.50 -39.80 13.45
N LEU B 288 -0.88 -40.87 12.75
CA LEU B 288 0.10 -41.73 12.07
C LEU B 288 0.39 -41.42 10.59
N TYR B 289 -0.34 -40.47 10.00
CA TYR B 289 -0.08 -40.17 8.61
C TYR B 289 1.12 -39.22 8.46
N PRO B 290 2.01 -39.51 7.48
CA PRO B 290 3.24 -38.81 7.10
C PRO B 290 3.11 -37.43 6.46
N VAL B 291 2.34 -36.53 7.04
CA VAL B 291 2.19 -35.20 6.46
C VAL B 291 3.52 -34.43 6.45
N SER B 292 3.74 -33.63 5.42
CA SER B 292 4.96 -32.84 5.28
C SER B 292 4.76 -31.73 4.24
N PRO B 293 5.69 -30.77 4.15
CA PRO B 293 5.53 -29.70 3.17
C PRO B 293 5.27 -30.16 1.73
N GLU B 294 6.13 -31.05 1.23
CA GLU B 294 5.99 -31.53 -0.13
C GLU B 294 5.20 -32.82 -0.22
N THR B 295 4.29 -33.02 0.71
CA THR B 295 3.47 -34.23 0.77
C THR B 295 1.98 -33.91 0.98
N VAL B 296 1.72 -32.69 1.43
CA VAL B 296 0.37 -32.25 1.72
C VAL B 296 -0.67 -32.68 0.68
N LEU B 297 -0.38 -32.48 -0.60
CA LEU B 297 -1.31 -32.84 -1.67
C LEU B 297 -1.62 -34.32 -1.65
N ASP B 298 -0.57 -35.13 -1.51
CA ASP B 298 -0.69 -36.58 -1.46
C ASP B 298 -1.50 -36.92 -0.23
N ALA B 299 -1.16 -36.25 0.86
CA ALA B 299 -1.82 -36.46 2.13
C ALA B 299 -3.33 -36.32 1.97
N ALA B 300 -3.76 -35.31 1.21
CA ALA B 300 -5.18 -35.09 1.02
C ALA B 300 -5.79 -36.17 0.13
N LYS B 301 -5.13 -36.45 -0.99
CA LYS B 301 -5.62 -37.46 -1.91
C LYS B 301 -5.81 -38.77 -1.21
N ALA B 302 -4.79 -39.18 -0.46
CA ALA B 302 -4.83 -40.44 0.26
C ALA B 302 -6.07 -40.55 1.12
N VAL B 304 -9.03 -39.31 0.66
CA VAL B 304 -10.19 -39.62 -0.14
C VAL B 304 -10.10 -41.09 -0.49
N VAL B 305 -8.93 -41.50 -0.97
CA VAL B 305 -8.69 -42.89 -1.32
C VAL B 305 -9.03 -43.79 -0.10
N ASN B 306 -8.34 -43.57 1.00
CA ASN B 306 -8.56 -44.36 2.22
C ASN B 306 -10.03 -44.60 2.57
N ALA B 307 -10.86 -43.58 2.44
CA ALA B 307 -12.28 -43.70 2.77
C ALA B 307 -13.06 -44.52 1.75
N LYS B 308 -12.82 -44.27 0.47
CA LYS B 308 -13.50 -45.02 -0.58
C LYS B 308 -13.14 -46.47 -0.31
N ARG B 309 -11.86 -46.69 -0.02
CA ARG B 309 -11.30 -48.00 0.27
C ARG B 309 -11.99 -48.53 1.52
N ARG B 310 -12.34 -47.62 2.42
CA ARG B 310 -13.01 -48.00 3.66
C ARG B 310 -14.50 -48.19 3.31
N LYS B 311 -14.75 -48.31 2.01
CA LYS B 311 -16.09 -48.52 1.45
C LYS B 311 -17.17 -47.53 1.85
N VAL B 312 -16.85 -46.24 1.79
CA VAL B 312 -17.82 -45.21 2.16
C VAL B 312 -18.50 -44.69 0.88
N THR B 313 -19.82 -44.46 0.95
CA THR B 313 -20.57 -43.99 -0.20
C THR B 313 -20.91 -42.50 -0.19
N LYS B 314 -20.91 -41.90 0.99
CA LYS B 314 -21.21 -40.48 1.15
C LYS B 314 -20.18 -39.60 0.45
N ASN B 315 -20.47 -38.31 0.36
CA ASN B 315 -19.57 -37.34 -0.27
C ASN B 315 -18.27 -37.25 0.51
N ILE B 316 -17.16 -37.15 -0.19
CA ILE B 316 -15.85 -37.06 0.42
C ILE B 316 -15.09 -35.81 0.00
N SER B 317 -14.67 -35.02 0.98
CA SER B 317 -13.91 -33.81 0.70
C SER B 317 -12.87 -33.68 1.81
N THR B 318 -11.61 -33.60 1.41
CA THR B 318 -10.53 -33.52 2.38
C THR B 318 -9.67 -32.29 2.22
N PHE B 319 -9.26 -31.71 3.33
CA PHE B 319 -8.41 -30.55 3.29
C PHE B 319 -7.28 -30.73 4.29
N VAL B 320 -6.08 -30.32 3.89
CA VAL B 320 -4.93 -30.42 4.76
C VAL B 320 -3.97 -29.26 4.56
N ARG B 321 -3.53 -28.66 5.67
CA ARG B 321 -2.60 -27.54 5.63
C ARG B 321 -1.45 -27.80 6.61
N HIS B 322 -0.22 -27.68 6.11
CA HIS B 322 0.97 -27.89 6.95
C HIS B 322 1.51 -26.55 7.41
N LEU B 323 1.43 -26.27 8.71
CA LEU B 323 1.91 -25.00 9.24
C LEU B 323 3.44 -24.92 9.29
N PRO B 324 4.05 -24.03 8.49
CA PRO B 324 5.50 -23.86 8.44
C PRO B 324 6.19 -23.09 9.58
N GLU B 325 7.51 -23.25 9.67
CA GLU B 325 8.31 -22.58 10.67
C GLU B 325 8.53 -21.15 10.25
N SER B 326 9.01 -20.96 9.03
CA SER B 326 9.25 -19.61 8.53
C SER B 326 8.34 -19.26 7.35
N ARG B 327 7.99 -17.99 7.27
CA ARG B 327 7.14 -17.43 6.23
C ARG B 327 7.84 -17.72 4.90
N THR B 328 7.09 -17.92 3.80
CA THR B 328 7.79 -18.19 2.55
C THR B 328 7.73 -17.06 1.55
N ARG B 329 8.48 -17.23 0.47
CA ARG B 329 8.57 -16.20 -0.57
C ARG B 329 7.95 -16.59 -1.90
N SER B 330 8.04 -17.88 -2.26
CA SER B 330 7.50 -18.32 -3.53
C SER B 330 5.98 -18.48 -3.52
N GLN B 331 5.43 -18.70 -4.70
CA GLN B 331 3.98 -18.87 -4.88
C GLN B 331 3.72 -20.02 -5.83
N LYS B 332 2.58 -20.67 -5.67
CA LYS B 332 2.24 -21.77 -6.55
C LYS B 332 0.83 -22.25 -6.32
N LEU B 334 -1.85 -25.33 -8.19
CA LEU B 334 -2.12 -26.35 -9.18
C LEU B 334 -3.51 -26.88 -8.99
N GLU B 335 -4.13 -27.28 -10.09
CA GLU B 335 -5.47 -27.87 -10.11
C GLU B 335 -5.28 -29.09 -10.97
N GLY B 336 -5.65 -30.26 -10.47
CA GLY B 336 -5.45 -31.45 -11.26
C GLY B 336 -6.53 -32.47 -11.06
N THR B 337 -6.42 -33.57 -11.78
CA THR B 337 -7.43 -34.61 -11.68
C THR B 337 -6.91 -36.04 -11.57
N SER B 338 -7.71 -36.84 -10.87
CA SER B 338 -7.50 -38.26 -10.58
C SER B 338 -8.79 -38.42 -9.78
N GLY B 339 -9.14 -37.28 -9.18
CA GLY B 339 -10.32 -37.01 -8.36
C GLY B 339 -10.22 -35.52 -8.62
N GLU B 340 -10.55 -34.64 -7.68
CA GLU B 340 -10.40 -33.21 -7.96
C GLU B 340 -9.51 -32.53 -6.93
N ASN B 341 -8.29 -32.18 -7.32
CA ASN B 341 -7.36 -31.54 -6.41
C ASN B 341 -6.92 -30.11 -6.79
N GLY B 342 -6.48 -29.36 -5.79
CA GLY B 342 -6.01 -28.00 -5.97
C GLY B 342 -5.07 -27.71 -4.80
N GLU B 343 -3.89 -27.16 -5.07
CA GLU B 343 -2.93 -26.86 -4.01
C GLU B 343 -2.35 -25.44 -4.01
N GLU B 344 -2.24 -24.85 -2.83
CA GLU B 344 -1.69 -23.50 -2.65
C GLU B 344 -0.33 -23.56 -1.98
N ASP B 345 0.60 -22.74 -2.44
CA ASP B 345 1.96 -22.69 -1.86
C ASP B 345 2.33 -21.23 -1.72
N PHE B 346 1.70 -20.52 -0.81
CA PHE B 346 2.01 -19.11 -0.65
C PHE B 346 2.33 -18.71 0.77
N SER B 347 3.40 -17.94 0.93
CA SER B 347 3.84 -17.43 2.24
C SER B 347 3.96 -18.47 3.35
N ILE B 348 3.18 -18.28 4.39
CA ILE B 348 3.16 -19.16 5.54
C ILE B 348 2.04 -20.20 5.25
N ASP B 349 1.61 -20.25 4.01
CA ASP B 349 0.55 -21.17 3.67
C ASP B 349 0.95 -22.29 2.69
N ARG B 350 0.55 -23.51 3.02
CA ARG B 350 0.78 -24.70 2.21
C ARG B 350 -0.52 -25.48 2.32
N THR B 351 -1.41 -25.20 1.38
CA THR B 351 -2.77 -25.76 1.34
C THR B 351 -3.00 -26.89 0.36
N ASN B 352 -4.06 -27.64 0.60
CA ASN B 352 -4.44 -28.74 -0.26
C ASN B 352 -5.83 -29.29 0.04
N GLU B 353 -6.56 -29.61 -1.03
CA GLU B 353 -7.91 -30.13 -0.91
C GLU B 353 -8.26 -31.15 -1.98
N LEU B 354 -9.29 -31.94 -1.71
CA LEU B 354 -9.73 -32.95 -2.64
C LEU B 354 -11.19 -33.34 -2.53
N THR B 355 -11.76 -33.73 -3.65
CA THR B 355 -13.15 -34.16 -3.73
C THR B 355 -13.39 -35.16 -4.83
N GLN B 356 -14.35 -36.04 -4.59
CA GLN B 356 -14.72 -37.07 -5.56
C GLN B 356 -16.21 -37.30 -5.39
N ALA B 357 -16.93 -37.29 -6.51
CA ALA B 357 -18.38 -37.52 -6.50
C ALA B 357 -18.73 -38.82 -5.78
N SER C 2 -5.75 34.64 24.24
CA SER C 2 -5.83 33.48 23.31
C SER C 2 -4.95 33.63 22.05
N LEU C 3 -4.95 32.59 21.24
CA LEU C 3 -4.17 32.49 20.00
C LEU C 3 -3.88 33.76 19.21
N ARG C 4 -2.59 33.93 18.87
CA ARG C 4 -2.15 35.06 18.06
C ARG C 4 -1.39 34.51 16.84
N HIS C 5 -0.60 33.46 17.08
CA HIS C 5 0.17 32.83 16.00
C HIS C 5 0.11 31.30 16.03
N LEU C 6 -0.59 30.68 15.08
CA LEU C 6 -0.61 29.24 15.07
C LEU C 6 -0.14 28.73 13.72
N TYR C 7 -0.14 27.42 13.50
CA TYR C 7 0.40 26.95 12.23
C TYR C 7 0.17 25.46 11.88
N ILE C 8 -0.30 25.25 10.67
CA ILE C 8 -0.67 23.93 10.14
C ILE C 8 0.37 22.85 9.86
N GLU C 9 0.43 21.87 10.75
CA GLU C 9 1.35 20.73 10.65
C GLU C 9 0.63 19.60 9.91
N GLU C 10 -0.49 19.96 9.31
CA GLU C 10 -1.34 19.03 8.57
C GLU C 10 -0.70 17.87 7.77
N GLY C 11 0.18 18.19 6.83
CA GLY C 11 0.81 17.16 6.02
C GLY C 11 1.50 16.05 6.77
N ARG C 12 2.15 16.40 7.89
CA ARG C 12 2.87 15.42 8.68
C ARG C 12 1.94 14.31 9.19
N THR C 13 0.72 14.66 9.56
CA THR C 13 -0.23 13.68 10.07
C THR C 13 -0.83 12.86 8.96
N VAL C 14 -0.80 13.36 7.73
CA VAL C 14 -1.33 12.59 6.62
C VAL C 14 -0.31 11.49 6.29
N CYS C 15 0.96 11.87 6.22
CA CYS C 15 2.03 10.91 5.93
C CYS C 15 2.14 9.93 7.08
N ALA C 16 2.02 10.46 8.30
CA ALA C 16 2.12 9.63 9.47
C ALA C 16 0.96 8.64 9.51
N SER C 17 -0.26 9.11 9.24
CA SER C 17 -1.40 8.21 9.21
C SER C 17 -1.17 7.22 8.09
N ALA C 18 -0.58 7.69 6.99
CA ALA C 18 -0.29 6.85 5.81
C ALA C 18 0.51 5.63 6.28
N THR C 19 1.62 5.87 6.95
CA THR C 19 2.37 4.75 7.47
C THR C 19 1.56 4.38 8.71
N SER C 20 1.88 3.26 9.36
CA SER C 20 1.11 2.84 10.52
C SER C 20 1.37 3.48 11.89
N ARG C 21 2.42 4.27 12.02
CA ARG C 21 2.70 4.83 13.32
C ARG C 21 3.18 6.27 13.35
N ASN C 22 3.11 6.85 14.55
CA ASN C 22 3.51 8.22 14.77
C ASN C 22 3.50 8.47 16.28
N ARG C 23 3.98 9.64 16.67
CA ARG C 23 4.00 10.06 18.06
C ARG C 23 4.28 11.54 17.98
N ARG C 24 3.37 12.36 18.48
CA ARG C 24 3.59 13.78 18.41
C ARG C 24 3.66 14.46 19.76
N PRO C 25 4.87 14.64 20.29
CA PRO C 25 5.02 15.29 21.59
C PRO C 25 4.90 16.80 21.45
N THR C 26 4.39 17.45 22.49
CA THR C 26 4.31 18.90 22.52
C THR C 26 5.16 19.18 23.75
N SER C 27 5.88 20.29 23.76
CA SER C 27 6.73 20.59 24.90
C SER C 27 7.11 22.06 24.87
N GLU C 28 7.89 22.47 25.87
CA GLU C 28 8.45 23.83 25.99
C GLU C 28 7.60 24.95 26.59
N SER C 29 7.96 26.18 26.24
CA SER C 29 7.35 27.44 26.69
C SER C 29 8.28 28.11 27.68
N SER C 32 9.05 24.07 33.28
CA SER C 32 9.00 23.57 31.91
C SER C 32 9.53 22.15 31.87
N ASP C 33 9.16 21.37 32.89
CA ASP C 33 9.62 20.00 33.05
C ASP C 33 8.78 18.91 32.38
N ASP C 34 7.53 19.19 32.05
CA ASP C 34 6.68 18.16 31.47
C ASP C 34 6.61 18.11 29.95
N VAL C 35 6.34 16.92 29.44
CA VAL C 35 6.24 16.66 28.02
C VAL C 35 4.97 15.85 27.80
N VAL C 36 4.32 16.07 26.66
CA VAL C 36 3.09 15.33 26.39
C VAL C 36 3.02 14.74 25.01
N VAL C 37 2.62 13.47 24.98
CA VAL C 37 2.45 12.75 23.73
C VAL C 37 0.97 12.96 23.46
N VAL C 38 0.65 14.00 22.70
CA VAL C 38 -0.74 14.31 22.38
C VAL C 38 -1.46 13.17 21.68
N GLU C 39 -0.73 12.43 20.85
CA GLU C 39 -1.30 11.32 20.12
C GLU C 39 -0.23 10.46 19.48
N GLY C 40 -0.47 9.15 19.45
CA GLY C 40 0.45 8.20 18.86
C GLY C 40 -0.35 7.02 18.33
N LEU C 42 0.31 2.86 17.68
CA LEU C 42 1.14 1.65 17.70
C LEU C 42 0.90 0.95 16.37
N ARG C 43 1.95 0.45 15.73
CA ARG C 43 1.73 -0.22 14.47
C ARG C 43 0.93 -1.49 14.66
N GLY C 44 0.19 -1.85 13.62
CA GLY C 44 -0.64 -3.03 13.67
C GLY C 44 -1.80 -2.86 14.63
N ARG C 45 -2.20 -1.61 14.88
CA ARG C 45 -3.30 -1.32 15.79
C ARG C 45 -4.18 -0.12 15.44
N PRO C 46 -5.01 -0.25 14.38
CA PRO C 46 -5.90 0.84 13.97
C PRO C 46 -6.93 1.07 15.09
N GLU C 47 -7.70 2.14 14.97
CA GLU C 47 -8.67 2.47 16.02
C GLU C 47 -8.22 2.10 17.44
N THR C 48 -6.99 2.48 17.75
CA THR C 48 -6.38 2.34 19.06
C THR C 48 -5.35 3.42 19.00
N ARG C 49 -5.52 4.42 19.85
CA ARG C 49 -4.61 5.54 19.87
C ARG C 49 -4.04 5.68 21.26
N VAL C 50 -2.94 6.39 21.37
CA VAL C 50 -2.32 6.59 22.66
C VAL C 50 -2.17 8.05 22.98
N HIS C 51 -2.09 8.35 24.26
CA HIS C 51 -1.91 9.71 24.72
C HIS C 51 -1.12 9.56 25.99
N ALA C 52 -0.03 10.31 26.13
CA ALA C 52 0.78 10.18 27.32
C ALA C 52 1.17 11.52 27.92
N PHE C 54 4.13 13.21 30.76
CA PHE C 54 5.26 13.03 31.64
C PHE C 54 5.58 14.32 32.38
N ASP C 55 5.38 14.30 33.69
CA ASP C 55 5.66 15.47 34.50
C ASP C 55 6.90 15.20 35.35
N GLY C 56 8.01 15.84 35.00
CA GLY C 56 9.25 15.61 35.71
C GLY C 56 9.60 16.51 36.88
N PHE C 57 10.15 15.93 37.94
CA PHE C 57 10.53 16.76 39.09
C PHE C 57 11.98 17.21 38.98
N GLN C 58 12.13 18.53 39.01
CA GLN C 58 13.40 19.21 38.88
C GLN C 58 14.32 18.56 37.88
N GLY C 59 13.98 18.86 36.62
CA GLY C 59 14.69 18.34 35.48
C GLY C 59 13.69 17.88 34.43
N ARG C 60 13.99 18.14 33.16
CA ARG C 60 13.09 17.73 32.09
C ARG C 60 13.65 16.49 31.37
N HIS C 61 14.92 16.17 31.65
CA HIS C 61 15.62 15.04 31.02
C HIS C 61 14.92 13.70 31.20
N SER C 62 14.52 13.40 32.43
CA SER C 62 13.85 12.15 32.69
C SER C 62 12.47 12.08 32.00
N ALA C 63 11.80 13.22 31.89
CA ALA C 63 10.51 13.25 31.22
C ALA C 63 10.76 13.12 29.71
N TRP C 65 13.12 11.85 27.96
CA TRP C 65 13.63 10.57 27.47
C TRP C 65 12.42 9.67 27.28
N LEU C 66 11.54 9.74 28.26
CA LEU C 66 10.33 8.94 28.24
C LEU C 66 9.43 9.28 27.07
N ALA C 67 9.11 10.56 26.94
CA ALA C 67 8.25 11.03 25.86
C ALA C 67 8.76 10.65 24.47
N GLN C 68 10.08 10.48 24.32
CA GLN C 68 10.62 10.12 23.01
C GLN C 68 11.05 8.65 22.90
N ASN C 69 10.84 7.87 23.96
CA ASN C 69 11.20 6.46 23.94
C ASN C 69 10.03 5.55 24.25
N VAL C 70 8.90 6.13 24.67
CA VAL C 70 7.77 5.30 25.04
C VAL C 70 7.09 4.49 23.93
N ASN C 72 8.47 3.22 21.57
CA ASN C 72 9.39 2.13 21.24
C ASN C 72 8.95 0.92 22.06
N TYR C 73 8.73 1.14 23.35
CA TYR C 73 8.33 0.07 24.22
C TYR C 73 6.88 -0.33 23.95
N LEU C 74 6.00 0.65 23.84
CA LEU C 74 4.58 0.36 23.59
C LEU C 74 4.33 -0.57 22.40
N ASN C 75 5.18 -0.49 21.37
CA ASN C 75 5.03 -1.36 20.22
C ASN C 75 5.50 -2.77 20.54
N ASP C 76 5.81 -3.00 21.81
CA ASP C 76 6.27 -4.30 22.25
C ASP C 76 5.17 -5.02 23.02
N LEU C 77 4.10 -4.29 23.32
CA LEU C 77 2.95 -4.86 24.02
C LEU C 77 2.35 -5.97 23.15
N ARG C 78 2.27 -7.18 23.70
CA ARG C 78 1.71 -8.31 22.96
C ARG C 78 0.21 -8.23 22.93
N ASP C 79 -0.30 -7.27 23.67
CA ASP C 79 -1.72 -7.01 23.77
C ASP C 79 -1.81 -5.85 24.73
N VAL C 80 -2.92 -5.14 24.71
CA VAL C 80 -3.05 -4.01 25.60
C VAL C 80 -3.89 -4.39 26.80
N ASN C 81 -3.22 -4.60 27.92
CA ASN C 81 -3.84 -4.96 29.19
C ASN C 81 -2.87 -4.67 30.32
N GLU C 82 -3.33 -4.91 31.53
CA GLU C 82 -2.51 -4.67 32.71
C GLU C 82 -1.16 -5.37 32.66
N GLU C 83 -1.16 -6.70 32.64
CA GLU C 83 0.09 -7.47 32.61
C GLU C 83 1.08 -6.98 31.59
N GLU C 84 0.61 -6.74 30.37
CA GLU C 84 1.49 -6.27 29.30
C GLU C 84 1.95 -4.82 29.49
N ILE C 85 1.08 -3.97 30.04
CA ILE C 85 1.42 -2.58 30.26
C ILE C 85 2.40 -2.41 31.42
N THR C 86 2.24 -3.24 32.45
CA THR C 86 3.10 -3.20 33.62
C THR C 86 4.52 -3.65 33.28
N ARG C 87 4.61 -4.67 32.44
CA ARG C 87 5.88 -5.24 32.03
C ARG C 87 6.75 -4.25 31.28
N GLN C 88 6.13 -3.43 30.45
CA GLN C 88 6.87 -2.45 29.67
C GLN C 88 7.37 -1.34 30.59
N PHE C 89 6.57 -1.01 31.60
CA PHE C 89 6.96 0.02 32.55
C PHE C 89 8.25 -0.44 33.19
N GLU C 90 8.37 -1.75 33.38
CA GLU C 90 9.55 -2.33 34.00
C GLU C 90 10.77 -2.04 33.15
N ARG C 91 10.71 -2.47 31.90
CA ARG C 91 11.79 -2.27 30.96
C ARG C 91 12.18 -0.80 30.85
N ASP C 93 11.64 1.78 32.94
CA ASP C 93 12.30 2.25 34.15
C ASP C 93 13.67 1.62 34.25
N GLY C 94 13.81 0.42 33.71
CA GLY C 94 15.09 -0.24 33.73
C GLY C 94 16.07 0.45 32.80
N ASP C 95 15.70 0.56 31.53
CA ASP C 95 16.57 1.17 30.53
C ASP C 95 16.84 2.63 30.85
N LEU C 96 15.92 3.28 31.54
CA LEU C 96 16.11 4.68 31.89
C LEU C 96 17.24 4.82 32.92
N ARG C 97 17.31 3.88 33.85
CA ARG C 97 18.36 3.90 34.87
C ARG C 97 19.75 3.91 34.20
N ALA C 98 19.87 3.21 33.07
CA ALA C 98 21.11 3.13 32.33
C ALA C 98 21.41 4.38 31.53
N ALA C 99 20.41 5.24 31.36
CA ALA C 99 20.61 6.47 30.62
C ALA C 99 21.29 7.48 31.54
N ASN C 100 21.42 7.12 32.79
CA ASN C 100 22.05 7.99 33.79
C ASN C 100 21.53 9.42 33.67
N LEU C 101 20.22 9.61 33.77
CA LEU C 101 19.67 10.95 33.71
C LEU C 101 19.28 11.37 35.13
N PRO C 102 19.24 12.68 35.39
CA PRO C 102 18.89 13.22 36.71
C PRO C 102 17.45 12.84 37.12
N GLY C 103 17.28 11.61 37.59
CA GLY C 103 15.98 11.10 38.01
C GLY C 103 14.89 12.11 38.29
N GLY C 104 13.69 11.86 37.78
CA GLY C 104 12.59 12.78 38.00
C GLY C 104 11.46 12.85 36.99
N SER C 105 10.39 12.05 37.20
CA SER C 105 9.22 12.09 36.31
C SER C 105 8.07 11.11 36.57
N SER C 106 6.86 11.68 36.59
CA SER C 106 5.64 10.93 36.79
C SER C 106 5.16 10.58 35.42
N ALA C 107 4.16 9.71 35.35
CA ALA C 107 3.64 9.30 34.08
C ALA C 107 2.16 9.01 34.13
N LEU C 108 1.53 9.20 32.98
CA LEU C 108 0.12 8.94 32.82
C LEU C 108 -0.05 8.55 31.37
N ILE C 109 -0.48 7.32 31.14
CA ILE C 109 -0.66 6.85 29.78
C ILE C 109 -2.10 6.42 29.52
N ILE C 110 -2.65 6.89 28.41
CA ILE C 110 -4.01 6.54 28.07
C ILE C 110 -4.09 5.80 26.74
N PHE C 111 -4.67 4.61 26.78
CA PHE C 111 -4.87 3.81 25.57
C PHE C 111 -6.36 3.92 25.27
N VAL C 112 -6.70 4.31 24.04
CA VAL C 112 -8.10 4.42 23.69
C VAL C 112 -8.46 3.61 22.44
N ARG C 113 -9.29 2.59 22.63
CA ARG C 113 -9.72 1.72 21.53
C ARG C 113 -11.22 1.85 21.36
N TYR C 114 -11.67 1.79 20.12
CA TYR C 114 -13.09 1.85 19.82
C TYR C 114 -13.44 0.54 19.17
N GLU C 115 -14.54 -0.05 19.61
CA GLU C 115 -15.00 -1.29 19.01
C GLU C 115 -16.44 -1.07 18.63
N LYS C 116 -16.71 -1.23 17.33
CA LYS C 116 -18.05 -1.02 16.81
C LYS C 116 -19.05 -1.95 17.48
N LYS C 117 -18.63 -3.19 17.73
CA LYS C 117 -19.50 -4.16 18.37
C LYS C 117 -19.02 -4.74 19.71
N PRO C 118 -19.22 -3.98 20.79
CA PRO C 118 -18.80 -4.43 22.13
C PRO C 118 -19.62 -5.62 22.61
N THR C 119 -18.95 -6.53 23.31
CA THR C 119 -19.60 -7.74 23.83
C THR C 119 -20.08 -7.58 25.28
N GLU C 120 -19.23 -7.89 26.24
CA GLU C 120 -19.63 -7.74 27.63
C GLU C 120 -18.48 -7.76 28.63
N ALA C 121 -18.77 -7.29 29.84
CA ALA C 121 -17.78 -7.22 30.90
C ALA C 121 -18.44 -7.07 32.26
N ARG C 122 -17.74 -7.44 33.33
CA ARG C 122 -18.29 -7.28 34.65
C ARG C 122 -17.88 -5.86 34.97
N VAL C 123 -18.85 -5.05 35.34
CA VAL C 123 -18.58 -3.64 35.58
C VAL C 123 -19.11 -2.99 36.86
N VAL C 124 -18.30 -2.08 37.39
CA VAL C 124 -18.64 -1.29 38.56
C VAL C 124 -18.83 0.12 38.05
N GLY C 125 -20.09 0.48 37.82
CA GLY C 125 -20.42 1.81 37.35
C GLY C 125 -19.36 2.46 36.48
N ARG C 126 -19.26 1.98 35.25
CA ARG C 126 -18.32 2.50 34.25
C ARG C 126 -16.94 1.85 34.24
N GLN C 127 -16.44 1.42 35.38
CA GLN C 127 -15.12 0.80 35.39
C GLN C 127 -15.28 -0.66 35.03
N ILE C 128 -14.41 -1.16 34.19
CA ILE C 128 -14.48 -2.55 33.81
C ILE C 128 -13.60 -3.37 34.74
N VAL C 129 -14.21 -4.30 35.47
CA VAL C 129 -13.46 -5.15 36.38
C VAL C 129 -12.73 -6.18 35.53
N PRO C 130 -11.44 -6.37 35.79
CA PRO C 130 -10.66 -7.33 35.02
C PRO C 130 -10.91 -8.76 35.43
N GLU C 131 -10.67 -9.70 34.51
CA GLU C 131 -10.85 -11.10 34.80
C GLU C 131 -9.82 -11.54 35.83
N GLY C 132 -10.30 -12.30 36.81
CA GLY C 132 -9.44 -12.73 37.88
C GLY C 132 -9.72 -11.71 38.96
N ALA C 133 -11.00 -11.35 39.08
CA ALA C 133 -11.45 -10.37 40.06
C ALA C 133 -10.41 -9.28 40.26
N GLU C 135 -9.78 -9.34 44.42
CA GLU C 135 -10.15 -8.32 45.38
C GLU C 135 -10.23 -6.92 44.74
N PHE C 136 -11.07 -6.78 43.74
CA PHE C 136 -11.19 -5.50 43.06
C PHE C 136 -11.79 -4.37 43.91
N THR C 137 -11.16 -3.20 43.81
CA THR C 137 -11.57 -1.99 44.53
C THR C 137 -11.56 -0.81 43.54
N SER C 138 -10.38 -0.22 43.35
CA SER C 138 -10.23 0.88 42.40
C SER C 138 -10.93 2.22 42.60
N VAL C 139 -10.57 3.12 41.69
CA VAL C 139 -10.98 4.52 41.60
C VAL C 139 -12.14 5.08 42.40
N ALA C 140 -13.38 4.86 41.95
CA ALA C 140 -14.51 5.43 42.67
C ALA C 140 -14.50 5.26 44.19
N GLU C 141 -14.50 4.01 44.66
CA GLU C 141 -14.52 3.73 46.10
C GLU C 141 -13.22 4.21 46.76
N ALA C 142 -12.10 3.98 46.08
CA ALA C 142 -10.80 4.37 46.62
C ALA C 142 -10.71 5.88 46.82
N LEU C 143 -11.51 6.63 46.08
CA LEU C 143 -11.52 8.08 46.21
C LEU C 143 -12.60 8.42 47.22
N GLY C 144 -13.11 7.39 47.89
CA GLY C 144 -14.14 7.58 48.88
C GLY C 144 -15.43 8.02 48.23
N GLY C 145 -16.06 7.10 47.51
CA GLY C 145 -17.31 7.41 46.84
C GLY C 145 -18.35 6.37 47.22
N PRO C 146 -19.62 6.59 46.85
CA PRO C 146 -20.65 5.60 47.20
C PRO C 146 -20.34 4.27 46.56
N LEU C 147 -20.31 3.22 47.37
CA LEU C 147 -20.03 1.89 46.84
C LEU C 147 -21.11 1.52 45.84
N PRO C 149 -22.38 -1.71 43.13
CA PRO C 149 -22.23 -3.15 42.88
C PRO C 149 -21.56 -3.52 41.55
N VAL C 150 -21.14 -4.77 41.46
CA VAL C 150 -20.53 -5.29 40.24
C VAL C 150 -21.63 -5.94 39.43
N VAL C 151 -21.89 -5.40 38.25
CA VAL C 151 -22.95 -5.95 37.41
C VAL C 151 -22.42 -6.63 36.17
N ALA C 152 -23.16 -7.63 35.72
CA ALA C 152 -22.82 -8.35 34.51
C ALA C 152 -23.47 -7.55 33.36
N ASN C 154 -24.14 -6.38 29.62
CA ASN C 154 -24.18 -6.96 28.27
C ASN C 154 -24.37 -5.82 27.30
N PHE C 155 -23.28 -5.34 26.72
CA PHE C 155 -23.34 -4.22 25.79
C PHE C 155 -24.15 -4.57 24.56
N ARG C 156 -24.26 -5.85 24.27
CA ARG C 156 -25.02 -6.30 23.12
C ARG C 156 -26.49 -5.94 23.29
N ARG C 157 -26.94 -5.84 24.53
CA ARG C 157 -28.32 -5.50 24.82
C ARG C 157 -28.44 -4.18 25.58
N ASP C 158 -27.51 -3.27 25.28
CA ASP C 158 -27.49 -1.95 25.90
C ASP C 158 -27.89 -0.95 24.82
N PRO C 159 -28.86 -0.07 25.12
CA PRO C 159 -29.34 0.94 24.16
C PRO C 159 -28.23 1.90 23.82
N ARG C 160 -27.70 2.55 24.85
CA ARG C 160 -26.63 3.51 24.70
C ARG C 160 -25.48 2.86 23.93
N ALA C 161 -25.04 3.54 22.88
CA ALA C 161 -23.97 3.03 22.05
C ALA C 161 -24.35 1.70 21.38
N ALA C 162 -25.21 1.83 20.37
CA ALA C 162 -25.63 0.70 19.56
C ALA C 162 -24.70 0.95 18.37
N LYS C 163 -23.94 2.03 18.50
CA LYS C 163 -22.97 2.46 17.50
C LYS C 163 -21.58 2.33 18.10
N GLY C 164 -21.47 1.49 19.12
CA GLY C 164 -20.18 1.24 19.75
C GLY C 164 -19.81 2.02 20.99
N ILE C 165 -18.70 1.62 21.60
CA ILE C 165 -18.19 2.25 22.81
C ILE C 165 -16.68 2.40 22.68
N TYR C 166 -16.10 3.17 23.59
CA TYR C 166 -14.67 3.39 23.60
C TYR C 166 -14.07 2.76 24.85
N THR C 167 -13.11 1.85 24.66
CA THR C 167 -12.46 1.22 25.79
C THR C 167 -11.26 2.06 26.20
N ILE C 168 -11.21 2.43 27.48
CA ILE C 168 -10.12 3.23 27.97
C ILE C 168 -9.26 2.52 28.98
N HIS C 169 -7.95 2.55 28.74
CA HIS C 169 -6.98 1.96 29.65
C HIS C 169 -6.13 3.09 30.17
N VAL C 170 -6.05 3.21 31.48
CA VAL C 170 -5.22 4.25 32.00
C VAL C 170 -4.10 3.62 32.81
N ALA C 171 -2.86 3.99 32.46
CA ALA C 171 -1.69 3.51 33.16
C ALA C 171 -1.16 4.72 33.92
N SER C 172 -1.58 4.89 35.16
CA SER C 172 -1.12 6.02 35.96
C SER C 172 0.01 5.67 36.92
N LEU C 173 0.97 6.58 37.02
CA LEU C 173 2.13 6.42 37.89
C LEU C 173 2.61 7.80 38.29
N GLY C 174 2.09 8.31 39.39
CA GLY C 174 2.50 9.63 39.83
C GLY C 174 1.33 10.46 40.30
N ASN C 175 1.50 11.78 40.27
CA ASN C 175 0.45 12.68 40.72
C ASN C 175 -0.39 13.31 39.63
N SER C 176 -0.33 12.80 38.40
CA SER C 176 -1.15 13.37 37.35
C SER C 176 -2.56 12.84 37.51
N ARG C 177 -3.53 13.52 36.90
CA ARG C 177 -4.93 13.11 37.01
C ARG C 177 -5.58 12.97 35.65
N CYS C 178 -6.53 12.05 35.58
CA CYS C 178 -7.23 11.76 34.34
C CYS C 178 -8.72 11.54 34.64
N VAL C 179 -9.59 12.34 34.03
CA VAL C 179 -11.02 12.19 34.30
C VAL C 179 -11.88 11.97 33.06
N LEU C 180 -12.99 11.25 33.25
CA LEU C 180 -13.90 10.96 32.15
C LEU C 180 -15.14 11.85 32.25
N LYS C 181 -15.47 12.54 31.17
CA LYS C 181 -16.65 13.40 31.15
C LYS C 181 -17.74 12.71 30.38
N SER C 182 -18.97 12.83 30.88
CA SER C 182 -20.11 12.24 30.22
C SER C 182 -21.30 13.11 30.59
N GLY C 183 -21.75 13.92 29.63
CA GLY C 183 -22.88 14.80 29.87
C GLY C 183 -22.51 15.87 30.89
N ARG C 184 -23.09 15.77 32.08
CA ARG C 184 -22.82 16.70 33.16
C ARG C 184 -22.10 15.94 34.23
N THR C 185 -21.61 14.77 33.87
CA THR C 185 -20.91 13.93 34.81
C THR C 185 -19.40 13.97 34.64
N ALA C 186 -18.71 13.90 35.78
CA ALA C 186 -17.26 13.88 35.83
C ALA C 186 -16.88 12.62 36.62
N ILE C 187 -15.87 11.89 36.16
CA ILE C 187 -15.46 10.66 36.84
C ILE C 187 -13.96 10.42 36.73
N HIS C 188 -13.33 10.12 37.86
CA HIS C 188 -11.89 9.86 37.89
C HIS C 188 -11.53 8.49 37.34
N LEU C 189 -10.36 8.42 36.72
CA LEU C 189 -9.88 7.18 36.14
C LEU C 189 -8.63 6.71 36.86
N SER C 190 -8.11 7.55 37.75
CA SER C 190 -6.91 7.21 38.48
C SER C 190 -6.84 7.83 39.86
N THR C 191 -6.00 7.26 40.71
CA THR C 191 -5.81 7.74 42.07
C THR C 191 -4.38 8.27 42.14
N PRO C 192 -4.21 9.55 42.54
CA PRO C 192 -2.85 10.09 42.63
C PRO C 192 -1.97 9.40 43.68
N HIS C 193 -0.68 9.30 43.38
CA HIS C 193 0.29 8.66 44.27
C HIS C 193 1.00 9.70 45.14
N THR C 194 0.34 10.09 46.22
CA THR C 194 0.87 11.09 47.12
C THR C 194 0.75 10.61 48.55
N ALA C 195 1.28 11.37 49.51
CA ALA C 195 1.18 10.96 50.91
C ALA C 195 -0.27 10.90 51.36
N SER C 196 -1.13 11.58 50.62
CA SER C 196 -2.56 11.62 50.94
C SER C 196 -3.17 10.26 50.76
N SER C 197 -2.58 9.43 49.90
CA SER C 197 -3.10 8.10 49.65
C SER C 197 -2.82 7.10 50.76
N HIS C 198 -3.81 6.85 51.61
CA HIS C 198 -3.64 5.92 52.72
C HIS C 198 -2.84 4.69 52.30
N LYS C 199 -3.15 4.13 51.13
CA LYS C 199 -2.42 2.95 50.67
C LYS C 199 -0.95 3.25 50.36
N GLU C 200 -0.69 4.32 49.63
CA GLU C 200 0.68 4.68 49.27
C GLU C 200 1.55 4.96 50.48
N ARG C 201 1.09 5.89 51.30
CA ARG C 201 1.78 6.28 52.51
C ARG C 201 2.03 5.01 53.32
N HIS C 202 1.08 4.09 53.29
CA HIS C 202 1.25 2.86 54.03
C HIS C 202 2.33 1.97 53.43
N ARG C 203 2.23 1.69 52.14
CA ARG C 203 3.21 0.87 51.45
C ARG C 203 4.62 1.36 51.77
N VAL C 204 4.87 2.61 51.40
CA VAL C 204 6.17 3.24 51.62
C VAL C 204 6.68 3.12 53.04
N GLN C 205 5.87 3.57 54.00
CA GLN C 205 6.29 3.56 55.40
C GLN C 205 6.52 2.17 55.98
N ALA C 206 5.89 1.17 55.39
CA ALA C 206 6.06 -0.18 55.88
C ALA C 206 7.29 -0.76 55.20
N ALA C 207 7.74 -0.09 54.14
CA ALA C 207 8.91 -0.56 53.41
C ALA C 207 10.19 0.02 54.01
N GLY C 208 10.05 0.93 54.96
CA GLY C 208 11.19 1.54 55.60
C GLY C 208 11.50 2.97 55.20
N GLY C 209 10.96 3.41 54.07
CA GLY C 209 11.22 4.78 53.64
C GLY C 209 10.54 5.78 54.55
N VAL C 210 11.08 6.98 54.66
CA VAL C 210 10.43 7.95 55.53
C VAL C 210 10.13 9.29 54.86
N PHE C 211 8.92 9.80 55.11
CA PHE C 211 8.53 11.09 54.57
C PHE C 211 8.97 12.08 55.62
N THR C 212 9.40 13.25 55.18
CA THR C 212 9.84 14.26 56.12
C THR C 212 9.68 15.61 55.43
N THR C 213 9.28 16.64 56.18
CA THR C 213 9.08 17.92 55.54
C THR C 213 10.36 18.68 55.24
N VAL C 214 10.44 19.11 53.99
CA VAL C 214 11.58 19.84 53.48
C VAL C 214 11.08 21.04 52.68
N ASN C 215 11.43 22.22 53.16
CA ASN C 215 11.05 23.45 52.46
C ASN C 215 9.54 23.51 52.16
N GLY C 216 8.69 23.38 53.16
CA GLY C 216 7.25 23.44 52.91
C GLY C 216 6.40 22.17 52.99
N GLU C 217 6.42 21.32 51.97
CA GLU C 217 5.64 20.09 52.04
C GLU C 217 6.55 18.92 52.29
N LEU C 218 5.97 17.76 52.56
CA LEU C 218 6.77 16.58 52.83
C LEU C 218 7.05 15.74 51.60
N LEU C 219 8.30 15.32 51.48
CA LEU C 219 8.80 14.52 50.37
C LEU C 219 9.27 13.14 50.84
N LEU C 220 9.13 12.14 49.97
CA LEU C 220 9.57 10.81 50.31
C LEU C 220 11.11 10.89 50.48
N GLY C 221 11.61 10.43 51.63
CA GLY C 221 13.03 10.48 51.88
C GLY C 221 13.55 11.90 51.93
N GLY C 222 12.64 12.87 51.82
CA GLY C 222 13.10 14.24 51.87
C GLY C 222 13.47 14.73 50.48
N VAL C 223 13.05 14.03 49.44
CA VAL C 223 13.35 14.53 48.11
C VAL C 223 12.19 14.37 47.10
N VAL C 224 11.50 13.24 47.16
CA VAL C 224 10.43 12.98 46.20
C VAL C 224 9.05 13.56 46.50
N PRO C 225 8.44 14.21 45.51
CA PRO C 225 7.11 14.82 45.63
C PRO C 225 5.96 13.82 45.53
N THR C 227 4.82 9.18 45.44
CA THR C 227 5.20 7.86 45.90
C THR C 227 5.49 6.90 44.74
N ARG C 228 5.19 7.34 43.53
CA ARG C 228 5.43 6.54 42.34
C ARG C 228 5.97 7.39 41.22
N ALA C 229 7.03 6.91 40.58
CA ALA C 229 7.64 7.65 39.50
C ALA C 229 8.68 6.82 38.75
N PHE C 230 9.26 7.41 37.68
CA PHE C 230 10.27 6.75 36.86
C PHE C 230 11.73 6.96 37.29
N GLY C 231 12.10 8.17 37.71
CA GLY C 231 13.49 8.34 38.12
C GLY C 231 13.79 7.91 39.56
N SER C 232 14.25 8.87 40.36
CA SER C 232 14.58 8.68 41.76
C SER C 232 15.08 7.28 42.10
N PHE C 233 16.25 6.91 41.59
CA PHE C 233 16.76 5.57 41.83
C PHE C 233 17.29 5.30 43.23
N ASP C 234 17.62 6.37 43.94
CA ASP C 234 18.11 6.27 45.30
C ASP C 234 17.05 5.62 46.17
N PHE C 235 15.85 5.46 45.61
CA PHE C 235 14.75 4.86 46.35
C PHE C 235 14.16 3.71 45.56
N LYS C 236 14.99 3.09 44.75
CA LYS C 236 14.53 1.96 43.97
C LYS C 236 15.42 0.80 44.39
N LYS C 237 14.85 -0.39 44.47
CA LYS C 237 15.58 -1.60 44.85
C LYS C 237 16.90 -1.69 44.08
N GLN C 240 25.04 2.25 48.33
CA GLN C 240 23.87 1.44 48.01
C GLN C 240 23.25 0.75 49.22
N GLY C 241 22.01 1.11 49.54
CA GLY C 241 21.33 0.49 50.64
C GLY C 241 20.64 -0.72 50.04
N LYS C 242 20.59 -1.84 50.77
CA LYS C 242 19.93 -3.02 50.23
C LYS C 242 18.43 -2.81 50.29
N LEU C 243 17.94 -1.84 49.54
CA LEU C 243 16.51 -1.61 49.51
C LEU C 243 15.99 -2.74 48.69
N GLN C 244 15.46 -3.77 49.33
CA GLN C 244 14.93 -4.90 48.60
C GLN C 244 13.46 -4.67 48.29
N GLN C 245 13.01 -3.47 48.64
CA GLN C 245 11.64 -3.06 48.40
C GLN C 245 11.71 -1.70 47.75
N ASP C 246 11.01 -1.52 46.63
CA ASP C 246 11.03 -0.22 45.98
C ASP C 246 10.24 0.77 46.83
N LEU C 247 10.91 1.78 47.37
CA LEU C 247 10.19 2.76 48.15
C LEU C 247 9.37 3.55 47.14
N VAL C 248 10.02 4.00 46.08
CA VAL C 248 9.32 4.72 45.02
C VAL C 248 9.08 3.71 43.89
N SER C 249 7.87 3.16 43.85
CA SER C 249 7.53 2.17 42.83
C SER C 249 7.44 2.77 41.42
N ALA C 250 7.64 1.91 40.42
CA ALA C 250 7.52 2.32 39.02
C ALA C 250 6.48 1.36 38.41
N VAL C 251 5.75 0.69 39.30
CA VAL C 251 4.69 -0.21 38.90
C VAL C 251 3.43 0.65 38.86
N PRO C 252 2.90 0.90 37.66
CA PRO C 252 1.71 1.72 37.49
C PRO C 252 0.42 1.10 37.95
N ASP C 253 -0.53 2.00 38.20
CA ASP C 253 -1.88 1.67 38.61
C ASP C 253 -2.62 1.63 37.27
N VAL C 254 -3.03 0.45 36.84
CA VAL C 254 -3.73 0.30 35.58
C VAL C 254 -5.23 0.06 35.74
N THR C 255 -6.04 0.98 35.22
CA THR C 255 -7.49 0.86 35.32
C THR C 255 -8.11 0.78 33.92
N THR C 256 -9.33 0.26 33.83
CA THR C 256 -10.02 0.16 32.54
C THR C 256 -11.46 0.63 32.68
N PHE C 257 -11.94 1.40 31.70
CA PHE C 257 -13.29 1.93 31.68
C PHE C 257 -13.80 1.98 30.24
N PHE C 258 -15.12 2.07 30.07
CA PHE C 258 -15.67 2.20 28.73
C PHE C 258 -16.38 3.55 28.71
N ALA C 259 -16.48 4.15 27.53
CA ALA C 259 -17.11 5.44 27.39
C ALA C 259 -17.97 5.39 26.17
N TYR C 260 -19.12 6.06 26.25
CA TYR C 260 -20.05 6.09 25.14
C TYR C 260 -19.63 7.20 24.20
N PRO C 261 -20.00 7.12 22.91
CA PRO C 261 -19.62 8.20 21.98
C PRO C 261 -20.30 9.46 22.51
N GLY C 262 -19.61 10.58 22.42
CA GLY C 262 -20.17 11.81 22.94
C GLY C 262 -19.44 12.14 24.22
N ASP C 263 -18.75 11.17 24.81
CA ASP C 263 -17.99 11.39 26.04
C ASP C 263 -16.62 12.03 25.71
N ASP C 264 -15.98 12.62 26.72
CA ASP C 264 -14.67 13.27 26.59
C ASP C 264 -13.70 12.77 27.66
N ILE C 265 -12.41 12.84 27.37
CA ILE C 265 -11.38 12.44 28.31
C ILE C 265 -10.54 13.66 28.62
N VAL C 266 -10.32 13.92 29.89
CA VAL C 266 -9.53 15.07 30.29
C VAL C 266 -8.39 14.68 31.22
N ALA C 267 -7.21 15.25 30.95
CA ALA C 267 -6.03 14.96 31.74
C ALA C 267 -5.20 16.21 31.97
N GLY C 268 -4.33 16.15 32.96
CA GLY C 268 -3.48 17.28 33.25
C GLY C 268 -2.42 16.98 34.29
N THR C 269 -1.33 17.72 34.22
CA THR C 269 -0.25 17.55 35.19
C THR C 269 -0.76 17.99 36.56
N ALA C 270 -0.07 17.59 37.62
CA ALA C 270 -0.47 17.97 38.96
C ALA C 270 -0.74 19.46 39.07
N GLY C 271 -0.05 20.24 38.24
CA GLY C 271 -0.22 21.67 38.27
C GLY C 271 -1.60 22.11 37.78
N ALA C 272 -2.07 21.47 36.71
CA ALA C 272 -3.37 21.80 36.14
C ALA C 272 -4.46 21.79 37.20
N PHE C 273 -4.46 20.78 38.06
CA PHE C 273 -5.49 20.67 39.07
C PHE C 273 -5.02 21.13 40.46
N ALA C 274 -3.86 21.77 40.48
CA ALA C 274 -3.23 22.25 41.70
C ALA C 274 -4.06 22.83 42.86
N HIS C 275 -4.90 23.83 42.59
CA HIS C 275 -5.65 24.47 43.68
C HIS C 275 -7.15 24.26 43.86
N PHE C 276 -7.54 23.09 44.38
CA PHE C 276 -8.94 22.84 44.62
C PHE C 276 -9.15 22.36 46.04
N ARG C 277 -10.11 22.95 46.74
CA ARG C 277 -10.40 22.60 48.12
C ARG C 277 -10.65 21.09 48.33
N SER C 278 -10.82 20.36 47.24
CA SER C 278 -11.06 18.92 47.31
C SER C 278 -10.94 18.28 45.93
N HIS C 279 -10.81 16.96 45.90
CA HIS C 279 -10.70 16.27 44.63
C HIS C 279 -12.09 16.26 43.99
N ALA C 280 -13.11 16.54 44.80
CA ALA C 280 -14.48 16.57 44.31
C ALA C 280 -14.66 17.91 43.62
N ALA C 281 -13.96 18.92 44.13
CA ALA C 281 -14.03 20.25 43.55
C ALA C 281 -13.60 20.16 42.08
N ILE C 282 -12.53 19.40 41.84
CA ILE C 282 -11.97 19.19 40.51
C ILE C 282 -13.00 18.55 39.56
N ALA C 283 -13.58 17.44 39.98
CA ALA C 283 -14.57 16.77 39.15
C ALA C 283 -15.65 17.76 38.80
N ALA C 284 -16.08 18.52 39.81
CA ALA C 284 -17.13 19.51 39.62
C ALA C 284 -16.72 20.46 38.50
N ALA C 285 -15.59 21.14 38.68
CA ALA C 285 -15.10 22.08 37.68
C ALA C 285 -15.05 21.48 36.28
N ILE C 286 -14.32 20.39 36.12
CA ILE C 286 -14.21 19.74 34.83
C ILE C 286 -15.57 19.40 34.27
N ALA C 287 -16.55 19.26 35.16
CA ALA C 287 -17.90 18.95 34.72
C ALA C 287 -18.55 20.19 34.07
N LEU C 288 -18.13 21.37 34.50
CA LEU C 288 -18.66 22.61 33.91
C LEU C 288 -18.24 22.68 32.43
N TYR C 289 -16.95 22.46 32.17
CA TYR C 289 -16.37 22.50 30.81
C TYR C 289 -17.26 21.99 29.68
N PRO C 290 -17.22 22.67 28.53
CA PRO C 290 -18.04 22.27 27.39
C PRO C 290 -17.87 20.82 27.03
N VAL C 291 -18.96 20.06 27.04
CA VAL C 291 -18.92 18.67 26.61
C VAL C 291 -18.64 18.95 25.14
N SER C 292 -17.37 19.24 24.88
CA SER C 292 -16.84 19.63 23.58
C SER C 292 -17.13 18.87 22.28
N PRO C 293 -17.96 19.44 21.40
CA PRO C 293 -18.22 18.72 20.14
C PRO C 293 -16.95 18.87 19.31
N GLU C 294 -16.39 20.08 19.34
CA GLU C 294 -15.15 20.41 18.64
C GLU C 294 -14.60 21.72 19.26
N THR C 295 -15.02 21.99 20.49
CA THR C 295 -14.54 23.17 21.21
C THR C 295 -13.39 22.66 22.08
N VAL C 296 -12.87 21.51 21.66
CA VAL C 296 -11.77 20.82 22.32
C VAL C 296 -10.57 21.71 22.58
N LEU C 297 -10.00 22.29 21.54
CA LEU C 297 -8.83 23.14 21.71
C LEU C 297 -9.02 24.20 22.78
N ASP C 298 -10.15 24.89 22.76
CA ASP C 298 -10.39 25.93 23.74
C ASP C 298 -10.56 25.29 25.12
N ALA C 299 -11.11 24.08 25.12
CA ALA C 299 -11.34 23.32 26.35
C ALA C 299 -10.05 23.18 27.10
N ALA C 300 -9.02 22.67 26.43
CA ALA C 300 -7.74 22.51 27.06
C ALA C 300 -7.21 23.87 27.49
N LYS C 301 -7.19 24.83 26.56
CA LYS C 301 -6.71 26.18 26.82
C LYS C 301 -7.24 26.75 28.11
N ALA C 302 -8.55 26.61 28.32
CA ALA C 302 -9.19 27.16 29.51
C ALA C 302 -8.54 26.60 30.78
N VAL C 304 -5.60 25.71 31.29
CA VAL C 304 -4.29 26.35 31.47
C VAL C 304 -4.49 27.72 32.11
N VAL C 305 -5.25 28.57 31.43
CA VAL C 305 -5.53 29.91 31.94
C VAL C 305 -6.08 29.87 33.35
N ASN C 306 -7.09 29.03 33.56
CA ASN C 306 -7.73 28.91 34.86
C ASN C 306 -6.77 28.48 35.96
N ALA C 307 -5.90 27.53 35.65
CA ALA C 307 -4.92 27.06 36.65
C ALA C 307 -3.99 28.21 36.88
N LYS C 308 -3.87 29.06 35.87
CA LYS C 308 -3.03 30.23 35.98
C LYS C 308 -3.87 31.29 36.69
N ARG C 309 -5.19 31.11 36.63
CA ARG C 309 -6.13 32.03 37.27
C ARG C 309 -6.08 31.75 38.75
N ARG C 310 -5.96 30.47 39.09
CA ARG C 310 -5.80 30.07 40.48
C ARG C 310 -4.28 30.24 40.52
N LYS C 311 -3.65 30.12 41.68
CA LYS C 311 -2.21 30.32 41.66
C LYS C 311 -1.45 29.24 40.89
N VAL C 312 -0.41 29.67 40.18
CA VAL C 312 0.43 28.75 39.43
C VAL C 312 1.63 28.55 40.34
N THR C 313 2.06 27.31 40.48
CA THR C 313 3.20 27.04 41.33
C THR C 313 4.17 26.25 40.45
N LYS C 314 3.84 24.99 40.23
CA LYS C 314 4.65 24.11 39.40
C LYS C 314 4.32 24.51 37.95
N ASN C 315 4.61 23.63 37.00
CA ASN C 315 4.29 23.91 35.60
C ASN C 315 2.88 23.35 35.31
N ILE C 316 2.30 23.73 34.17
CA ILE C 316 0.94 23.29 33.84
C ILE C 316 0.77 22.72 32.42
N SER C 317 0.16 21.55 32.34
CA SER C 317 -0.09 20.93 31.05
C SER C 317 -1.44 20.24 31.03
N THR C 318 -2.15 20.42 29.93
CA THR C 318 -3.48 19.85 29.81
C THR C 318 -3.70 19.09 28.50
N PHE C 319 -4.66 18.17 28.55
CA PHE C 319 -5.00 17.35 27.40
C PHE C 319 -6.47 16.99 27.42
N VAL C 320 -7.08 17.03 26.25
CA VAL C 320 -8.48 16.69 26.13
C VAL C 320 -8.74 15.93 24.86
N ARG C 321 -9.55 14.89 24.97
CA ARG C 321 -9.92 14.13 23.80
C ARG C 321 -11.43 13.92 23.78
N HIS C 322 -12.01 14.07 22.59
CA HIS C 322 -13.42 13.86 22.46
C HIS C 322 -13.65 12.62 21.65
N LEU C 323 -14.47 11.73 22.20
CA LEU C 323 -14.81 10.47 21.56
C LEU C 323 -16.03 10.74 20.67
N PRO C 324 -15.79 10.92 19.36
CA PRO C 324 -16.80 11.22 18.33
C PRO C 324 -17.85 10.14 18.09
N GLU C 325 -19.01 10.56 17.61
CA GLU C 325 -20.09 9.64 17.32
C GLU C 325 -19.72 8.91 16.04
N SER C 326 -19.13 9.63 15.10
CA SER C 326 -18.75 9.03 13.82
C SER C 326 -17.29 9.24 13.49
N ARG C 327 -16.79 8.46 12.54
CA ARG C 327 -15.41 8.56 12.09
C ARG C 327 -15.35 9.81 11.22
N THR C 328 -14.20 10.08 10.60
CA THR C 328 -14.05 11.26 9.75
C THR C 328 -12.91 11.04 8.78
N ARG C 329 -12.92 11.76 7.67
CA ARG C 329 -11.84 11.62 6.71
C ARG C 329 -11.04 12.91 6.70
N SER C 330 -11.57 13.90 7.37
CA SER C 330 -10.91 15.19 7.47
C SER C 330 -9.72 15.07 8.42
N GLN C 331 -8.56 15.46 7.94
CA GLN C 331 -7.36 15.44 8.76
C GLN C 331 -6.93 16.87 8.96
N LYS C 332 -6.48 17.18 10.17
CA LYS C 332 -6.04 18.54 10.48
C LYS C 332 -5.23 18.53 11.75
N LEU C 334 -2.86 21.31 14.10
CA LEU C 334 -2.41 22.69 14.21
C LEU C 334 -1.66 22.97 15.50
N GLU C 335 -0.37 23.23 15.38
CA GLU C 335 0.42 23.57 16.54
C GLU C 335 0.42 25.08 16.49
N GLY C 336 -0.03 25.72 17.55
CA GLY C 336 -0.09 27.15 17.54
C GLY C 336 0.24 27.73 18.88
N THR C 337 0.51 29.02 18.93
CA THR C 337 0.87 29.63 20.19
C THR C 337 0.16 30.86 20.72
N SER C 338 -0.82 30.63 21.57
CA SER C 338 -1.53 31.71 22.26
C SER C 338 -0.62 31.63 23.49
N GLY C 339 -0.24 30.37 23.71
CA GLY C 339 0.65 29.84 24.74
C GLY C 339 1.04 28.63 23.90
N GLU C 340 1.64 27.55 24.40
CA GLU C 340 1.96 26.46 23.46
C GLU C 340 0.82 25.43 23.36
N ASN C 341 0.37 25.13 22.14
CA ASN C 341 -0.74 24.20 21.94
C ASN C 341 -0.85 23.56 20.54
N GLY C 342 -1.44 22.36 20.48
CA GLY C 342 -1.62 21.66 19.21
C GLY C 342 -2.95 20.89 19.09
N GLU C 343 -3.64 21.12 17.98
CA GLU C 343 -4.93 20.50 17.64
C GLU C 343 -4.71 19.19 16.88
N GLU C 344 -5.53 18.19 17.13
CA GLU C 344 -5.40 16.92 16.46
C GLU C 344 -6.74 16.40 16.01
N ASP C 345 -6.97 16.40 14.71
CA ASP C 345 -8.24 15.93 14.19
C ASP C 345 -8.04 14.90 13.08
N PHE C 346 -8.36 13.65 13.37
CA PHE C 346 -8.22 12.61 12.36
C PHE C 346 -9.07 11.38 12.68
N SER C 347 -9.89 10.98 11.72
CA SER C 347 -10.81 9.84 11.84
C SER C 347 -11.71 9.84 13.08
N ILE C 348 -11.49 8.90 13.99
CA ILE C 348 -12.30 8.84 15.21
C ILE C 348 -11.66 9.70 16.29
N ASP C 349 -10.61 10.40 15.94
CA ASP C 349 -9.90 11.20 16.92
C ASP C 349 -10.05 12.73 16.87
N ARG C 350 -9.99 13.34 18.03
CA ARG C 350 -10.11 14.80 18.23
C ARG C 350 -9.51 15.08 19.61
N THR C 351 -8.22 15.40 19.65
CA THR C 351 -7.50 15.65 20.89
C THR C 351 -6.86 17.03 20.95
N ASN C 352 -6.57 17.50 22.16
CA ASN C 352 -5.95 18.80 22.30
C ASN C 352 -4.85 18.82 23.35
N GLU C 353 -3.74 19.44 22.99
CA GLU C 353 -2.55 19.57 23.83
C GLU C 353 -2.38 21.00 24.37
N LEU C 354 -1.56 21.15 25.41
CA LEU C 354 -1.32 22.48 25.98
C LEU C 354 -0.38 22.57 27.16
N THR C 355 0.51 23.56 27.11
CA THR C 355 1.51 23.79 28.14
C THR C 355 1.84 25.26 28.23
N GLN C 356 2.52 25.63 29.30
CA GLN C 356 2.92 27.00 29.52
C GLN C 356 3.78 26.98 30.77
N ALA C 357 4.66 27.97 30.91
CA ALA C 357 5.55 28.12 32.05
C ALA C 357 6.71 29.03 31.66
N SER D 2 10.19 39.64 12.38
CA SER D 2 10.57 38.41 11.62
C SER D 2 10.93 37.27 12.58
N LEU D 3 10.01 36.30 12.66
CA LEU D 3 10.11 35.09 13.50
C LEU D 3 9.08 35.11 14.63
N ARG D 4 7.94 34.46 14.40
CA ARG D 4 6.89 34.43 15.40
C ARG D 4 6.49 33.05 15.96
N HIS D 5 6.79 32.00 15.24
CA HIS D 5 6.39 30.68 15.73
C HIS D 5 7.09 29.61 14.95
N LEU D 6 7.50 28.54 15.62
CA LEU D 6 8.19 27.46 14.92
C LEU D 6 8.17 26.11 15.64
N TYR D 7 8.18 25.05 14.82
CA TYR D 7 8.11 23.68 15.30
C TYR D 7 9.43 22.94 15.30
N ILE D 8 9.33 21.64 15.57
CA ILE D 8 10.45 20.72 15.62
C ILE D 8 10.05 19.47 14.86
N GLU D 9 10.21 19.47 13.54
CA GLU D 9 9.90 18.28 12.77
C GLU D 9 11.10 17.38 13.08
N GLU D 10 11.78 17.74 14.17
CA GLU D 10 12.95 17.04 14.66
C GLU D 10 13.05 15.52 14.49
N GLY D 11 12.24 14.75 15.22
CA GLY D 11 12.30 13.29 15.11
C GLY D 11 12.07 12.83 13.69
N ARG D 12 11.18 13.55 13.03
CA ARG D 12 10.80 13.30 11.65
C ARG D 12 12.05 13.17 10.75
N THR D 13 13.03 14.06 10.95
CA THR D 13 14.24 14.02 10.15
C THR D 13 15.29 13.04 10.68
N VAL D 14 15.17 12.65 11.94
CA VAL D 14 16.14 11.75 12.52
C VAL D 14 15.99 10.31 12.04
N CYS D 15 14.76 9.86 11.84
CA CYS D 15 14.56 8.50 11.38
C CYS D 15 14.57 8.38 9.88
N ALA D 16 14.06 9.39 9.19
CA ALA D 16 14.06 9.36 7.73
C ALA D 16 15.53 9.27 7.33
N SER D 17 16.38 9.86 8.16
CA SER D 17 17.82 9.85 7.95
C SER D 17 18.33 8.45 8.26
N ALA D 18 17.65 7.77 9.18
CA ALA D 18 18.02 6.41 9.59
C ALA D 18 17.64 5.37 8.55
N THR D 19 17.00 5.82 7.47
CA THR D 19 16.58 4.91 6.41
C THR D 19 17.22 5.19 5.07
N SER D 20 18.04 6.23 5.01
CA SER D 20 18.75 6.61 3.79
C SER D 20 17.86 7.25 2.72
N ARG D 21 16.61 7.54 3.06
CA ARG D 21 15.71 8.14 2.08
C ARG D 21 14.69 9.09 2.68
N ASN D 22 14.84 10.37 2.41
CA ASN D 22 13.89 11.37 2.89
C ASN D 22 13.59 12.37 1.77
N ARG D 23 12.52 13.14 1.92
CA ARG D 23 12.15 14.13 0.90
C ARG D 23 11.22 15.13 1.55
N ARG D 24 11.78 16.10 2.26
CA ARG D 24 10.96 17.09 2.94
C ARG D 24 10.80 18.32 2.06
N PRO D 25 9.56 18.71 1.75
CA PRO D 25 9.36 19.89 0.91
C PRO D 25 8.77 21.04 1.70
N THR D 26 8.65 22.20 1.08
CA THR D 26 8.12 23.38 1.75
C THR D 26 7.28 24.19 0.79
N SER D 27 6.00 24.32 1.11
CA SER D 27 5.04 25.06 0.30
C SER D 27 4.22 26.00 1.18
N GLU D 28 3.69 27.06 0.57
CA GLU D 28 2.90 28.09 1.26
C GLU D 28 1.50 27.70 1.71
N SER D 29 1.14 28.15 2.91
CA SER D 29 -0.16 27.90 3.52
C SER D 29 -0.68 29.16 4.21
N SER D 32 1.38 28.65 -2.58
CA SER D 32 1.37 29.75 -3.55
C SER D 32 1.29 29.25 -4.98
N ASP D 33 2.42 28.77 -5.51
CA ASP D 33 2.46 28.31 -6.90
C ASP D 33 3.73 27.52 -7.10
N ASP D 34 4.78 27.90 -6.37
CA ASP D 34 6.05 27.18 -6.45
C ASP D 34 6.19 26.33 -5.18
N VAL D 35 7.03 25.30 -5.23
CA VAL D 35 7.21 24.46 -4.06
C VAL D 35 8.64 23.93 -4.07
N VAL D 36 9.22 23.76 -2.91
CA VAL D 36 10.59 23.31 -2.85
C VAL D 36 10.88 22.12 -1.95
N VAL D 37 11.73 21.24 -2.44
CA VAL D 37 12.18 20.09 -1.68
C VAL D 37 13.52 20.53 -1.09
N VAL D 38 13.44 21.20 0.06
CA VAL D 38 14.59 21.73 0.78
C VAL D 38 15.72 20.73 0.92
N GLU D 39 15.37 19.46 0.96
CA GLU D 39 16.37 18.41 1.02
C GLU D 39 15.82 17.01 0.95
N GLY D 40 16.40 16.23 0.06
CA GLY D 40 16.02 14.85 -0.12
C GLY D 40 17.25 13.98 -0.22
N LEU D 42 18.66 10.06 -1.49
CA LEU D 42 18.34 8.93 -2.36
C LEU D 42 18.91 7.67 -1.74
N ARG D 43 18.20 6.55 -1.90
CA ARG D 43 18.65 5.29 -1.34
C ARG D 43 19.99 4.86 -1.91
N GLY D 44 20.91 4.48 -1.02
CA GLY D 44 22.21 4.02 -1.44
C GLY D 44 23.27 5.04 -1.82
N ARG D 45 22.99 6.33 -1.63
CA ARG D 45 23.94 7.38 -1.96
C ARG D 45 24.13 8.28 -0.75
N PRO D 46 24.61 7.71 0.37
CA PRO D 46 24.87 8.35 1.67
C PRO D 46 25.64 9.65 1.63
N GLU D 47 26.49 9.81 0.62
CA GLU D 47 27.29 11.01 0.48
C GLU D 47 26.71 11.99 -0.54
N THR D 48 25.45 11.77 -0.89
CA THR D 48 24.76 12.64 -1.84
C THR D 48 23.52 13.23 -1.22
N ARG D 49 23.16 14.44 -1.64
CA ARG D 49 21.98 15.10 -1.13
C ARG D 49 21.37 15.91 -2.25
N VAL D 50 20.04 15.89 -2.33
CA VAL D 50 19.38 16.62 -3.38
C VAL D 50 18.53 17.74 -2.82
N HIS D 51 18.51 18.84 -3.56
CA HIS D 51 17.73 20.02 -3.19
C HIS D 51 17.08 20.42 -4.50
N ALA D 52 15.82 20.82 -4.44
CA ALA D 52 15.15 21.20 -5.66
C ALA D 52 13.97 22.13 -5.48
N PHE D 54 10.44 23.91 -7.60
CA PHE D 54 9.59 23.90 -8.76
C PHE D 54 8.68 25.11 -8.84
N ASP D 55 8.84 25.88 -9.90
CA ASP D 55 8.04 27.07 -10.12
C ASP D 55 6.87 26.79 -11.04
N GLY D 56 5.67 26.84 -10.48
CA GLY D 56 4.47 26.57 -11.26
C GLY D 56 4.03 27.72 -12.15
N PHE D 57 3.62 27.37 -13.37
CA PHE D 57 3.15 28.34 -14.33
C PHE D 57 1.68 28.09 -14.55
N GLN D 58 0.85 29.08 -14.25
CA GLN D 58 -0.60 28.97 -14.41
C GLN D 58 -1.23 27.88 -13.55
N GLY D 59 -1.15 28.05 -12.24
CA GLY D 59 -1.71 27.08 -11.32
C GLY D 59 -0.61 26.16 -10.85
N ARG D 60 -0.47 26.01 -9.53
CA ARG D 60 0.59 25.17 -8.97
C ARG D 60 0.34 23.65 -8.96
N HIS D 61 -0.76 23.18 -9.55
CA HIS D 61 -1.01 21.75 -9.54
C HIS D 61 0.14 20.93 -10.13
N SER D 62 0.69 21.37 -11.26
CA SER D 62 1.77 20.66 -11.90
C SER D 62 3.09 20.65 -11.13
N ALA D 63 3.49 21.79 -10.56
CA ALA D 63 4.73 21.83 -9.78
C ALA D 63 4.63 20.93 -8.55
N TRP D 65 3.03 18.25 -8.15
CA TRP D 65 3.16 16.88 -8.61
C TRP D 65 4.65 16.55 -8.61
N LEU D 66 5.38 17.32 -9.41
CA LEU D 66 6.82 17.15 -9.57
C LEU D 66 7.61 17.06 -8.28
N ALA D 67 7.40 18.03 -7.38
CA ALA D 67 8.12 18.04 -6.12
C ALA D 67 7.80 16.82 -5.28
N GLN D 68 6.58 16.31 -5.38
CA GLN D 68 6.26 15.13 -4.59
C GLN D 68 6.39 13.82 -5.37
N ASN D 69 7.15 13.84 -6.45
CA ASN D 69 7.38 12.65 -7.27
C ASN D 69 8.83 12.58 -7.73
N VAL D 70 9.47 13.73 -7.70
CA VAL D 70 10.85 13.84 -8.15
C VAL D 70 11.80 12.78 -7.59
N ASN D 72 11.31 9.57 -6.35
CA ASN D 72 11.15 8.22 -6.91
C ASN D 72 11.92 8.12 -8.22
N TYR D 73 11.88 9.20 -9.00
CA TYR D 73 12.57 9.23 -10.28
C TYR D 73 14.07 9.23 -10.11
N LEU D 74 14.57 10.14 -9.26
CA LEU D 74 15.99 10.25 -8.99
C LEU D 74 16.56 8.92 -8.48
N ASN D 75 15.81 8.27 -7.59
CA ASN D 75 16.23 6.99 -7.03
C ASN D 75 16.43 5.92 -8.10
N ASP D 76 16.08 6.27 -9.33
CA ASP D 76 16.21 5.34 -10.44
C ASP D 76 17.36 5.66 -11.38
N LEU D 77 18.11 6.71 -11.10
CA LEU D 77 19.24 7.02 -11.98
C LEU D 77 20.47 6.24 -11.59
N ARG D 78 21.07 5.60 -12.59
CA ARG D 78 22.26 4.79 -12.40
C ARG D 78 23.44 5.62 -11.88
N ASP D 79 23.85 6.62 -12.64
CA ASP D 79 24.94 7.49 -12.23
C ASP D 79 24.42 8.92 -12.34
N VAL D 80 24.92 9.80 -11.48
CA VAL D 80 24.49 11.19 -11.48
C VAL D 80 25.32 11.99 -12.48
N ASN D 81 24.89 11.98 -13.74
CA ASN D 81 25.59 12.70 -14.80
C ASN D 81 24.57 13.16 -15.83
N GLU D 82 24.98 14.03 -16.73
CA GLU D 82 24.11 14.58 -17.77
C GLU D 82 23.12 13.62 -18.39
N GLU D 83 23.63 12.59 -19.07
CA GLU D 83 22.75 11.64 -19.74
C GLU D 83 21.71 11.02 -18.81
N GLU D 84 22.20 10.50 -17.70
CA GLU D 84 21.32 9.87 -16.74
C GLU D 84 20.25 10.80 -16.17
N ILE D 85 20.62 12.06 -15.90
CA ILE D 85 19.66 13.01 -15.33
C ILE D 85 18.58 13.42 -16.36
N THR D 86 19.00 13.72 -17.57
CA THR D 86 18.09 14.09 -18.65
C THR D 86 17.11 12.95 -18.85
N ARG D 87 17.65 11.74 -18.71
CA ARG D 87 16.95 10.50 -18.82
C ARG D 87 15.67 10.59 -17.98
N GLN D 88 15.83 10.99 -16.72
CA GLN D 88 14.70 11.09 -15.81
C GLN D 88 13.77 12.26 -16.08
N PHE D 89 14.29 13.34 -16.66
CA PHE D 89 13.46 14.50 -16.96
C PHE D 89 12.48 14.10 -18.03
N GLU D 90 12.97 13.37 -19.02
CA GLU D 90 12.14 12.92 -20.10
C GLU D 90 10.98 12.13 -19.54
N ARG D 91 11.26 11.29 -18.54
CA ARG D 91 10.24 10.45 -17.90
C ARG D 91 9.25 11.22 -17.05
N ASP D 93 8.38 14.15 -17.30
CA ASP D 93 7.52 14.90 -18.20
C ASP D 93 6.38 14.00 -18.68
N GLY D 94 6.73 12.79 -19.10
CA GLY D 94 5.73 11.86 -19.57
C GLY D 94 4.67 11.47 -18.55
N ASP D 95 5.08 11.11 -17.34
CA ASP D 95 4.10 10.70 -16.35
C ASP D 95 3.29 11.89 -15.88
N LEU D 96 3.78 13.09 -16.22
CA LEU D 96 3.07 14.29 -15.84
C LEU D 96 1.85 14.37 -16.75
N ARG D 97 2.06 14.07 -18.03
CA ARG D 97 0.99 14.07 -19.02
C ARG D 97 -0.18 13.18 -18.60
N ALA D 98 0.13 11.91 -18.33
CA ALA D 98 -0.87 10.94 -17.92
C ALA D 98 -1.59 11.33 -16.64
N ALA D 99 -1.13 12.39 -15.99
CA ALA D 99 -1.77 12.86 -14.77
C ALA D 99 -2.12 14.28 -15.15
N ASN D 100 -2.89 14.44 -16.22
CA ASN D 100 -3.22 15.76 -16.76
C ASN D 100 -3.63 16.85 -15.80
N LEU D 101 -2.77 17.85 -15.75
CA LEU D 101 -2.95 19.04 -14.92
C LEU D 101 -2.67 20.23 -15.83
N PRO D 102 -3.37 21.34 -15.61
CA PRO D 102 -3.09 22.47 -16.50
C PRO D 102 -1.73 23.09 -16.19
N GLY D 103 -1.30 23.98 -17.07
CA GLY D 103 -0.03 24.66 -16.90
C GLY D 103 1.18 23.76 -16.98
N GLY D 104 2.15 24.08 -16.14
CA GLY D 104 3.38 23.32 -16.11
C GLY D 104 4.31 23.90 -15.07
N SER D 105 5.57 23.51 -15.11
CA SER D 105 6.47 24.03 -14.12
C SER D 105 7.93 24.18 -14.53
N SER D 106 8.60 25.11 -13.86
CA SER D 106 10.02 25.35 -14.06
C SER D 106 10.67 24.40 -13.07
N ALA D 107 11.91 24.03 -13.32
CA ALA D 107 12.58 23.13 -12.41
C ALA D 107 14.07 23.38 -12.24
N LEU D 108 14.49 23.27 -10.99
CA LEU D 108 15.89 23.43 -10.62
C LEU D 108 16.22 22.35 -9.58
N ILE D 109 17.08 21.42 -9.97
CA ILE D 109 17.50 20.37 -9.07
C ILE D 109 18.99 20.45 -8.80
N ILE D 110 19.34 20.29 -7.54
CA ILE D 110 20.72 20.35 -7.11
C ILE D 110 21.12 19.09 -6.35
N PHE D 111 22.23 18.49 -6.80
CA PHE D 111 22.75 17.29 -6.17
C PHE D 111 24.08 17.68 -5.57
N VAL D 112 24.22 17.57 -4.27
CA VAL D 112 25.49 17.89 -3.66
C VAL D 112 26.17 16.63 -3.09
N ARG D 113 27.35 16.32 -3.60
CA ARG D 113 28.09 15.16 -3.14
C ARG D 113 29.43 15.54 -2.52
N TYR D 114 29.71 14.98 -1.34
CA TYR D 114 30.94 15.23 -0.59
C TYR D 114 32.07 14.31 -0.97
N GLU D 115 33.15 14.88 -1.50
CA GLU D 115 34.31 14.12 -1.89
C GLU D 115 35.40 14.29 -0.84
N LYS D 116 35.50 13.31 0.06
CA LYS D 116 36.50 13.37 1.11
C LYS D 116 37.90 13.20 0.53
N LYS D 117 37.97 12.72 -0.71
CA LYS D 117 39.25 12.54 -1.39
C LYS D 117 39.16 12.79 -2.90
N PRO D 118 39.34 14.05 -3.30
CA PRO D 118 39.29 14.49 -4.69
C PRO D 118 40.41 13.85 -5.52
N THR D 119 40.36 14.04 -6.83
CA THR D 119 41.37 13.49 -7.73
C THR D 119 41.83 14.54 -8.73
N GLU D 120 41.42 14.39 -9.98
CA GLU D 120 41.77 15.34 -11.04
C GLU D 120 40.65 15.42 -12.08
N ALA D 121 40.25 16.63 -12.43
CA ALA D 121 39.18 16.81 -13.42
C ALA D 121 39.49 18.02 -14.27
N ARG D 122 39.07 18.01 -15.53
CA ARG D 122 39.32 19.15 -16.41
C ARG D 122 38.31 20.27 -16.13
N VAL D 123 38.81 21.41 -15.69
CA VAL D 123 37.91 22.50 -15.37
C VAL D 123 38.23 23.83 -16.03
N VAL D 124 37.29 24.74 -15.91
CA VAL D 124 37.41 26.09 -16.41
C VAL D 124 36.77 26.84 -15.27
N GLY D 125 37.60 27.50 -14.47
CA GLY D 125 37.08 28.19 -13.31
C GLY D 125 36.64 27.09 -12.37
N ARG D 126 35.51 27.29 -11.70
CA ARG D 126 34.99 26.31 -10.78
C ARG D 126 34.11 25.30 -11.46
N GLN D 127 34.00 25.41 -12.79
CA GLN D 127 33.17 24.50 -13.56
C GLN D 127 33.98 23.34 -14.13
N ILE D 128 33.40 22.15 -14.03
CA ILE D 128 34.03 20.96 -14.53
C ILE D 128 33.57 20.66 -15.95
N VAL D 129 34.50 20.23 -16.80
CA VAL D 129 34.18 19.88 -18.18
C VAL D 129 34.03 18.36 -18.16
N PRO D 130 32.89 17.85 -18.66
CA PRO D 130 32.66 16.40 -18.68
C PRO D 130 33.66 15.62 -19.53
N GLU D 131 34.05 14.45 -19.03
CA GLU D 131 34.99 13.58 -19.74
C GLU D 131 34.32 13.26 -21.05
N GLY D 132 34.97 13.58 -22.17
CA GLY D 132 34.39 13.27 -23.46
C GLY D 132 33.95 14.47 -24.29
N GLU D 135 32.08 19.63 -26.66
CA GLU D 135 32.52 21.00 -26.91
C GLU D 135 31.93 21.89 -25.82
N PHE D 136 32.76 22.19 -24.84
CA PHE D 136 32.37 22.97 -23.68
C PHE D 136 32.14 24.46 -23.87
N THR D 137 31.03 24.95 -23.31
CA THR D 137 30.67 26.37 -23.33
C THR D 137 30.39 26.65 -21.88
N SER D 138 31.26 27.41 -21.23
CA SER D 138 31.07 27.70 -19.80
C SER D 138 29.81 28.49 -19.50
N VAL D 139 29.29 28.32 -18.29
CA VAL D 139 28.10 29.04 -17.84
C VAL D 139 28.44 30.53 -17.78
N ALA D 140 29.61 30.82 -17.22
CA ALA D 140 30.08 32.19 -17.08
C ALA D 140 30.11 32.90 -18.43
N GLU D 141 30.70 32.23 -19.42
CA GLU D 141 30.79 32.79 -20.77
C GLU D 141 29.39 32.95 -21.37
N ALA D 142 28.54 31.98 -21.07
CA ALA D 142 27.18 32.00 -21.55
C ALA D 142 26.43 33.21 -20.99
N LEU D 143 26.78 33.59 -19.76
CA LEU D 143 26.12 34.73 -19.13
C LEU D 143 26.72 36.10 -19.50
N GLY D 144 27.84 36.11 -20.21
CA GLY D 144 28.42 37.39 -20.60
C GLY D 144 29.83 37.56 -20.09
N GLY D 145 30.27 36.56 -19.33
CA GLY D 145 31.61 36.56 -18.78
C GLY D 145 32.62 36.18 -19.85
N PRO D 146 33.93 36.37 -19.60
CA PRO D 146 34.97 36.02 -20.60
C PRO D 146 35.28 34.57 -20.84
N LEU D 147 35.72 34.26 -22.06
CA LEU D 147 36.15 32.88 -22.38
C LEU D 147 37.45 32.64 -21.61
N PRO D 149 40.61 29.61 -20.74
CA PRO D 149 41.15 28.30 -21.13
C PRO D 149 40.70 27.17 -20.21
N VAL D 150 40.50 26.01 -20.79
CA VAL D 150 40.16 24.83 -20.03
C VAL D 150 41.51 24.40 -19.48
N VAL D 151 41.60 24.07 -18.20
CA VAL D 151 42.89 23.65 -17.67
C VAL D 151 42.77 22.45 -16.73
N ALA D 152 43.71 21.51 -16.86
CA ALA D 152 43.74 20.32 -16.03
C ALA D 152 44.06 20.66 -14.59
N ASN D 154 44.57 19.25 -10.56
CA ASN D 154 44.84 18.13 -9.69
C ASN D 154 44.59 18.54 -8.25
N PHE D 155 43.45 18.11 -7.72
CA PHE D 155 43.06 18.43 -6.35
C PHE D 155 43.93 17.70 -5.35
N ARG D 156 44.65 16.69 -5.82
CA ARG D 156 45.51 15.87 -4.98
C ARG D 156 46.26 16.56 -3.84
N ARG D 157 47.15 17.49 -4.17
CA ARG D 157 47.89 18.17 -3.12
C ARG D 157 47.51 19.63 -2.92
N ASP D 158 46.52 20.10 -3.68
CA ASP D 158 46.04 21.48 -3.54
C ASP D 158 45.44 21.62 -2.14
N PRO D 159 45.96 22.57 -1.34
CA PRO D 159 45.49 22.81 0.02
C PRO D 159 44.00 23.11 0.15
N ARG D 160 43.50 23.94 -0.76
CA ARG D 160 42.09 24.33 -0.76
C ARG D 160 41.20 23.11 -0.67
N ALA D 161 41.64 22.03 -1.30
CA ALA D 161 40.88 20.78 -1.31
C ALA D 161 41.31 19.77 -0.25
N ALA D 162 42.13 20.20 0.70
CA ALA D 162 42.63 19.31 1.74
C ALA D 162 41.50 18.68 2.55
N LYS D 163 40.58 19.51 3.05
CA LYS D 163 39.46 18.99 3.81
C LYS D 163 38.43 18.34 2.90
N GLY D 164 38.72 18.31 1.60
CA GLY D 164 37.79 17.70 0.67
C GLY D 164 37.00 18.71 -0.13
N ILE D 165 36.25 18.22 -1.12
CA ILE D 165 35.46 19.10 -1.95
C ILE D 165 34.00 18.66 -2.06
N TYR D 166 33.17 19.51 -2.64
CA TYR D 166 31.76 19.21 -2.83
C TYR D 166 31.51 19.32 -4.31
N THR D 167 31.16 18.21 -4.94
CA THR D 167 30.88 18.21 -6.36
C THR D 167 29.42 18.55 -6.52
N ILE D 168 29.11 19.46 -7.43
CA ILE D 168 27.74 19.91 -7.60
C ILE D 168 27.16 19.74 -9.00
N HIS D 169 26.00 19.11 -9.08
CA HIS D 169 25.34 18.95 -10.36
C HIS D 169 24.09 19.81 -10.34
N VAL D 170 23.90 20.58 -11.40
CA VAL D 170 22.74 21.44 -11.47
C VAL D 170 21.91 21.12 -12.71
N ALA D 171 20.69 20.66 -12.48
CA ALA D 171 19.75 20.34 -13.56
C ALA D 171 18.81 21.55 -13.71
N SER D 172 18.90 22.28 -14.80
CA SER D 172 18.03 23.43 -14.91
C SER D 172 17.11 23.45 -16.11
N LEU D 173 15.84 23.69 -15.83
CA LEU D 173 14.81 23.75 -16.86
C LEU D 173 13.96 24.94 -16.50
N GLY D 174 14.22 26.04 -17.18
CA GLY D 174 13.46 27.25 -16.91
C GLY D 174 14.31 28.44 -16.51
N ASN D 175 13.73 29.30 -15.69
CA ASN D 175 14.37 30.54 -15.28
C ASN D 175 14.69 30.66 -13.79
N SER D 176 14.68 29.54 -13.09
CA SER D 176 14.99 29.54 -11.67
C SER D 176 16.50 29.71 -11.62
N ARG D 177 17.03 30.36 -10.58
CA ARG D 177 18.48 30.57 -10.53
C ARG D 177 19.27 29.93 -9.40
N CYS D 178 20.47 29.45 -9.74
CA CYS D 178 21.36 28.84 -8.77
C CYS D 178 22.74 29.49 -8.80
N VAL D 179 23.25 29.85 -7.63
CA VAL D 179 24.54 30.53 -7.52
C VAL D 179 25.46 30.04 -6.41
N LEU D 180 26.77 30.07 -6.65
CA LEU D 180 27.71 29.64 -5.63
C LEU D 180 28.45 30.82 -4.99
N LYS D 181 28.21 31.02 -3.70
CA LYS D 181 28.86 32.10 -2.96
C LYS D 181 30.15 31.60 -2.33
N SER D 182 31.26 32.24 -2.65
CA SER D 182 32.56 31.85 -2.11
C SER D 182 33.20 33.09 -1.51
N GLY D 183 33.01 33.29 -0.21
CA GLY D 183 33.58 34.47 0.41
C GLY D 183 32.77 35.62 -0.14
N ARG D 184 33.42 36.71 -0.52
CA ARG D 184 32.72 37.87 -1.06
C ARG D 184 32.67 37.81 -2.59
N THR D 185 32.73 36.61 -3.14
CA THR D 185 32.65 36.41 -4.57
C THR D 185 31.48 35.47 -4.78
N ALA D 186 30.93 35.47 -5.99
CA ALA D 186 29.81 34.61 -6.30
C ALA D 186 29.76 34.34 -7.79
N ILE D 187 29.46 33.11 -8.16
CA ILE D 187 29.38 32.75 -9.55
C ILE D 187 28.09 32.02 -9.86
N HIS D 188 27.72 31.95 -11.14
CA HIS D 188 26.50 31.28 -11.55
C HIS D 188 26.74 29.81 -11.83
N LEU D 189 25.82 28.99 -11.34
CA LEU D 189 25.92 27.55 -11.57
C LEU D 189 24.88 27.15 -12.61
N SER D 190 23.94 28.04 -12.87
CA SER D 190 22.92 27.78 -13.86
C SER D 190 22.71 29.04 -14.67
N THR D 191 21.84 28.94 -15.67
CA THR D 191 21.54 30.07 -16.54
C THR D 191 20.18 29.81 -17.16
N PRO D 192 19.28 30.80 -17.07
CA PRO D 192 17.96 30.55 -17.66
C PRO D 192 17.99 30.48 -19.18
N HIS D 193 17.02 29.76 -19.72
CA HIS D 193 16.89 29.60 -21.16
C HIS D 193 15.47 29.97 -21.53
N THR D 194 15.34 31.20 -22.00
CA THR D 194 14.06 31.76 -22.36
C THR D 194 14.08 32.29 -23.78
N ALA D 195 13.04 33.03 -24.14
CA ALA D 195 12.91 33.60 -25.47
C ALA D 195 13.92 34.72 -25.69
N SER D 196 14.34 35.33 -24.59
CA SER D 196 15.30 36.42 -24.68
C SER D 196 16.59 35.89 -25.29
N SER D 197 16.73 34.57 -25.29
CA SER D 197 17.91 33.94 -25.85
C SER D 197 17.75 33.74 -27.35
N HIS D 198 18.71 34.23 -28.12
CA HIS D 198 18.63 34.06 -29.55
C HIS D 198 18.74 32.59 -29.86
N LYS D 199 19.74 31.93 -29.28
CA LYS D 199 19.95 30.51 -29.51
C LYS D 199 18.72 29.69 -29.17
N GLU D 200 18.14 29.95 -28.00
CA GLU D 200 16.96 29.22 -27.55
C GLU D 200 15.77 29.58 -28.43
N ARG D 201 15.77 30.83 -28.89
CA ARG D 201 14.73 31.34 -29.74
C ARG D 201 14.83 30.70 -31.12
N HIS D 202 16.05 30.59 -31.63
CA HIS D 202 16.25 29.98 -32.94
C HIS D 202 15.88 28.51 -32.90
N ARG D 203 15.96 27.90 -31.73
CA ARG D 203 15.59 26.49 -31.65
C ARG D 203 14.12 26.37 -31.95
N VAL D 204 13.33 27.17 -31.26
CA VAL D 204 11.89 27.11 -31.45
C VAL D 204 11.46 27.43 -32.86
N GLN D 205 11.91 28.57 -33.36
CA GLN D 205 11.54 28.97 -34.71
C GLN D 205 11.94 27.94 -35.74
N ALA D 206 13.15 27.42 -35.59
CA ALA D 206 13.68 26.42 -36.50
C ALA D 206 12.83 25.14 -36.52
N ALA D 207 12.12 24.87 -35.43
CA ALA D 207 11.30 23.68 -35.37
C ALA D 207 9.87 23.99 -35.81
N GLY D 208 9.65 25.25 -36.22
CA GLY D 208 8.33 25.65 -36.66
C GLY D 208 7.53 26.37 -35.58
N GLY D 209 8.13 26.66 -34.44
CA GLY D 209 7.38 27.35 -33.41
C GLY D 209 7.41 28.86 -33.65
N VAL D 210 6.34 29.56 -33.30
CA VAL D 210 6.37 30.99 -33.52
C VAL D 210 6.09 31.83 -32.27
N PHE D 211 6.98 32.78 -32.00
CA PHE D 211 6.80 33.67 -30.87
C PHE D 211 5.95 34.83 -31.36
N THR D 212 5.22 35.43 -30.44
CA THR D 212 4.40 36.59 -30.77
C THR D 212 4.11 37.38 -29.49
N THR D 213 4.39 38.67 -29.55
CA THR D 213 4.17 39.56 -28.42
C THR D 213 2.69 39.53 -28.03
N VAL D 214 2.43 39.44 -26.73
CA VAL D 214 1.04 39.40 -26.26
C VAL D 214 0.86 40.20 -24.97
N ASN D 215 0.17 41.33 -25.10
CA ASN D 215 -0.07 42.22 -23.98
C ASN D 215 1.24 42.59 -23.29
N GLY D 216 2.21 43.02 -24.09
CA GLY D 216 3.51 43.41 -23.57
C GLY D 216 4.41 42.25 -23.21
N GLU D 217 4.06 41.06 -23.68
CA GLU D 217 4.83 39.88 -23.38
C GLU D 217 5.06 38.92 -24.55
N LEU D 218 6.32 38.61 -24.82
CA LEU D 218 6.68 37.71 -25.90
C LEU D 218 6.34 36.26 -25.52
N LEU D 219 5.29 35.69 -26.13
CA LEU D 219 4.88 34.31 -25.82
C LEU D 219 5.00 33.32 -26.95
N LEU D 220 5.42 32.11 -26.61
CA LEU D 220 5.54 31.05 -27.59
C LEU D 220 4.12 30.68 -28.01
N GLY D 221 3.83 30.83 -29.30
CA GLY D 221 2.51 30.53 -29.80
C GLY D 221 1.49 31.49 -29.20
N GLY D 222 1.97 32.50 -28.51
CA GLY D 222 1.09 33.44 -27.87
C GLY D 222 0.43 32.84 -26.64
N VAL D 223 1.00 31.76 -26.11
CA VAL D 223 0.42 31.12 -24.94
C VAL D 223 1.38 31.00 -23.75
N VAL D 224 2.46 30.22 -23.93
CA VAL D 224 3.42 30.02 -22.86
C VAL D 224 4.59 31.00 -22.88
N PRO D 225 5.13 31.30 -21.70
CA PRO D 225 6.26 32.23 -21.62
C PRO D 225 7.62 31.56 -21.51
N THR D 227 10.38 28.34 -22.68
CA THR D 227 10.70 27.62 -23.90
C THR D 227 11.12 26.25 -23.42
N ARG D 228 11.33 26.17 -22.12
CA ARG D 228 11.72 24.94 -21.47
C ARG D 228 11.04 24.87 -20.11
N ALA D 229 10.30 23.80 -19.91
CA ALA D 229 9.59 23.60 -18.67
C ALA D 229 8.84 22.28 -18.76
N PHE D 230 8.27 21.85 -17.64
CA PHE D 230 7.49 20.64 -17.62
C PHE D 230 6.05 21.07 -17.88
N GLY D 231 5.33 20.31 -18.69
CA GLY D 231 3.96 20.66 -18.98
C GLY D 231 3.83 21.45 -20.27
N SER D 232 2.74 22.21 -20.40
CA SER D 232 2.47 22.98 -21.60
C SER D 232 2.52 22.01 -22.76
N PHE D 233 1.96 20.83 -22.54
CA PHE D 233 1.96 19.78 -23.55
C PHE D 233 1.29 20.21 -24.84
N ASP D 234 0.52 21.29 -24.75
CA ASP D 234 -0.20 21.85 -25.88
C ASP D 234 0.87 22.34 -26.86
N PHE D 235 2.11 22.48 -26.39
CA PHE D 235 3.21 22.92 -27.25
C PHE D 235 4.35 21.90 -27.20
N LYS D 236 4.04 20.78 -26.55
CA LYS D 236 4.95 19.65 -26.44
C LYS D 236 4.71 18.91 -27.74
N LYS D 237 5.49 17.87 -27.98
CA LYS D 237 5.36 17.09 -29.20
C LYS D 237 4.01 16.38 -29.21
N GLY D 238 3.29 16.47 -28.11
CA GLY D 238 1.99 15.84 -27.98
C GLY D 238 0.94 16.41 -28.91
N LYS D 242 -0.80 18.78 -35.33
CA LYS D 242 0.41 17.99 -35.57
C LYS D 242 1.69 18.61 -35.06
N LEU D 243 2.12 18.16 -33.90
CA LEU D 243 3.39 18.61 -33.39
C LEU D 243 4.30 17.41 -33.41
N GLN D 244 5.06 17.33 -34.48
CA GLN D 244 6.00 16.25 -34.71
C GLN D 244 7.32 16.57 -34.00
N GLN D 245 7.38 17.73 -33.34
CA GLN D 245 8.58 18.21 -32.66
C GLN D 245 8.26 18.95 -31.37
N ASP D 246 9.10 18.80 -30.35
CA ASP D 246 8.90 19.50 -29.08
C ASP D 246 9.23 20.97 -29.31
N LEU D 247 8.32 21.85 -28.95
CA LEU D 247 8.58 23.27 -29.11
C LEU D 247 9.07 23.78 -27.75
N VAL D 248 8.33 23.43 -26.69
CA VAL D 248 8.73 23.76 -25.33
C VAL D 248 9.47 22.49 -24.93
N SER D 249 10.71 22.61 -24.49
CA SER D 249 11.46 21.42 -24.13
C SER D 249 11.56 21.15 -22.64
N ALA D 250 11.51 19.86 -22.31
CA ALA D 250 11.62 19.41 -20.94
C ALA D 250 13.08 19.00 -20.65
N VAL D 251 13.86 18.84 -21.73
CA VAL D 251 15.28 18.49 -21.65
C VAL D 251 16.09 19.58 -20.92
N PRO D 252 16.55 19.27 -19.71
CA PRO D 252 17.33 20.20 -18.89
C PRO D 252 18.73 20.55 -19.34
N ASP D 253 19.20 21.66 -18.81
CA ASP D 253 20.53 22.15 -19.07
C ASP D 253 21.27 21.69 -17.82
N VAL D 254 22.16 20.71 -17.98
CA VAL D 254 22.89 20.19 -16.83
C VAL D 254 24.36 20.64 -16.78
N THR D 255 24.84 20.96 -15.59
CA THR D 255 26.21 21.41 -15.43
C THR D 255 26.81 20.94 -14.11
N THR D 256 28.13 20.82 -14.09
CA THR D 256 28.84 20.39 -12.91
C THR D 256 29.86 21.44 -12.49
N PHE D 257 30.02 21.60 -11.18
CA PHE D 257 30.96 22.54 -10.59
C PHE D 257 31.46 21.86 -9.35
N PHE D 258 32.53 22.40 -8.77
CA PHE D 258 33.06 21.84 -7.53
C PHE D 258 33.22 23.01 -6.55
N ALA D 259 32.90 22.75 -5.30
CA ALA D 259 33.00 23.78 -4.27
C ALA D 259 33.92 23.32 -3.13
N TYR D 260 34.48 24.27 -2.38
CA TYR D 260 35.33 23.93 -1.24
C TYR D 260 34.51 24.22 0.00
N PRO D 261 34.84 23.62 1.15
CA PRO D 261 34.07 23.90 2.36
C PRO D 261 34.13 25.41 2.61
N GLY D 262 33.09 25.97 3.22
CA GLY D 262 33.15 27.39 3.49
C GLY D 262 32.35 28.23 2.51
N ASP D 263 32.14 27.75 1.29
CA ASP D 263 31.34 28.54 0.35
C ASP D 263 29.89 28.07 0.37
N ASP D 264 28.96 28.94 0.00
CA ASP D 264 27.55 28.62 0.05
C ASP D 264 26.83 28.56 -1.28
N ILE D 265 25.81 27.73 -1.35
CA ILE D 265 25.00 27.60 -2.55
C ILE D 265 23.76 28.43 -2.28
N VAL D 266 23.35 29.22 -3.27
CA VAL D 266 22.18 30.08 -3.09
C VAL D 266 21.27 29.93 -4.30
N ALA D 267 20.03 29.54 -4.04
CA ALA D 267 19.08 29.34 -5.12
C ALA D 267 17.76 30.03 -4.85
N GLY D 268 17.05 30.33 -5.92
CA GLY D 268 15.76 30.98 -5.78
C GLY D 268 14.98 30.99 -7.08
N THR D 269 13.68 31.18 -6.96
CA THR D 269 12.80 31.24 -8.12
C THR D 269 13.07 32.56 -8.83
N ALA D 270 12.53 32.71 -10.02
CA ALA D 270 12.71 33.94 -10.79
C ALA D 270 12.34 35.16 -9.96
N GLY D 271 11.30 35.00 -9.14
CA GLY D 271 10.84 36.08 -8.30
C GLY D 271 11.94 36.61 -7.41
N ALA D 272 12.71 35.70 -6.82
CA ALA D 272 13.83 36.09 -5.94
C ALA D 272 14.80 37.03 -6.63
N PHE D 273 15.16 36.72 -7.88
CA PHE D 273 16.10 37.57 -8.62
C PHE D 273 15.34 38.27 -9.72
N ALA D 274 14.34 39.05 -9.36
CA ALA D 274 13.53 39.72 -10.36
C ALA D 274 13.95 41.10 -10.84
N HIS D 275 14.03 42.06 -9.93
CA HIS D 275 14.36 43.42 -10.32
C HIS D 275 15.79 43.96 -10.27
N PHE D 276 16.79 43.10 -10.07
CA PHE D 276 18.20 43.53 -10.06
C PHE D 276 18.51 43.70 -11.54
N ARG D 277 18.37 42.55 -12.21
CA ARG D 277 18.54 42.35 -13.64
C ARG D 277 19.75 42.95 -14.35
N SER D 278 20.90 42.52 -13.88
CA SER D 278 22.20 42.84 -14.40
C SER D 278 22.76 41.54 -13.90
N HIS D 279 22.99 40.58 -14.79
CA HIS D 279 23.52 39.30 -14.35
C HIS D 279 24.53 39.62 -13.26
N ALA D 280 25.19 40.76 -13.40
CA ALA D 280 26.20 41.19 -12.46
C ALA D 280 25.66 41.69 -11.13
N ALA D 281 24.56 42.43 -11.15
CA ALA D 281 24.01 42.96 -9.90
C ALA D 281 23.48 41.87 -9.00
N ILE D 282 22.91 40.82 -9.60
CA ILE D 282 22.40 39.74 -8.80
C ILE D 282 23.56 39.08 -8.08
N ALA D 283 24.67 38.89 -8.79
CA ALA D 283 25.85 38.27 -8.22
C ALA D 283 26.50 39.14 -7.15
N ALA D 284 26.61 40.43 -7.40
CA ALA D 284 27.23 41.32 -6.42
C ALA D 284 26.46 41.27 -5.11
N ALA D 285 25.15 41.47 -5.17
CA ALA D 285 24.34 41.45 -3.97
C ALA D 285 24.62 40.17 -3.18
N ILE D 286 24.61 39.02 -3.83
CA ILE D 286 24.87 37.79 -3.10
C ILE D 286 26.29 37.75 -2.56
N ALA D 287 27.24 38.18 -3.39
CA ALA D 287 28.64 38.19 -2.97
C ALA D 287 28.70 38.97 -1.65
N LEU D 288 27.97 40.08 -1.64
CA LEU D 288 27.93 40.96 -0.49
C LEU D 288 27.13 40.49 0.70
N TYR D 289 26.22 39.53 0.52
CA TYR D 289 25.45 39.10 1.68
C TYR D 289 26.24 38.17 2.58
N PRO D 290 26.33 38.51 3.87
CA PRO D 290 27.07 37.68 4.83
C PRO D 290 26.30 36.42 5.19
N VAL D 291 26.99 35.30 5.21
CA VAL D 291 26.38 34.02 5.54
C VAL D 291 27.34 33.15 6.32
N SER D 292 27.03 32.94 7.59
CA SER D 292 27.84 32.08 8.43
C SER D 292 27.06 30.78 8.58
N PRO D 293 27.73 29.71 9.01
CA PRO D 293 27.03 28.44 9.18
C PRO D 293 25.94 28.55 10.24
N GLU D 294 25.69 29.78 10.68
CA GLU D 294 24.68 30.06 11.70
C GLU D 294 23.64 31.07 11.23
N THR D 295 23.72 31.53 9.98
CA THR D 295 22.77 32.52 9.50
C THR D 295 22.04 32.14 8.21
N VAL D 296 22.17 30.88 7.79
CA VAL D 296 21.50 30.47 6.57
C VAL D 296 20.00 30.81 6.58
N LEU D 297 19.36 30.63 7.73
CA LEU D 297 17.95 30.93 7.83
C LEU D 297 17.72 32.40 7.62
N ASP D 298 18.53 33.24 8.27
CA ASP D 298 18.42 34.68 8.11
C ASP D 298 18.55 34.99 6.64
N ALA D 299 19.53 34.35 6.02
CA ALA D 299 19.81 34.52 4.61
C ALA D 299 18.55 34.27 3.81
N ALA D 300 18.17 33.00 3.70
CA ALA D 300 16.99 32.60 2.96
C ALA D 300 15.84 33.59 3.16
N LYS D 301 15.57 33.96 4.41
CA LYS D 301 14.48 34.90 4.71
C LYS D 301 14.79 36.30 4.18
N ALA D 302 16.04 36.73 4.33
CA ALA D 302 16.48 38.04 3.84
C ALA D 302 16.21 38.13 2.35
N VAL D 304 14.12 36.91 0.64
CA VAL D 304 12.70 37.07 0.35
C VAL D 304 12.22 38.47 0.69
N VAL D 305 12.75 39.03 1.78
CA VAL D 305 12.35 40.38 2.14
C VAL D 305 13.00 41.35 1.17
N ASN D 306 14.28 41.15 0.88
CA ASN D 306 14.97 42.02 -0.06
C ASN D 306 14.18 42.06 -1.35
N ALA D 307 13.33 41.05 -1.55
CA ALA D 307 12.50 40.97 -2.74
C ALA D 307 11.38 42.00 -2.65
N LYS D 308 11.26 42.64 -1.48
CA LYS D 308 10.28 43.72 -1.24
C LYS D 308 10.92 44.91 -1.97
N ARG D 309 11.21 44.67 -3.24
CA ARG D 309 11.82 45.59 -4.20
C ARG D 309 10.75 45.46 -5.28
N ARG D 310 9.50 45.64 -4.85
CA ARG D 310 8.32 45.46 -5.71
C ARG D 310 8.46 44.08 -6.32
N LYS D 311 8.13 43.07 -5.52
CA LYS D 311 8.25 41.68 -5.92
C LYS D 311 9.50 41.43 -6.73
N ASN D 315 6.07 36.18 -6.63
CA ASN D 315 6.04 34.85 -5.99
C ASN D 315 7.47 34.38 -5.65
N ILE D 316 7.92 34.65 -4.43
CA ILE D 316 9.29 34.33 -3.99
C ILE D 316 9.58 33.09 -3.16
N SER D 317 10.64 32.40 -3.53
CA SER D 317 11.09 31.20 -2.82
C SER D 317 12.62 31.17 -2.87
N THR D 318 13.23 30.91 -1.72
CA THR D 318 14.70 30.86 -1.62
C THR D 318 15.26 29.63 -0.93
N PHE D 319 16.50 29.31 -1.30
CA PHE D 319 17.20 28.19 -0.72
C PHE D 319 18.66 28.53 -0.59
N VAL D 320 19.15 28.51 0.64
CA VAL D 320 20.56 28.79 0.88
C VAL D 320 21.11 27.62 1.68
N ARG D 321 22.35 27.25 1.43
CA ARG D 321 23.00 26.16 2.15
C ARG D 321 24.48 26.45 2.35
N HIS D 322 24.93 26.38 3.61
CA HIS D 322 26.33 26.64 3.92
C HIS D 322 27.10 25.33 4.04
N LEU D 323 28.00 25.09 3.08
CA LEU D 323 28.82 23.87 3.08
C LEU D 323 29.81 23.89 4.24
N PRO D 324 29.69 22.92 5.16
CA PRO D 324 30.61 22.87 6.29
C PRO D 324 31.97 22.22 6.06
N GLU D 325 32.95 22.75 6.79
CA GLU D 325 34.32 22.28 6.77
C GLU D 325 34.39 20.90 7.41
N SER D 326 33.72 20.74 8.55
CA SER D 326 33.71 19.49 9.28
C SER D 326 32.72 18.46 8.76
N ARG D 327 32.88 17.22 9.22
CA ARG D 327 32.02 16.12 8.83
C ARG D 327 30.64 16.19 9.43
N THR D 328 30.49 16.88 10.55
CA THR D 328 29.18 16.94 11.19
C THR D 328 29.03 17.69 12.51
N ARG D 329 27.79 17.64 12.98
CA ARG D 329 27.30 18.18 14.22
C ARG D 329 26.06 17.28 14.25
N SER D 330 24.93 17.67 14.81
CA SER D 330 23.83 16.72 14.73
C SER D 330 22.45 17.16 14.27
N GLN D 331 21.50 16.24 14.44
CA GLN D 331 20.09 16.42 14.08
C GLN D 331 19.38 17.70 14.50
N LYS D 332 18.73 18.34 13.54
CA LYS D 332 17.97 19.54 13.81
C LYS D 332 17.14 19.93 12.60
N LEU D 334 13.95 22.68 11.89
CA LEU D 334 12.97 23.66 12.35
C LEU D 334 12.14 24.24 11.21
N GLU D 335 10.85 24.42 11.46
CA GLU D 335 9.95 25.01 10.49
C GLU D 335 9.27 26.15 11.26
N GLY D 336 9.17 27.33 10.66
CA GLY D 336 8.58 28.47 11.35
C GLY D 336 7.84 29.43 10.45
N THR D 337 7.50 30.62 10.94
CA THR D 337 6.75 31.57 10.13
C THR D 337 6.90 33.09 10.37
N SER D 338 6.49 33.82 9.34
CA SER D 338 6.46 35.29 9.18
C SER D 338 6.22 35.33 7.66
N GLY D 339 6.84 34.34 7.04
CA GLY D 339 6.79 34.00 5.64
C GLY D 339 7.05 32.55 6.03
N GLU D 340 6.86 31.54 5.20
CA GLU D 340 7.13 30.20 5.73
C GLU D 340 8.57 29.72 5.46
N ASN D 341 9.22 29.19 6.50
CA ASN D 341 10.61 28.70 6.41
C ASN D 341 10.83 27.28 6.93
N GLY D 342 11.79 26.60 6.31
CA GLY D 342 12.16 25.24 6.69
C GLY D 342 13.67 25.26 6.89
N GLU D 343 14.16 24.62 7.96
CA GLU D 343 15.58 24.62 8.27
C GLU D 343 16.15 23.23 8.61
N GLU D 344 17.15 22.76 7.85
CA GLU D 344 17.78 21.45 8.10
C GLU D 344 19.19 21.53 8.64
N ASP D 345 19.53 20.56 9.49
CA ASP D 345 20.87 20.50 10.08
C ASP D 345 21.27 19.08 10.48
N PHE D 346 22.00 18.41 9.60
CA PHE D 346 22.46 17.06 9.90
C PHE D 346 23.72 16.77 9.12
N SER D 347 24.53 15.86 9.64
CA SER D 347 25.79 15.45 9.03
C SER D 347 26.61 16.61 8.48
N ILE D 348 26.87 16.58 7.18
CA ILE D 348 27.68 17.61 6.54
C ILE D 348 26.73 18.57 5.82
N ASP D 349 25.67 18.97 6.50
CA ASP D 349 24.70 19.83 5.85
C ASP D 349 23.94 20.85 6.71
N ARG D 350 23.86 22.07 6.19
CA ARG D 350 23.14 23.17 6.83
C ARG D 350 22.27 23.82 5.76
N THR D 351 21.00 23.45 5.75
CA THR D 351 20.05 23.90 4.76
C THR D 351 19.03 24.91 5.24
N ASN D 352 18.44 25.62 4.29
CA ASN D 352 17.39 26.56 4.60
C ASN D 352 16.58 26.95 3.40
N GLU D 353 15.30 27.21 3.64
CA GLU D 353 14.38 27.55 2.58
C GLU D 353 13.33 28.56 3.07
N LEU D 354 12.82 29.39 2.16
CA LEU D 354 11.80 30.36 2.52
C LEU D 354 10.86 30.70 1.35
N THR D 355 9.60 31.03 1.65
CA THR D 355 8.63 31.37 0.60
C THR D 355 7.68 32.51 0.94
N GLN D 356 7.22 33.21 -0.08
CA GLN D 356 6.28 34.31 0.10
C GLN D 356 4.87 33.76 0.10
N ALA D 357 4.03 34.31 0.97
CA ALA D 357 2.64 33.91 1.06
C ALA D 357 1.92 34.59 -0.09
#